data_2HGL
#
_entry.id   2HGL
#
_cell.length_a   1.000
_cell.length_b   1.000
_cell.length_c   1.000
_cell.angle_alpha   90.00
_cell.angle_beta   90.00
_cell.angle_gamma   90.00
#
_symmetry.space_group_name_H-M   'P 1'
#
_entity_poly.entity_id   1
_entity_poly.type   'polypeptide(L)'
_entity_poly.pdbx_seq_one_letter_code
;MGSSHHHHHHSSGLVPRGSHMASMTGGQQMGRGSMMLGPEGGEGFVVKLRGLPWSCSVEDVQNFLSDCTIHDGAAGVHFI
YTREGRQSGEAFVELGSEDDVKMALKKDRESMGHRYIEVFKSHRTEMDWVLKHSGP
;
_entity_poly.pdbx_strand_id   A
#
# COMPACT_ATOMS: atom_id res chain seq x y z
N MET A 35 9.60 -11.44 -5.76
CA MET A 35 10.19 -11.84 -7.07
C MET A 35 9.83 -13.29 -7.44
N MET A 36 8.59 -13.45 -7.90
CA MET A 36 7.86 -14.69 -8.22
C MET A 36 6.75 -14.42 -9.25
N LEU A 37 6.16 -13.22 -9.21
CA LEU A 37 5.18 -12.66 -10.15
C LEU A 37 5.56 -11.20 -10.47
N GLY A 38 5.16 -10.72 -11.64
CA GLY A 38 5.43 -9.35 -12.05
C GLY A 38 5.31 -9.09 -13.57
N PRO A 39 5.89 -7.98 -14.07
CA PRO A 39 6.60 -6.93 -13.33
C PRO A 39 5.75 -6.22 -12.25
N GLU A 40 4.44 -6.16 -12.49
CA GLU A 40 3.38 -5.50 -11.71
C GLU A 40 2.01 -5.91 -12.28
N GLY A 41 0.90 -5.58 -11.60
CA GLY A 41 -0.45 -5.71 -12.17
C GLY A 41 -1.41 -6.58 -11.36
N GLY A 42 -1.52 -6.35 -10.05
CA GLY A 42 -2.48 -7.00 -9.15
C GLY A 42 -3.97 -6.62 -9.34
N GLU A 43 -4.39 -6.44 -10.59
CA GLU A 43 -5.69 -6.06 -11.20
C GLU A 43 -6.56 -4.96 -10.56
N GLY A 44 -6.68 -4.94 -9.24
CA GLY A 44 -7.40 -3.92 -8.48
C GLY A 44 -7.22 -4.01 -6.98
N PHE A 45 -6.38 -4.92 -6.47
CA PHE A 45 -6.23 -5.18 -5.04
C PHE A 45 -5.29 -4.20 -4.34
N VAL A 46 -5.18 -2.99 -4.85
CA VAL A 46 -4.37 -1.98 -4.18
C VAL A 46 -4.96 -1.67 -2.81
N VAL A 47 -4.07 -1.50 -1.84
CA VAL A 47 -4.36 -0.73 -0.65
C VAL A 47 -3.39 0.43 -0.52
N LYS A 48 -3.94 1.61 -0.27
CA LYS A 48 -3.19 2.78 0.16
C LYS A 48 -2.81 2.58 1.62
N LEU A 49 -1.67 3.13 1.99
CA LEU A 49 -1.06 3.06 3.31
C LEU A 49 -0.69 4.48 3.71
N ARG A 50 -1.21 4.95 4.84
CA ARG A 50 -0.99 6.32 5.34
C ARG A 50 -0.70 6.33 6.83
N GLY A 51 0.31 7.11 7.22
CA GLY A 51 0.70 7.32 8.61
C GLY A 51 2.17 6.94 8.89
N LEU A 52 2.65 5.96 8.11
CA LEU A 52 3.89 5.18 8.18
C LEU A 52 5.18 5.98 8.53
N PRO A 53 6.23 5.32 9.05
CA PRO A 53 7.54 5.92 9.28
C PRO A 53 8.19 6.51 8.02
N TRP A 54 8.94 7.60 8.19
CA TRP A 54 9.63 8.36 7.13
C TRP A 54 10.79 7.58 6.44
N SER A 55 11.08 6.35 6.86
CA SER A 55 12.20 5.52 6.35
C SER A 55 11.80 4.06 6.07
N CYS A 56 10.51 3.71 6.21
CA CYS A 56 10.03 2.35 5.99
C CYS A 56 10.01 1.91 4.52
N SER A 57 9.85 0.61 4.33
CA SER A 57 9.97 -0.13 3.06
C SER A 57 9.10 -1.37 3.08
N VAL A 58 8.95 -2.00 1.91
CA VAL A 58 8.21 -3.23 1.77
C VAL A 58 8.55 -4.37 2.74
N GLU A 59 9.75 -4.45 3.31
CA GLU A 59 10.02 -5.47 4.33
C GLU A 59 9.17 -5.25 5.59
N ASP A 60 8.83 -3.99 5.85
CA ASP A 60 7.90 -3.52 6.87
C ASP A 60 6.43 -3.66 6.45
N VAL A 61 6.09 -3.65 5.14
CA VAL A 61 4.70 -3.77 4.67
C VAL A 61 4.26 -5.20 4.87
N GLN A 62 5.15 -6.09 4.45
CA GLN A 62 5.16 -7.52 4.59
C GLN A 62 5.31 -8.01 6.04
N ASN A 63 5.91 -7.22 6.95
CA ASN A 63 5.95 -7.52 8.39
C ASN A 63 4.68 -7.03 9.12
N PHE A 64 4.22 -5.81 8.85
CA PHE A 64 2.92 -5.30 9.32
C PHE A 64 1.76 -6.19 8.87
N LEU A 65 1.95 -6.84 7.71
CA LEU A 65 1.02 -7.78 7.09
C LEU A 65 1.67 -9.12 6.80
N SER A 66 2.35 -9.60 7.83
CA SER A 66 2.75 -11.00 7.99
C SER A 66 1.55 -11.97 7.93
N ASP A 67 0.33 -11.45 8.05
CA ASP A 67 -0.97 -12.06 7.72
C ASP A 67 -1.09 -12.49 6.24
N CYS A 68 -0.34 -11.85 5.34
CA CYS A 68 -0.82 -11.51 4.00
C CYS A 68 0.18 -11.82 2.88
N THR A 69 -0.32 -11.88 1.63
CA THR A 69 0.43 -12.41 0.47
C THR A 69 1.16 -11.33 -0.32
N ILE A 70 0.48 -10.22 -0.64
CA ILE A 70 0.72 -9.34 -1.79
C ILE A 70 0.78 -10.13 -3.12
N HIS A 71 0.58 -9.48 -4.27
CA HIS A 71 0.50 -10.14 -5.60
C HIS A 71 1.84 -10.72 -6.12
N ASP A 72 2.82 -10.84 -5.24
CA ASP A 72 4.17 -11.39 -5.46
C ASP A 72 4.88 -11.54 -4.10
N GLY A 73 4.83 -10.47 -3.33
CA GLY A 73 5.52 -10.26 -2.06
C GLY A 73 6.03 -8.83 -1.95
N ALA A 74 6.71 -8.36 -2.99
CA ALA A 74 7.25 -7.01 -3.10
C ALA A 74 6.99 -6.37 -4.46
N ALA A 75 6.67 -7.16 -5.50
CA ALA A 75 6.38 -6.64 -6.84
C ALA A 75 4.93 -6.12 -6.99
N GLY A 76 4.36 -5.63 -5.89
CA GLY A 76 3.09 -4.91 -5.83
C GLY A 76 3.15 -3.67 -4.92
N VAL A 77 4.23 -3.46 -4.18
CA VAL A 77 4.40 -2.34 -3.23
C VAL A 77 5.11 -1.17 -3.91
N HIS A 78 4.67 0.01 -3.51
CA HIS A 78 5.23 1.30 -3.89
C HIS A 78 5.12 2.25 -2.71
N PHE A 79 6.07 3.16 -2.60
CA PHE A 79 6.07 4.22 -1.62
C PHE A 79 5.81 5.57 -2.30
N ILE A 80 5.34 6.54 -1.53
CA ILE A 80 5.05 7.90 -2.01
C ILE A 80 6.12 8.83 -1.50
N TYR A 81 6.25 9.88 -2.28
CA TYR A 81 7.41 10.70 -2.41
C TYR A 81 6.92 12.14 -2.53
N THR A 82 7.53 13.06 -1.78
CA THR A 82 7.01 14.43 -1.62
C THR A 82 7.08 15.27 -2.90
N ARG A 83 7.77 14.72 -3.90
CA ARG A 83 7.64 14.84 -5.36
C ARG A 83 8.89 15.44 -6.03
N GLU A 84 9.89 15.79 -5.22
CA GLU A 84 11.08 16.55 -5.59
C GLU A 84 12.40 15.94 -5.05
N GLY A 85 12.37 15.17 -3.95
CA GLY A 85 13.58 14.48 -3.47
C GLY A 85 13.55 13.81 -2.09
N ARG A 86 12.42 13.20 -1.70
CA ARG A 86 12.22 12.52 -0.40
C ARG A 86 11.00 11.62 -0.44
N GLN A 87 11.02 10.57 0.38
CA GLN A 87 9.84 9.76 0.69
C GLN A 87 8.90 10.47 1.69
N SER A 88 7.72 9.90 1.92
CA SER A 88 6.69 10.38 2.85
C SER A 88 6.15 9.21 3.70
N GLY A 89 5.37 9.51 4.74
CA GLY A 89 4.60 8.52 5.52
C GLY A 89 3.35 8.04 4.79
N GLU A 90 3.46 7.80 3.47
CA GLU A 90 2.39 7.32 2.61
C GLU A 90 2.96 6.35 1.54
N ALA A 91 2.11 5.43 1.11
CA ALA A 91 2.45 4.31 0.23
C ALA A 91 1.18 3.67 -0.38
N PHE A 92 1.36 2.72 -1.29
CA PHE A 92 0.29 1.98 -1.98
C PHE A 92 0.79 0.56 -2.36
N VAL A 93 -0.03 -0.48 -2.20
CA VAL A 93 0.37 -1.91 -2.26
C VAL A 93 -0.72 -2.74 -2.97
N GLU A 94 -0.46 -3.19 -4.20
CA GLU A 94 -1.19 -4.24 -4.92
C GLU A 94 -1.15 -5.57 -4.14
N LEU A 95 -2.18 -5.86 -3.34
CA LEU A 95 -2.31 -7.14 -2.65
C LEU A 95 -2.56 -8.31 -3.64
N GLY A 96 -2.49 -9.54 -3.13
CA GLY A 96 -2.52 -10.76 -3.95
C GLY A 96 -3.90 -11.39 -4.15
N SER A 97 -4.92 -10.82 -3.52
CA SER A 97 -6.36 -11.01 -3.77
C SER A 97 -7.13 -9.88 -3.07
N GLU A 98 -8.43 -9.69 -3.31
CA GLU A 98 -9.22 -8.74 -2.51
C GLU A 98 -9.48 -9.27 -1.08
N ASP A 99 -9.28 -10.56 -0.80
CA ASP A 99 -9.29 -11.07 0.55
C ASP A 99 -7.95 -10.77 1.26
N ASP A 100 -6.84 -10.65 0.53
CA ASP A 100 -5.63 -9.94 1.01
C ASP A 100 -5.93 -8.46 1.31
N VAL A 101 -6.69 -7.73 0.48
CA VAL A 101 -7.08 -6.34 0.79
C VAL A 101 -7.79 -6.25 2.13
N LYS A 102 -8.81 -7.08 2.32
CA LYS A 102 -9.56 -7.30 3.55
C LYS A 102 -8.68 -7.68 4.74
N MET A 103 -7.68 -8.55 4.58
CA MET A 103 -6.67 -8.85 5.60
C MET A 103 -5.89 -7.61 6.03
N ALA A 104 -5.59 -6.72 5.08
CA ALA A 104 -4.96 -5.43 5.34
C ALA A 104 -5.92 -4.42 6.00
N LEU A 105 -7.21 -4.42 5.64
CA LEU A 105 -8.26 -3.65 6.31
C LEU A 105 -8.47 -4.02 7.78
N LYS A 106 -8.20 -5.27 8.20
CA LYS A 106 -8.22 -5.67 9.62
C LYS A 106 -7.35 -4.76 10.50
N LYS A 107 -6.31 -4.16 9.91
CA LYS A 107 -5.31 -3.32 10.58
C LYS A 107 -5.48 -1.82 10.30
N ASP A 108 -6.61 -1.38 9.73
CA ASP A 108 -6.72 -0.07 9.07
C ASP A 108 -6.54 1.21 9.92
N ARG A 109 -6.10 1.12 11.18
CA ARG A 109 -5.60 2.23 12.03
C ARG A 109 -4.63 1.75 13.12
N GLU A 110 -3.96 0.61 12.88
CA GLU A 110 -2.85 0.10 13.69
C GLU A 110 -1.61 1.02 13.64
N SER A 111 -0.49 0.48 14.10
CA SER A 111 0.85 1.08 14.08
C SER A 111 1.93 0.06 13.68
N MET A 112 3.01 0.54 13.06
CA MET A 112 4.26 -0.21 12.86
C MET A 112 5.42 0.78 12.92
N GLY A 113 6.15 0.75 14.05
CA GLY A 113 6.97 1.86 14.54
C GLY A 113 6.20 2.75 15.54
N HIS A 114 6.78 3.89 15.94
CA HIS A 114 6.09 4.96 16.71
C HIS A 114 5.12 5.78 15.82
N ARG A 115 4.49 5.11 14.83
CA ARG A 115 3.86 5.68 13.64
C ARG A 115 2.67 4.82 13.24
N TYR A 116 1.65 5.48 12.71
CA TYR A 116 0.36 4.86 12.42
C TYR A 116 0.30 4.29 11.00
N ILE A 117 -0.55 3.28 10.81
CA ILE A 117 -0.70 2.58 9.53
C ILE A 117 -2.20 2.46 9.21
N GLU A 118 -2.79 3.58 8.77
CA GLU A 118 -4.10 3.56 8.16
C GLU A 118 -4.03 2.85 6.81
N VAL A 119 -4.97 1.93 6.54
CA VAL A 119 -5.03 1.16 5.27
C VAL A 119 -6.34 1.43 4.55
N PHE A 120 -6.26 2.13 3.43
CA PHE A 120 -7.40 2.37 2.55
C PHE A 120 -7.39 1.35 1.44
N LYS A 121 -8.58 0.98 1.02
CA LYS A 121 -8.85 0.14 -0.13
C LYS A 121 -8.86 1.04 -1.36
N SER A 122 -8.14 0.61 -2.37
CA SER A 122 -7.70 1.41 -3.51
C SER A 122 -7.88 0.59 -4.80
N HIS A 123 -7.58 1.17 -5.95
CA HIS A 123 -7.43 0.43 -7.21
C HIS A 123 -6.21 0.95 -7.99
N ARG A 124 -5.67 0.12 -8.90
CA ARG A 124 -4.56 0.50 -9.77
C ARG A 124 -4.84 1.79 -10.55
N THR A 125 -6.09 2.01 -10.95
CA THR A 125 -6.55 3.20 -11.69
C THR A 125 -6.32 4.52 -10.94
N GLU A 126 -6.46 4.54 -9.61
CA GLU A 126 -6.04 5.64 -8.73
C GLU A 126 -4.52 5.62 -8.53
N MET A 127 -3.97 4.47 -8.16
CA MET A 127 -2.55 4.35 -7.83
C MET A 127 -1.59 4.82 -8.95
N ASP A 128 -1.94 4.55 -10.21
CA ASP A 128 -1.15 4.94 -11.39
C ASP A 128 -1.11 6.46 -11.56
N TRP A 129 -2.18 7.16 -11.16
CA TRP A 129 -2.20 8.61 -10.99
C TRP A 129 -1.25 9.01 -9.85
N VAL A 130 -1.50 8.53 -8.62
CA VAL A 130 -0.94 9.18 -7.42
C VAL A 130 0.59 9.05 -7.29
N LEU A 131 1.20 7.94 -7.75
CA LEU A 131 2.65 7.73 -7.78
C LEU A 131 3.32 8.55 -8.89
N LYS A 132 2.72 8.62 -10.09
CA LYS A 132 3.38 8.94 -11.34
C LYS A 132 3.23 10.42 -11.69
N HIS A 133 3.71 11.22 -10.76
CA HIS A 133 3.53 12.67 -10.70
C HIS A 133 4.70 13.38 -9.98
N SER A 134 5.66 12.62 -9.43
CA SER A 134 7.05 13.08 -9.21
C SER A 134 7.87 13.24 -10.52
N GLY A 135 7.27 12.93 -11.68
CA GLY A 135 7.86 12.96 -13.02
C GLY A 135 6.79 12.81 -14.13
N PRO A 136 7.22 12.63 -15.40
CA PRO A 136 6.36 12.48 -16.58
C PRO A 136 5.17 11.50 -16.44
N MET A 35 -14.99 -5.93 -3.89
CA MET A 35 -16.15 -6.81 -3.68
C MET A 35 -16.48 -6.86 -2.18
N MET A 36 -17.30 -5.90 -1.75
CA MET A 36 -17.93 -5.81 -0.43
C MET A 36 -19.44 -5.57 -0.57
N LEU A 37 -19.88 -4.88 -1.64
CA LEU A 37 -21.27 -4.93 -2.14
C LEU A 37 -21.46 -4.62 -3.63
N GLY A 38 -20.45 -4.03 -4.26
CA GLY A 38 -20.29 -3.93 -5.71
C GLY A 38 -20.37 -2.49 -6.23
N PRO A 39 -19.82 -2.18 -7.43
CA PRO A 39 -18.91 -2.99 -8.24
C PRO A 39 -17.41 -2.83 -7.85
N GLU A 40 -17.13 -2.12 -6.75
CA GLU A 40 -15.79 -1.80 -6.21
C GLU A 40 -14.83 -3.00 -6.03
N GLY A 41 -13.53 -2.72 -5.89
CA GLY A 41 -12.49 -3.65 -5.45
C GLY A 41 -12.39 -4.95 -6.26
N GLY A 42 -11.86 -4.95 -7.48
CA GLY A 42 -11.22 -3.85 -8.19
C GLY A 42 -10.57 -4.31 -9.52
N GLU A 43 -9.89 -3.40 -10.21
CA GLU A 43 -9.08 -3.70 -11.40
C GLU A 43 -7.63 -4.11 -11.02
N GLY A 44 -7.18 -3.72 -9.83
CA GLY A 44 -6.07 -4.32 -9.08
C GLY A 44 -6.33 -4.21 -7.57
N PHE A 45 -5.77 -5.13 -6.78
CA PHE A 45 -6.02 -5.27 -5.33
C PHE A 45 -5.23 -4.28 -4.48
N VAL A 46 -5.17 -3.03 -4.93
CA VAL A 46 -4.38 -2.04 -4.21
C VAL A 46 -5.01 -1.75 -2.85
N VAL A 47 -4.14 -1.63 -1.86
CA VAL A 47 -4.39 -0.86 -0.66
C VAL A 47 -3.40 0.28 -0.56
N LYS A 48 -3.91 1.47 -0.26
CA LYS A 48 -3.10 2.62 0.13
C LYS A 48 -2.76 2.43 1.60
N LEU A 49 -1.60 2.93 2.00
CA LEU A 49 -1.19 3.05 3.39
C LEU A 49 -0.81 4.49 3.68
N ARG A 50 -1.21 4.98 4.84
CA ARG A 50 -0.87 6.33 5.31
C ARG A 50 -0.60 6.37 6.81
N GLY A 51 0.48 7.05 7.19
CA GLY A 51 0.89 7.26 8.58
C GLY A 51 2.36 6.85 8.85
N LEU A 52 2.84 5.88 8.06
CA LEU A 52 4.15 5.21 8.14
C LEU A 52 5.35 6.17 8.39
N PRO A 53 6.46 5.66 8.96
CA PRO A 53 7.71 6.44 9.10
C PRO A 53 8.20 7.02 7.77
N TRP A 54 9.00 8.09 7.82
CA TRP A 54 9.55 8.77 6.63
C TRP A 54 10.63 7.96 5.86
N SER A 55 10.86 6.71 6.26
CA SER A 55 11.87 5.78 5.71
C SER A 55 11.39 4.31 5.76
N CYS A 56 10.06 4.11 5.75
CA CYS A 56 9.40 2.79 5.67
C CYS A 56 9.84 2.01 4.41
N SER A 57 9.66 0.69 4.39
CA SER A 57 9.99 -0.15 3.22
C SER A 57 9.09 -1.37 3.07
N VAL A 58 9.22 -2.01 1.92
CA VAL A 58 8.78 -3.34 1.59
C VAL A 58 8.96 -4.45 2.63
N GLU A 59 9.98 -4.42 3.48
CA GLU A 59 10.12 -5.41 4.55
C GLU A 59 9.21 -5.06 5.74
N ASP A 60 8.89 -3.77 5.86
CA ASP A 60 8.08 -3.16 6.90
C ASP A 60 6.57 -3.19 6.60
N VAL A 61 6.22 -3.30 5.31
CA VAL A 61 4.82 -3.32 4.82
C VAL A 61 4.33 -4.76 4.92
N GLN A 62 5.25 -5.67 4.59
CA GLN A 62 5.17 -7.10 4.78
C GLN A 62 5.35 -7.57 6.25
N ASN A 63 6.01 -6.79 7.12
CA ASN A 63 5.95 -6.91 8.58
C ASN A 63 4.57 -6.48 9.11
N PHE A 64 4.11 -5.28 8.70
CA PHE A 64 2.80 -4.77 9.04
C PHE A 64 1.68 -5.73 8.63
N LEU A 65 1.91 -6.45 7.53
CA LEU A 65 0.96 -7.39 6.91
C LEU A 65 1.54 -8.78 6.72
N SER A 66 2.21 -9.20 7.79
CA SER A 66 2.46 -10.61 8.09
C SER A 66 1.15 -11.43 8.22
N ASP A 67 0.00 -10.75 8.34
CA ASP A 67 -1.36 -11.24 8.10
C ASP A 67 -1.64 -11.79 6.69
N CYS A 68 -0.85 -11.39 5.67
CA CYS A 68 -1.40 -11.12 4.34
C CYS A 68 -0.53 -11.65 3.17
N THR A 69 -1.16 -11.79 1.99
CA THR A 69 -0.50 -12.09 0.72
C THR A 69 -0.48 -10.85 -0.16
N ILE A 70 0.70 -10.49 -0.65
CA ILE A 70 0.86 -9.47 -1.70
C ILE A 70 0.99 -10.19 -3.05
N HIS A 71 0.75 -9.48 -4.16
CA HIS A 71 0.93 -9.97 -5.53
C HIS A 71 2.42 -9.96 -5.97
N ASP A 72 3.26 -10.60 -5.14
CA ASP A 72 4.69 -10.94 -5.25
C ASP A 72 5.33 -10.85 -3.85
N GLY A 73 5.27 -9.65 -3.27
CA GLY A 73 5.88 -9.30 -1.99
C GLY A 73 6.56 -7.93 -1.99
N ALA A 74 7.23 -7.60 -3.08
CA ALA A 74 7.88 -6.31 -3.34
C ALA A 74 7.53 -5.79 -4.74
N ALA A 75 7.28 -6.69 -5.69
CA ALA A 75 6.85 -6.34 -7.05
C ALA A 75 5.34 -6.02 -7.12
N GLY A 76 4.71 -5.75 -5.97
CA GLY A 76 3.32 -5.30 -5.86
C GLY A 76 3.22 -4.11 -4.91
N VAL A 77 4.30 -3.67 -4.28
CA VAL A 77 4.35 -2.59 -3.33
C VAL A 77 5.01 -1.37 -3.96
N HIS A 78 4.65 -0.19 -3.46
CA HIS A 78 5.14 1.09 -3.90
C HIS A 78 5.13 2.05 -2.71
N PHE A 79 6.07 2.99 -2.70
CA PHE A 79 6.22 3.96 -1.63
C PHE A 79 6.16 5.36 -2.25
N ILE A 80 5.47 6.29 -1.58
CA ILE A 80 5.19 7.63 -2.12
C ILE A 80 6.30 8.58 -1.75
N TYR A 81 6.44 9.53 -2.64
CA TYR A 81 7.64 10.28 -2.86
C TYR A 81 7.26 11.74 -3.01
N THR A 82 8.04 12.63 -2.38
CA THR A 82 7.60 13.99 -2.07
C THR A 82 7.52 15.01 -3.23
N ARG A 83 8.29 14.98 -4.35
CA ARG A 83 9.23 14.00 -4.93
C ARG A 83 10.69 14.48 -4.91
N GLU A 84 11.05 15.36 -3.97
CA GLU A 84 12.40 15.93 -3.78
C GLU A 84 13.42 14.94 -3.14
N GLY A 85 13.45 13.70 -3.63
CA GLY A 85 14.43 12.67 -3.25
C GLY A 85 14.14 11.96 -1.92
N ARG A 86 12.86 11.93 -1.52
CA ARG A 86 12.43 11.66 -0.14
C ARG A 86 11.05 11.00 -0.11
N GLN A 87 10.78 10.25 0.96
CA GLN A 87 9.51 9.59 1.18
C GLN A 87 8.48 10.50 1.87
N SER A 88 7.21 10.34 1.50
CA SER A 88 6.08 10.66 2.39
C SER A 88 5.89 9.51 3.39
N GLY A 89 5.11 9.71 4.44
CA GLY A 89 4.58 8.63 5.29
C GLY A 89 3.37 7.97 4.64
N GLU A 90 3.53 7.58 3.37
CA GLU A 90 2.48 7.03 2.51
C GLU A 90 3.06 5.99 1.56
N ALA A 91 2.22 5.03 1.19
CA ALA A 91 2.55 3.93 0.29
C ALA A 91 1.26 3.37 -0.35
N PHE A 92 1.41 2.46 -1.31
CA PHE A 92 0.32 1.77 -1.99
C PHE A 92 0.82 0.35 -2.36
N VAL A 93 -0.03 -0.68 -2.27
CA VAL A 93 0.35 -2.09 -2.35
C VAL A 93 -0.74 -2.87 -3.09
N GLU A 94 -0.50 -3.33 -4.31
CA GLU A 94 -1.25 -4.44 -4.92
C GLU A 94 -1.14 -5.71 -4.06
N LEU A 95 -2.17 -6.01 -3.29
CA LEU A 95 -2.26 -7.31 -2.62
C LEU A 95 -2.49 -8.46 -3.60
N GLY A 96 -2.36 -9.69 -3.10
CA GLY A 96 -2.38 -10.91 -3.90
C GLY A 96 -3.78 -11.54 -4.07
N SER A 97 -4.79 -10.97 -3.41
CA SER A 97 -6.23 -11.07 -3.72
C SER A 97 -6.98 -9.91 -3.06
N GLU A 98 -8.28 -9.72 -3.32
CA GLU A 98 -9.07 -8.74 -2.54
C GLU A 98 -9.38 -9.24 -1.11
N ASP A 99 -9.37 -10.54 -0.86
CA ASP A 99 -9.47 -11.06 0.49
C ASP A 99 -8.17 -10.79 1.28
N ASP A 100 -7.03 -10.66 0.60
CA ASP A 100 -5.84 -9.96 1.12
C ASP A 100 -6.11 -8.48 1.41
N VAL A 101 -6.79 -7.73 0.53
CA VAL A 101 -7.14 -6.33 0.83
C VAL A 101 -7.91 -6.18 2.15
N LYS A 102 -8.91 -7.04 2.33
CA LYS A 102 -9.68 -7.28 3.55
C LYS A 102 -8.83 -7.73 4.75
N MET A 103 -7.83 -8.59 4.56
CA MET A 103 -6.83 -8.90 5.60
C MET A 103 -5.99 -7.69 5.99
N ALA A 104 -5.75 -6.77 5.06
CA ALA A 104 -5.09 -5.49 5.32
C ALA A 104 -6.01 -4.47 6.02
N LEU A 105 -7.30 -4.44 5.67
CA LEU A 105 -8.32 -3.66 6.40
C LEU A 105 -8.46 -4.03 7.89
N LYS A 106 -8.13 -5.27 8.29
CA LYS A 106 -8.04 -5.66 9.72
C LYS A 106 -7.25 -4.62 10.55
N LYS A 107 -6.18 -4.10 9.92
CA LYS A 107 -5.16 -3.23 10.49
C LYS A 107 -5.39 -1.74 10.20
N ASP A 108 -6.57 -1.36 9.70
CA ASP A 108 -6.81 -0.06 9.05
C ASP A 108 -6.60 1.24 9.84
N ARG A 109 -6.21 1.20 11.11
CA ARG A 109 -5.68 2.32 11.94
C ARG A 109 -4.67 1.83 13.01
N GLU A 110 -4.11 0.63 12.80
CA GLU A 110 -3.09 -0.03 13.61
C GLU A 110 -1.68 0.42 13.14
N SER A 111 -0.59 -0.24 13.55
CA SER A 111 0.80 0.20 13.47
C SER A 111 1.76 -0.91 13.02
N MET A 112 2.91 -0.52 12.45
CA MET A 112 3.99 -1.46 12.06
C MET A 112 4.94 -1.83 13.21
N GLY A 113 4.82 -1.15 14.36
CA GLY A 113 5.58 -1.37 15.60
C GLY A 113 5.65 -0.14 16.50
N HIS A 114 5.87 1.05 15.90
CA HIS A 114 6.04 2.34 16.60
C HIS A 114 5.63 3.58 15.77
N ARG A 115 4.83 3.39 14.71
CA ARG A 115 4.17 4.42 13.88
C ARG A 115 2.91 3.84 13.25
N TYR A 116 1.98 4.72 12.89
CA TYR A 116 0.64 4.31 12.45
C TYR A 116 0.55 4.06 10.94
N ILE A 117 -0.34 3.13 10.60
CA ILE A 117 -0.53 2.63 9.24
C ILE A 117 -2.05 2.52 8.98
N GLU A 118 -2.68 3.64 8.68
CA GLU A 118 -4.06 3.67 8.19
C GLU A 118 -4.10 3.05 6.79
N VAL A 119 -4.79 1.91 6.66
CA VAL A 119 -4.95 1.20 5.37
C VAL A 119 -6.26 1.61 4.75
N PHE A 120 -6.19 2.03 3.50
CA PHE A 120 -7.35 2.25 2.65
C PHE A 120 -7.35 1.23 1.54
N LYS A 121 -8.54 0.82 1.14
CA LYS A 121 -8.76 0.14 -0.12
C LYS A 121 -8.62 1.16 -1.25
N SER A 122 -8.05 0.72 -2.36
CA SER A 122 -7.53 1.56 -3.41
C SER A 122 -7.73 0.87 -4.76
N HIS A 123 -7.40 1.57 -5.83
CA HIS A 123 -7.49 1.02 -7.18
C HIS A 123 -6.21 1.25 -7.96
N ARG A 124 -5.90 0.39 -8.93
CA ARG A 124 -4.68 0.48 -9.76
C ARG A 124 -4.61 1.81 -10.50
N THR A 125 -5.73 2.26 -11.05
CA THR A 125 -5.92 3.54 -11.75
C THR A 125 -5.68 4.75 -10.83
N GLU A 126 -6.21 4.72 -9.60
CA GLU A 126 -5.99 5.75 -8.58
C GLU A 126 -4.52 5.79 -8.14
N MET A 127 -3.92 4.64 -7.88
CA MET A 127 -2.52 4.50 -7.54
C MET A 127 -1.57 5.00 -8.63
N ASP A 128 -1.88 4.68 -9.89
CA ASP A 128 -1.11 5.14 -11.05
C ASP A 128 -1.22 6.66 -11.26
N TRP A 129 -2.26 7.30 -10.72
CA TRP A 129 -2.33 8.76 -10.58
C TRP A 129 -1.38 9.22 -9.46
N VAL A 130 -1.54 8.72 -8.23
CA VAL A 130 -0.94 9.38 -7.05
C VAL A 130 0.59 9.29 -7.00
N LEU A 131 1.19 8.20 -7.50
CA LEU A 131 2.66 8.06 -7.58
C LEU A 131 3.29 8.97 -8.65
N LYS A 132 2.52 9.42 -9.64
CA LYS A 132 3.00 9.99 -10.93
C LYS A 132 2.50 11.42 -11.17
N HIS A 133 1.88 11.98 -10.15
CA HIS A 133 1.50 13.38 -9.95
C HIS A 133 2.59 14.40 -10.36
N SER A 134 3.87 14.03 -10.30
CA SER A 134 5.00 14.71 -10.98
C SER A 134 6.04 13.68 -11.48
N GLY A 135 5.58 12.69 -12.27
CA GLY A 135 6.36 11.51 -12.71
C GLY A 135 6.78 11.49 -14.19
N PRO A 136 7.37 10.40 -14.71
CA PRO A 136 7.62 9.07 -14.09
C PRO A 136 8.12 9.03 -12.64
N MET A 35 2.81 -6.09 -9.84
CA MET A 35 2.57 -4.97 -10.77
C MET A 35 2.58 -5.43 -12.22
N MET A 36 1.56 -4.99 -12.96
CA MET A 36 1.46 -5.05 -14.42
C MET A 36 0.78 -3.76 -14.94
N LEU A 37 0.84 -3.53 -16.26
CA LEU A 37 0.25 -2.34 -16.89
C LEU A 37 -1.26 -2.27 -16.69
N GLY A 38 -1.81 -1.12 -16.32
CA GLY A 38 -1.13 0.11 -15.84
C GLY A 38 -2.10 1.09 -15.16
N PRO A 39 -2.89 1.88 -15.93
CA PRO A 39 -3.92 2.75 -15.34
C PRO A 39 -4.99 1.92 -14.62
N GLU A 40 -5.40 0.81 -15.22
CA GLU A 40 -5.89 -0.40 -14.58
C GLU A 40 -5.52 -1.58 -15.53
N GLY A 41 -5.97 -2.80 -15.28
CA GLY A 41 -5.80 -3.93 -16.24
C GLY A 41 -5.97 -5.32 -15.62
N GLY A 42 -5.65 -5.45 -14.34
CA GLY A 42 -5.81 -6.68 -13.56
C GLY A 42 -5.40 -6.53 -12.10
N GLU A 43 -5.77 -7.51 -11.28
CA GLU A 43 -5.42 -7.69 -9.86
C GLU A 43 -5.37 -6.40 -9.03
N GLY A 44 -6.46 -5.62 -9.14
CA GLY A 44 -6.68 -4.33 -8.48
C GLY A 44 -6.89 -4.38 -6.96
N PHE A 45 -6.26 -5.33 -6.31
CA PHE A 45 -6.19 -5.53 -4.87
C PHE A 45 -5.29 -4.52 -4.16
N VAL A 46 -5.18 -3.32 -4.72
CA VAL A 46 -4.37 -2.29 -4.08
C VAL A 46 -4.98 -1.94 -2.74
N VAL A 47 -4.11 -1.81 -1.75
CA VAL A 47 -4.36 -1.04 -0.56
C VAL A 47 -3.37 0.10 -0.46
N LYS A 48 -3.92 1.28 -0.22
CA LYS A 48 -3.20 2.51 0.10
C LYS A 48 -2.89 2.46 1.59
N LEU A 49 -1.76 2.99 1.99
CA LEU A 49 -1.27 3.03 3.36
C LEU A 49 -0.86 4.46 3.66
N ARG A 50 -1.36 4.98 4.78
CA ARG A 50 -1.11 6.35 5.22
C ARG A 50 -0.75 6.40 6.70
N GLY A 51 0.27 7.17 7.05
CA GLY A 51 0.73 7.36 8.43
C GLY A 51 2.21 7.01 8.62
N LEU A 52 2.68 6.02 7.84
CA LEU A 52 4.02 5.39 7.86
C LEU A 52 5.20 6.35 8.10
N PRO A 53 6.34 5.85 8.62
CA PRO A 53 7.55 6.65 8.84
C PRO A 53 8.07 7.33 7.58
N TRP A 54 8.83 8.43 7.74
CA TRP A 54 9.49 9.18 6.66
C TRP A 54 10.59 8.41 5.89
N SER A 55 10.75 7.10 6.12
CA SER A 55 11.73 6.21 5.50
C SER A 55 11.22 4.75 5.41
N CYS A 56 9.91 4.55 5.34
CA CYS A 56 9.26 3.23 5.24
C CYS A 56 9.75 2.41 4.03
N SER A 57 9.66 1.09 4.11
CA SER A 57 10.12 0.15 3.07
C SER A 57 9.16 -1.02 2.89
N VAL A 58 9.42 -1.84 1.88
CA VAL A 58 8.61 -3.00 1.54
C VAL A 58 8.80 -4.23 2.40
N GLU A 59 9.87 -4.31 3.18
CA GLU A 59 9.94 -5.35 4.18
C GLU A 59 9.04 -4.94 5.36
N ASP A 60 9.02 -3.65 5.66
CA ASP A 60 8.10 -2.99 6.58
C ASP A 60 6.63 -3.18 6.19
N VAL A 61 6.30 -2.94 4.91
CA VAL A 61 4.92 -2.99 4.39
C VAL A 61 4.34 -4.40 4.56
N GLN A 62 5.21 -5.41 4.41
CA GLN A 62 4.83 -6.82 4.36
C GLN A 62 5.01 -7.56 5.69
N ASN A 63 5.89 -7.05 6.55
CA ASN A 63 5.99 -7.35 7.98
C ASN A 63 4.80 -6.76 8.78
N PHE A 64 4.36 -5.53 8.44
CA PHE A 64 3.11 -4.96 8.91
C PHE A 64 1.93 -5.88 8.59
N LEU A 65 1.99 -6.51 7.41
CA LEU A 65 1.00 -7.48 6.95
C LEU A 65 1.53 -8.89 6.81
N SER A 66 2.24 -9.29 7.86
CA SER A 66 2.62 -10.68 8.13
C SER A 66 1.41 -11.63 8.23
N ASP A 67 0.20 -11.07 8.37
CA ASP A 67 -1.10 -11.73 8.18
C ASP A 67 -1.34 -12.27 6.77
N CYS A 68 -0.69 -11.67 5.76
CA CYS A 68 -1.33 -11.38 4.47
C CYS A 68 -0.50 -11.82 3.26
N THR A 69 -1.18 -12.16 2.17
CA THR A 69 -0.57 -12.45 0.86
C THR A 69 -0.54 -11.18 0.02
N ILE A 70 0.60 -10.85 -0.57
CA ILE A 70 0.76 -9.75 -1.52
C ILE A 70 0.96 -10.35 -2.92
N HIS A 71 0.62 -9.57 -3.95
CA HIS A 71 0.85 -9.89 -5.34
C HIS A 71 2.20 -9.31 -5.77
N ASP A 72 3.17 -10.19 -6.09
CA ASP A 72 4.54 -9.89 -6.53
C ASP A 72 5.48 -9.40 -5.40
N GLY A 73 4.96 -9.21 -4.18
CA GLY A 73 5.69 -9.24 -2.91
C GLY A 73 6.53 -8.00 -2.57
N ALA A 74 7.42 -7.64 -3.49
CA ALA A 74 8.23 -6.41 -3.50
C ALA A 74 8.24 -5.73 -4.88
N ALA A 75 7.63 -6.38 -5.87
CA ALA A 75 7.16 -5.78 -7.12
C ALA A 75 5.62 -5.57 -7.09
N GLY A 76 5.03 -5.48 -5.88
CA GLY A 76 3.61 -5.23 -5.64
C GLY A 76 3.36 -3.93 -4.87
N VAL A 77 4.43 -3.31 -4.39
CA VAL A 77 4.48 -2.37 -3.27
C VAL A 77 5.24 -1.13 -3.74
N HIS A 78 4.77 0.05 -3.35
CA HIS A 78 5.16 1.31 -3.96
C HIS A 78 5.10 2.40 -2.91
N PHE A 79 6.11 3.25 -2.88
CA PHE A 79 6.23 4.30 -1.89
C PHE A 79 6.07 5.66 -2.56
N ILE A 80 5.50 6.60 -1.82
CA ILE A 80 5.32 7.98 -2.26
C ILE A 80 6.39 8.81 -1.60
N TYR A 81 6.75 9.87 -2.31
CA TYR A 81 8.05 10.48 -2.27
C TYR A 81 7.82 11.97 -2.39
N THR A 82 8.23 12.75 -1.38
CA THR A 82 7.74 14.13 -1.15
C THR A 82 8.31 15.20 -2.08
N ARG A 83 8.93 14.73 -3.16
CA ARG A 83 9.80 15.38 -4.12
C ARG A 83 11.07 16.06 -3.58
N GLU A 84 11.18 16.19 -2.25
CA GLU A 84 12.42 16.60 -1.54
C GLU A 84 13.58 15.61 -1.72
N GLY A 85 13.27 14.31 -1.84
CA GLY A 85 14.23 13.20 -1.93
C GLY A 85 14.04 12.12 -0.85
N ARG A 86 12.80 11.90 -0.41
CA ARG A 86 12.47 11.15 0.81
C ARG A 86 11.06 10.55 0.74
N GLN A 87 10.85 9.40 1.39
CA GLN A 87 9.51 8.84 1.55
C GLN A 87 8.59 9.81 2.30
N SER A 88 7.35 9.96 1.82
CA SER A 88 6.22 10.45 2.59
C SER A 88 5.75 9.39 3.59
N GLY A 89 4.84 9.74 4.48
CA GLY A 89 4.00 8.78 5.20
C GLY A 89 2.79 8.36 4.37
N GLU A 90 2.98 8.09 3.09
CA GLU A 90 2.02 7.40 2.23
C GLU A 90 2.70 6.44 1.26
N ALA A 91 2.01 5.33 0.96
CA ALA A 91 2.45 4.25 0.07
C ALA A 91 1.23 3.41 -0.37
N PHE A 92 1.42 2.46 -1.29
CA PHE A 92 0.36 1.66 -1.93
C PHE A 92 0.89 0.24 -2.21
N VAL A 93 0.07 -0.81 -2.09
CA VAL A 93 0.44 -2.23 -2.14
C VAL A 93 -0.66 -3.04 -2.83
N GLU A 94 -0.40 -3.60 -4.01
CA GLU A 94 -1.21 -4.64 -4.64
C GLU A 94 -1.17 -5.94 -3.82
N LEU A 95 -2.24 -6.26 -3.09
CA LEU A 95 -2.34 -7.55 -2.40
C LEU A 95 -2.62 -8.72 -3.34
N GLY A 96 -2.52 -9.94 -2.82
CA GLY A 96 -2.61 -11.16 -3.61
C GLY A 96 -4.04 -11.69 -3.85
N SER A 97 -5.04 -11.08 -3.19
CA SER A 97 -6.48 -11.21 -3.45
C SER A 97 -7.26 -10.08 -2.74
N GLU A 98 -8.57 -9.94 -2.95
CA GLU A 98 -9.38 -8.97 -2.17
C GLU A 98 -9.79 -9.51 -0.79
N ASP A 99 -9.59 -10.80 -0.51
CA ASP A 99 -9.58 -11.29 0.87
C ASP A 99 -8.26 -10.92 1.57
N ASP A 100 -7.13 -10.84 0.85
CA ASP A 100 -5.94 -10.12 1.30
C ASP A 100 -6.23 -8.65 1.55
N VAL A 101 -6.91 -7.93 0.63
CA VAL A 101 -7.25 -6.53 0.92
C VAL A 101 -8.01 -6.37 2.23
N LYS A 102 -9.06 -7.16 2.42
CA LYS A 102 -9.85 -7.30 3.66
C LYS A 102 -8.99 -7.62 4.90
N MET A 103 -8.03 -8.53 4.79
CA MET A 103 -7.05 -8.85 5.85
C MET A 103 -6.07 -7.72 6.17
N ALA A 104 -5.91 -6.79 5.23
CA ALA A 104 -5.25 -5.50 5.43
C ALA A 104 -6.20 -4.39 5.96
N LEU A 105 -7.48 -4.36 5.55
CA LEU A 105 -8.50 -3.47 6.10
C LEU A 105 -8.86 -3.78 7.56
N LYS A 106 -8.71 -5.02 8.04
CA LYS A 106 -8.84 -5.30 9.48
C LYS A 106 -7.75 -4.62 10.33
N LYS A 107 -6.65 -4.19 9.70
CA LYS A 107 -5.52 -3.42 10.24
C LYS A 107 -5.59 -1.92 9.92
N ASP A 108 -6.74 -1.43 9.44
CA ASP A 108 -6.92 -0.08 8.88
C ASP A 108 -6.57 1.17 9.71
N ARG A 109 -6.07 1.02 10.93
CA ARG A 109 -5.57 2.10 11.81
C ARG A 109 -4.60 1.56 12.88
N GLU A 110 -3.92 0.46 12.55
CA GLU A 110 -2.75 -0.05 13.28
C GLU A 110 -1.52 0.88 13.20
N SER A 111 -0.37 0.37 13.62
CA SER A 111 0.96 0.99 13.49
C SER A 111 2.05 -0.04 13.10
N MET A 112 3.17 0.46 12.56
CA MET A 112 4.40 -0.31 12.29
C MET A 112 5.65 0.58 12.45
N GLY A 113 6.74 0.00 12.96
CA GLY A 113 8.00 0.68 13.28
C GLY A 113 7.89 1.65 14.46
N HIS A 114 7.40 2.86 14.20
CA HIS A 114 7.22 3.96 15.17
C HIS A 114 5.87 4.71 14.98
N ARG A 115 5.08 4.35 13.96
CA ARG A 115 4.17 5.26 13.23
C ARG A 115 2.91 4.54 12.76
N TYR A 116 1.83 5.29 12.57
CA TYR A 116 0.52 4.73 12.21
C TYR A 116 0.46 4.25 10.76
N ILE A 117 -0.41 3.28 10.49
CA ILE A 117 -0.57 2.66 9.17
C ILE A 117 -2.07 2.48 8.89
N GLU A 118 -2.73 3.58 8.56
CA GLU A 118 -4.10 3.61 8.09
C GLU A 118 -4.20 3.01 6.69
N VAL A 119 -4.89 1.87 6.59
CA VAL A 119 -5.02 1.10 5.33
C VAL A 119 -6.36 1.43 4.68
N PHE A 120 -6.29 1.86 3.42
CA PHE A 120 -7.43 2.09 2.54
C PHE A 120 -7.43 1.06 1.43
N LYS A 121 -8.62 0.68 1.01
CA LYS A 121 -8.91 -0.08 -0.20
C LYS A 121 -8.79 0.90 -1.37
N SER A 122 -8.03 0.50 -2.36
CA SER A 122 -7.50 1.36 -3.42
C SER A 122 -7.63 0.65 -4.76
N HIS A 123 -7.18 1.28 -5.84
CA HIS A 123 -7.10 0.63 -7.14
C HIS A 123 -5.86 1.10 -7.90
N ARG A 124 -5.49 0.40 -8.99
CA ARG A 124 -4.43 0.90 -9.87
C ARG A 124 -4.76 2.28 -10.42
N THR A 125 -6.02 2.63 -10.65
CA THR A 125 -6.41 3.97 -11.13
C THR A 125 -5.98 5.10 -10.21
N GLU A 126 -6.18 4.93 -8.90
CA GLU A 126 -5.68 5.90 -7.92
C GLU A 126 -4.15 5.80 -7.84
N MET A 127 -3.62 4.59 -7.73
CA MET A 127 -2.19 4.36 -7.51
C MET A 127 -1.29 4.93 -8.64
N ASP A 128 -1.70 4.73 -9.89
CA ASP A 128 -0.95 5.17 -11.07
C ASP A 128 -0.92 6.69 -11.20
N TRP A 129 -1.94 7.38 -10.65
CA TRP A 129 -1.96 8.83 -10.44
C TRP A 129 -0.95 9.20 -9.36
N VAL A 130 -1.10 8.68 -8.14
CA VAL A 130 -0.43 9.27 -6.96
C VAL A 130 1.09 9.07 -6.93
N LEU A 131 1.62 8.02 -7.56
CA LEU A 131 3.06 7.82 -7.80
C LEU A 131 3.64 8.72 -8.92
N LYS A 132 2.79 9.37 -9.73
CA LYS A 132 3.10 10.13 -10.93
C LYS A 132 2.68 11.61 -10.74
N HIS A 133 3.31 12.23 -9.76
CA HIS A 133 2.78 13.35 -8.99
C HIS A 133 3.90 14.35 -8.63
N SER A 134 3.98 15.56 -9.19
CA SER A 134 3.11 16.18 -10.22
C SER A 134 3.94 17.11 -11.14
N GLY A 135 4.82 16.61 -12.00
CA GLY A 135 5.16 15.21 -12.29
C GLY A 135 5.98 15.09 -13.60
N PRO A 136 6.27 13.86 -14.10
CA PRO A 136 6.06 12.56 -13.46
C PRO A 136 6.69 12.43 -12.07
N MET A 35 -14.24 -19.42 -21.56
CA MET A 35 -14.90 -18.51 -20.59
C MET A 35 -13.90 -18.09 -19.50
N MET A 36 -13.71 -16.77 -19.32
CA MET A 36 -12.53 -16.21 -18.62
C MET A 36 -12.80 -14.83 -17.94
N LEU A 37 -14.06 -14.43 -17.78
CA LEU A 37 -14.49 -13.12 -17.26
C LEU A 37 -15.82 -13.17 -16.52
N GLY A 38 -16.13 -12.06 -15.83
CA GLY A 38 -17.35 -11.91 -15.03
C GLY A 38 -17.69 -10.44 -14.74
N PRO A 39 -18.68 -10.17 -13.86
CA PRO A 39 -19.09 -8.81 -13.46
C PRO A 39 -17.94 -7.88 -13.06
N GLU A 40 -18.09 -6.59 -13.38
CA GLU A 40 -17.08 -5.52 -13.29
C GLU A 40 -16.76 -5.03 -11.85
N GLY A 41 -16.82 -5.92 -10.85
CA GLY A 41 -16.71 -5.61 -9.42
C GLY A 41 -15.33 -5.18 -8.90
N GLY A 42 -14.27 -5.32 -9.70
CA GLY A 42 -12.90 -4.95 -9.36
C GLY A 42 -11.92 -5.19 -10.52
N GLU A 43 -10.64 -4.88 -10.29
CA GLU A 43 -9.56 -5.06 -11.28
C GLU A 43 -8.21 -5.47 -10.68
N GLY A 44 -7.86 -4.90 -9.51
CA GLY A 44 -6.66 -5.23 -8.75
C GLY A 44 -6.93 -5.25 -7.24
N PHE A 45 -5.87 -5.39 -6.44
CA PHE A 45 -5.93 -5.63 -5.00
C PHE A 45 -5.10 -4.60 -4.23
N VAL A 46 -5.07 -3.38 -4.73
CA VAL A 46 -4.28 -2.35 -4.08
C VAL A 46 -4.88 -2.01 -2.72
N VAL A 47 -4.00 -1.78 -1.76
CA VAL A 47 -4.28 -0.98 -0.59
C VAL A 47 -3.30 0.18 -0.49
N LYS A 48 -3.85 1.38 -0.35
CA LYS A 48 -3.14 2.59 0.04
C LYS A 48 -2.85 2.51 1.53
N LEU A 49 -1.76 3.13 1.93
CA LEU A 49 -1.23 3.12 3.29
C LEU A 49 -0.80 4.54 3.60
N ARG A 50 -1.35 5.11 4.65
CA ARG A 50 -1.01 6.48 5.05
C ARG A 50 -0.75 6.57 6.54
N GLY A 51 0.49 6.91 6.84
CA GLY A 51 0.95 7.24 8.18
C GLY A 51 2.38 6.76 8.49
N LEU A 52 2.86 5.77 7.72
CA LEU A 52 4.16 5.09 7.79
C LEU A 52 5.39 6.02 8.06
N PRO A 53 6.52 5.48 8.55
CA PRO A 53 7.77 6.23 8.72
C PRO A 53 8.26 6.98 7.48
N TRP A 54 9.04 8.04 7.71
CA TRP A 54 9.75 8.83 6.69
C TRP A 54 10.81 8.04 5.87
N SER A 55 11.09 6.80 6.27
CA SER A 55 12.05 5.88 5.64
C SER A 55 11.51 4.44 5.50
N CYS A 56 10.17 4.28 5.52
CA CYS A 56 9.48 2.99 5.42
C CYS A 56 9.86 2.21 4.15
N SER A 57 9.80 0.88 4.19
CA SER A 57 10.09 0.02 3.04
C SER A 57 9.19 -1.20 2.95
N VAL A 58 9.30 -1.88 1.82
CA VAL A 58 8.85 -3.23 1.57
C VAL A 58 9.05 -4.26 2.68
N GLU A 59 10.10 -4.21 3.49
CA GLU A 59 10.26 -5.17 4.57
C GLU A 59 9.34 -4.82 5.75
N ASP A 60 9.04 -3.53 5.87
CA ASP A 60 8.18 -2.91 6.88
C ASP A 60 6.68 -3.05 6.57
N VAL A 61 6.34 -3.18 5.28
CA VAL A 61 4.96 -3.16 4.77
C VAL A 61 4.42 -4.58 4.87
N GLN A 62 5.31 -5.52 4.58
CA GLN A 62 5.25 -6.94 4.84
C GLN A 62 5.38 -7.31 6.34
N ASN A 63 6.19 -6.61 7.14
CA ASN A 63 6.22 -6.69 8.62
C ASN A 63 4.87 -6.26 9.23
N PHE A 64 4.31 -5.13 8.78
CA PHE A 64 3.00 -4.70 9.22
C PHE A 64 1.94 -5.76 8.93
N LEU A 65 2.06 -6.43 7.78
CA LEU A 65 1.10 -7.44 7.31
C LEU A 65 1.70 -8.84 7.28
N SER A 66 2.37 -9.13 8.39
CA SER A 66 2.78 -10.45 8.92
C SER A 66 1.55 -11.32 9.31
N ASP A 67 0.57 -11.28 8.42
CA ASP A 67 -0.86 -11.60 8.54
C ASP A 67 -1.51 -11.89 7.16
N CYS A 68 -0.87 -11.46 6.05
CA CYS A 68 -1.51 -11.21 4.77
C CYS A 68 -0.61 -11.67 3.59
N THR A 69 -1.23 -12.01 2.45
CA THR A 69 -0.52 -12.33 1.20
C THR A 69 -0.45 -11.10 0.31
N ILE A 70 0.74 -10.76 -0.20
CA ILE A 70 0.92 -9.77 -1.26
C ILE A 70 1.12 -10.50 -2.59
N HIS A 71 0.98 -9.76 -3.69
CA HIS A 71 0.94 -10.31 -5.06
C HIS A 71 2.33 -10.62 -5.68
N ASP A 72 3.36 -10.38 -4.88
CA ASP A 72 4.73 -10.92 -4.98
C ASP A 72 5.44 -10.83 -3.62
N GLY A 73 5.51 -9.60 -3.08
CA GLY A 73 6.20 -9.26 -1.85
C GLY A 73 6.88 -7.89 -1.91
N ALA A 74 7.48 -7.58 -3.05
CA ALA A 74 8.05 -6.26 -3.39
C ALA A 74 7.62 -5.82 -4.79
N ALA A 75 7.39 -6.76 -5.70
CA ALA A 75 6.81 -6.50 -7.03
C ALA A 75 5.28 -6.35 -6.96
N GLY A 76 4.75 -6.01 -5.77
CA GLY A 76 3.36 -5.71 -5.51
C GLY A 76 3.26 -4.58 -4.47
N VAL A 77 4.33 -3.83 -4.26
CA VAL A 77 4.39 -2.71 -3.34
C VAL A 77 4.99 -1.51 -4.07
N HIS A 78 4.58 -0.31 -3.65
CA HIS A 78 4.99 0.96 -4.22
C HIS A 78 5.01 2.00 -3.12
N PHE A 79 5.96 2.94 -3.18
CA PHE A 79 6.17 3.93 -2.13
C PHE A 79 6.07 5.34 -2.72
N ILE A 80 5.56 6.27 -1.93
CA ILE A 80 5.31 7.66 -2.35
C ILE A 80 6.37 8.55 -1.75
N TYR A 81 6.67 9.57 -2.52
CA TYR A 81 7.96 10.21 -2.59
C TYR A 81 7.71 11.72 -2.53
N THR A 82 8.33 12.42 -1.60
CA THR A 82 7.89 13.80 -1.28
C THR A 82 8.03 14.76 -2.44
N ARG A 83 9.24 14.97 -2.97
CA ARG A 83 9.51 15.72 -4.21
C ARG A 83 10.78 15.22 -4.97
N GLU A 84 11.46 14.23 -4.40
CA GLU A 84 12.88 13.90 -4.62
C GLU A 84 13.19 12.42 -4.32
N GLY A 85 12.58 11.86 -3.26
CA GLY A 85 12.40 10.42 -3.06
C GLY A 85 12.54 9.87 -1.64
N ARG A 86 12.53 10.75 -0.63
CA ARG A 86 12.18 10.40 0.74
C ARG A 86 10.72 9.97 0.84
N GLN A 87 10.44 8.96 1.67
CA GLN A 87 9.11 8.38 1.81
C GLN A 87 8.17 9.35 2.54
N SER A 88 7.04 9.68 1.91
CA SER A 88 6.06 10.69 2.37
C SER A 88 5.17 10.20 3.55
N GLY A 89 5.59 9.15 4.25
CA GLY A 89 4.72 8.27 5.05
C GLY A 89 3.45 7.86 4.31
N GLU A 90 3.61 7.58 3.01
CA GLU A 90 2.55 7.12 2.12
C GLU A 90 3.09 6.08 1.15
N ALA A 91 2.26 5.08 0.86
CA ALA A 91 2.57 3.96 0.00
C ALA A 91 1.29 3.25 -0.45
N PHE A 92 1.40 2.38 -1.45
CA PHE A 92 0.30 1.65 -2.07
C PHE A 92 0.81 0.22 -2.37
N VAL A 93 0.01 -0.82 -2.14
CA VAL A 93 0.44 -2.24 -2.16
C VAL A 93 -0.63 -3.09 -2.86
N GLU A 94 -0.35 -3.58 -4.07
CA GLU A 94 -1.06 -4.71 -4.70
C GLU A 94 -0.97 -5.97 -3.82
N LEU A 95 -2.04 -6.31 -3.11
CA LEU A 95 -2.14 -7.56 -2.36
C LEU A 95 -2.39 -8.79 -3.25
N GLY A 96 -2.28 -9.97 -2.67
CA GLY A 96 -2.36 -11.24 -3.39
C GLY A 96 -3.78 -11.69 -3.77
N SER A 97 -4.81 -11.07 -3.19
CA SER A 97 -6.24 -11.19 -3.51
C SER A 97 -7.04 -10.06 -2.84
N GLU A 98 -8.32 -9.87 -3.13
CA GLU A 98 -9.15 -8.90 -2.37
C GLU A 98 -9.49 -9.44 -0.96
N ASP A 99 -9.40 -10.74 -0.70
CA ASP A 99 -9.44 -11.25 0.67
C ASP A 99 -8.15 -10.88 1.44
N ASP A 100 -7.01 -10.76 0.77
CA ASP A 100 -5.83 -10.05 1.28
C ASP A 100 -6.12 -8.58 1.51
N VAL A 101 -6.74 -7.84 0.57
CA VAL A 101 -7.08 -6.43 0.83
C VAL A 101 -7.90 -6.26 2.11
N LYS A 102 -8.98 -7.04 2.22
CA LYS A 102 -9.88 -7.19 3.36
C LYS A 102 -9.15 -7.56 4.66
N MET A 103 -8.16 -8.45 4.61
CA MET A 103 -7.28 -8.73 5.76
C MET A 103 -6.47 -7.51 6.17
N ALA A 104 -5.85 -6.85 5.22
CA ALA A 104 -5.18 -5.57 5.45
C ALA A 104 -6.14 -4.47 5.98
N LEU A 105 -7.43 -4.46 5.58
CA LEU A 105 -8.46 -3.58 6.14
C LEU A 105 -8.80 -3.87 7.60
N LYS A 106 -8.65 -5.11 8.10
CA LYS A 106 -8.74 -5.41 9.56
C LYS A 106 -7.85 -4.49 10.41
N LYS A 107 -6.74 -4.06 9.80
CA LYS A 107 -5.63 -3.32 10.41
C LYS A 107 -5.65 -1.82 10.09
N ASP A 108 -6.72 -1.32 9.48
CA ASP A 108 -6.75 -0.03 8.79
C ASP A 108 -6.54 1.25 9.61
N ARG A 109 -6.07 1.17 10.86
CA ARG A 109 -5.61 2.27 11.71
C ARG A 109 -4.63 1.83 12.83
N GLU A 110 -4.08 0.62 12.75
CA GLU A 110 -2.96 0.20 13.62
C GLU A 110 -1.59 0.59 13.03
N SER A 111 -0.49 0.02 13.53
CA SER A 111 0.89 0.51 13.37
C SER A 111 1.91 -0.63 13.16
N MET A 112 3.02 -0.33 12.48
CA MET A 112 4.06 -1.30 12.10
C MET A 112 5.09 -1.61 13.21
N GLY A 113 5.02 -0.89 14.34
CA GLY A 113 5.91 -0.98 15.50
C GLY A 113 5.95 0.30 16.32
N HIS A 114 5.88 1.47 15.65
CA HIS A 114 5.83 2.81 16.28
C HIS A 114 5.05 3.86 15.45
N ARG A 115 4.93 3.68 14.13
CA ARG A 115 4.21 4.58 13.20
C ARG A 115 3.02 3.88 12.57
N TYR A 116 2.03 4.68 12.22
CA TYR A 116 0.67 4.22 11.95
C TYR A 116 0.43 4.00 10.45
N ILE A 117 -0.43 3.05 10.14
CA ILE A 117 -0.67 2.59 8.77
C ILE A 117 -2.17 2.55 8.52
N GLU A 118 -2.76 3.69 8.14
CA GLU A 118 -4.17 3.64 7.70
C GLU A 118 -4.27 2.95 6.34
N VAL A 119 -4.91 1.79 6.29
CA VAL A 119 -5.02 0.94 5.09
C VAL A 119 -6.32 1.29 4.36
N PHE A 120 -6.26 2.09 3.32
CA PHE A 120 -7.36 2.27 2.39
C PHE A 120 -7.29 1.18 1.36
N LYS A 121 -8.45 0.77 0.88
CA LYS A 121 -8.57 -0.03 -0.34
C LYS A 121 -8.42 0.92 -1.54
N SER A 122 -7.77 0.44 -2.59
CA SER A 122 -7.30 1.26 -3.69
C SER A 122 -7.34 0.46 -5.00
N HIS A 123 -7.00 1.11 -6.11
CA HIS A 123 -7.07 0.52 -7.45
C HIS A 123 -5.94 1.08 -8.31
N ARG A 124 -5.59 0.43 -9.43
CA ARG A 124 -4.57 0.90 -10.40
C ARG A 124 -5.09 2.06 -11.29
N THR A 125 -5.70 3.07 -10.66
CA THR A 125 -6.22 4.30 -11.28
C THR A 125 -6.05 5.51 -10.36
N GLU A 126 -6.59 5.49 -9.13
CA GLU A 126 -6.28 6.58 -8.18
C GLU A 126 -4.89 6.41 -7.55
N MET A 127 -4.42 5.17 -7.38
CA MET A 127 -3.01 4.86 -7.10
C MET A 127 -2.06 5.36 -8.21
N ASP A 128 -2.45 5.13 -9.45
CA ASP A 128 -1.65 5.44 -10.63
C ASP A 128 -1.35 6.94 -10.73
N TRP A 129 -2.34 7.76 -10.37
CA TRP A 129 -2.21 9.22 -10.21
C TRP A 129 -1.14 9.55 -9.17
N VAL A 130 -1.23 8.99 -7.96
CA VAL A 130 -0.42 9.48 -6.85
C VAL A 130 1.07 9.11 -6.94
N LEU A 131 1.42 8.00 -7.61
CA LEU A 131 2.81 7.62 -7.90
C LEU A 131 3.49 8.51 -8.97
N LYS A 132 2.74 9.39 -9.66
CA LYS A 132 3.25 10.32 -10.68
C LYS A 132 3.07 11.79 -10.30
N HIS A 133 2.31 12.05 -9.24
CA HIS A 133 2.28 13.32 -8.51
C HIS A 133 3.66 13.79 -8.03
N SER A 134 4.52 12.85 -7.64
CA SER A 134 5.78 13.08 -6.92
C SER A 134 6.96 13.53 -7.79
N GLY A 135 7.28 12.78 -8.86
CA GLY A 135 8.32 13.04 -9.87
C GLY A 135 9.64 13.71 -9.41
N PRO A 136 10.61 12.97 -8.82
CA PRO A 136 10.54 11.56 -8.39
C PRO A 136 9.50 11.29 -7.29
N MET A 35 -13.09 -1.56 -14.46
CA MET A 35 -14.00 -2.71 -14.22
C MET A 35 -14.52 -2.72 -12.78
N MET A 36 -15.57 -3.50 -12.50
CA MET A 36 -16.15 -3.68 -11.16
C MET A 36 -16.56 -5.14 -10.88
N LEU A 37 -16.49 -5.52 -9.60
CA LEU A 37 -17.01 -6.77 -9.00
C LEU A 37 -17.94 -6.49 -7.80
N GLY A 38 -18.03 -5.23 -7.39
CA GLY A 38 -18.94 -4.71 -6.38
C GLY A 38 -18.46 -3.36 -5.83
N PRO A 39 -18.97 -2.89 -4.68
CA PRO A 39 -18.35 -1.80 -3.88
C PRO A 39 -17.07 -2.28 -3.15
N GLU A 40 -16.34 -3.24 -3.74
CA GLU A 40 -15.52 -4.20 -3.02
C GLU A 40 -14.05 -4.33 -3.47
N GLY A 41 -13.67 -4.31 -4.75
CA GLY A 41 -14.51 -4.16 -5.95
C GLY A 41 -13.83 -4.46 -7.30
N GLY A 42 -12.69 -5.14 -7.36
CA GLY A 42 -12.13 -5.74 -8.58
C GLY A 42 -11.27 -4.84 -9.49
N GLU A 43 -11.17 -3.53 -9.23
CA GLU A 43 -10.34 -2.55 -9.97
C GLU A 43 -8.85 -2.57 -9.55
N GLY A 44 -8.41 -3.76 -9.14
CA GLY A 44 -7.10 -4.07 -8.58
C GLY A 44 -7.24 -4.78 -7.23
N PHE A 45 -6.12 -5.05 -6.55
CA PHE A 45 -6.08 -5.43 -5.15
C PHE A 45 -5.28 -4.42 -4.33
N VAL A 46 -5.41 -3.15 -4.67
CA VAL A 46 -4.62 -2.13 -3.99
C VAL A 46 -5.20 -1.84 -2.61
N VAL A 47 -4.30 -1.67 -1.66
CA VAL A 47 -4.54 -0.84 -0.50
C VAL A 47 -3.50 0.27 -0.41
N LYS A 48 -3.97 1.49 -0.16
CA LYS A 48 -3.13 2.61 0.25
C LYS A 48 -2.68 2.35 1.68
N LEU A 49 -1.48 2.79 1.99
CA LEU A 49 -0.81 2.69 3.26
C LEU A 49 -0.35 4.08 3.65
N ARG A 50 -0.81 4.53 4.81
CA ARG A 50 -0.77 5.94 5.22
C ARG A 50 -0.52 6.05 6.71
N GLY A 51 0.32 7.02 7.10
CA GLY A 51 0.76 7.19 8.48
C GLY A 51 2.22 6.78 8.70
N LEU A 52 2.67 5.85 7.86
CA LEU A 52 3.97 5.19 7.77
C LEU A 52 5.19 6.07 8.14
N PRO A 53 6.30 5.48 8.59
CA PRO A 53 7.56 6.21 8.80
C PRO A 53 8.05 6.89 7.51
N TRP A 54 8.77 8.00 7.64
CA TRP A 54 9.39 8.74 6.51
C TRP A 54 10.64 8.04 5.93
N SER A 55 10.82 6.75 6.22
CA SER A 55 11.92 5.86 5.82
C SER A 55 11.45 4.42 5.52
N CYS A 56 10.14 4.21 5.36
CA CYS A 56 9.49 2.90 5.26
C CYS A 56 9.97 2.03 4.07
N SER A 57 9.84 0.70 4.21
CA SER A 57 10.02 -0.30 3.15
C SER A 57 8.80 -1.17 3.01
N VAL A 58 8.74 -1.94 1.94
CA VAL A 58 8.05 -3.21 1.86
C VAL A 58 8.21 -4.10 3.06
N GLU A 59 9.41 -4.23 3.61
CA GLU A 59 9.63 -5.29 4.56
C GLU A 59 9.03 -4.89 5.90
N ASP A 60 8.95 -3.59 6.15
CA ASP A 60 8.07 -2.92 7.08
C ASP A 60 6.58 -3.17 6.80
N VAL A 61 6.14 -2.86 5.57
CA VAL A 61 4.75 -2.95 5.08
C VAL A 61 4.21 -4.38 5.19
N GLN A 62 5.11 -5.38 5.12
CA GLN A 62 4.77 -6.79 4.96
C GLN A 62 5.19 -7.69 6.14
N ASN A 63 5.98 -7.13 7.03
CA ASN A 63 5.99 -7.42 8.47
C ASN A 63 4.69 -6.93 9.15
N PHE A 64 4.23 -5.71 8.85
CA PHE A 64 2.93 -5.20 9.29
C PHE A 64 1.78 -6.09 8.82
N LEU A 65 1.95 -6.66 7.62
CA LEU A 65 1.01 -7.57 6.99
C LEU A 65 1.58 -8.98 6.83
N SER A 66 2.22 -9.40 7.92
CA SER A 66 2.56 -10.79 8.20
C SER A 66 1.32 -11.72 8.21
N ASP A 67 0.12 -11.15 8.25
CA ASP A 67 -1.19 -11.75 8.01
C ASP A 67 -1.44 -12.19 6.55
N CYS A 68 -0.73 -11.58 5.60
CA CYS A 68 -1.29 -11.22 4.29
C CYS A 68 -0.38 -11.58 3.11
N THR A 69 -0.99 -11.70 1.92
CA THR A 69 -0.30 -11.99 0.65
C THR A 69 -0.30 -10.76 -0.24
N ILE A 70 0.87 -10.41 -0.75
CA ILE A 70 1.06 -9.34 -1.73
C ILE A 70 1.29 -10.00 -3.10
N HIS A 71 0.95 -9.32 -4.19
CA HIS A 71 1.16 -9.82 -5.56
C HIS A 71 2.63 -9.70 -6.02
N ASP A 72 3.50 -10.43 -5.32
CA ASP A 72 4.95 -10.68 -5.43
C ASP A 72 5.59 -10.52 -4.05
N GLY A 73 5.24 -9.41 -3.40
CA GLY A 73 6.06 -8.79 -2.38
C GLY A 73 6.42 -7.37 -2.83
N ALA A 74 7.71 -7.08 -3.01
CA ALA A 74 8.18 -5.75 -3.41
C ALA A 74 7.70 -5.28 -4.79
N ALA A 75 7.38 -6.18 -5.73
CA ALA A 75 6.74 -5.81 -7.00
C ALA A 75 5.21 -5.59 -6.89
N GLY A 76 4.66 -5.62 -5.67
CA GLY A 76 3.26 -5.32 -5.35
C GLY A 76 3.13 -4.29 -4.23
N VAL A 77 4.14 -3.45 -4.03
CA VAL A 77 4.12 -2.22 -3.22
C VAL A 77 4.83 -1.09 -3.96
N HIS A 78 4.49 0.13 -3.58
CA HIS A 78 4.99 1.36 -4.13
C HIS A 78 4.98 2.42 -3.03
N PHE A 79 6.03 3.25 -2.97
CA PHE A 79 6.23 4.21 -1.89
C PHE A 79 6.28 5.64 -2.43
N ILE A 80 5.52 6.54 -1.80
CA ILE A 80 5.28 7.90 -2.32
C ILE A 80 6.36 8.85 -1.83
N TYR A 81 6.52 9.87 -2.66
CA TYR A 81 7.68 10.72 -2.76
C TYR A 81 7.21 12.17 -2.87
N THR A 82 7.82 13.07 -2.09
CA THR A 82 7.31 14.41 -1.73
C THR A 82 7.38 15.48 -2.82
N ARG A 83 7.39 15.02 -4.07
CA ARG A 83 7.34 15.76 -5.33
C ARG A 83 8.66 16.46 -5.73
N GLU A 84 9.73 16.26 -4.95
CA GLU A 84 11.07 16.85 -5.20
C GLU A 84 12.25 15.86 -5.08
N GLY A 85 12.23 14.87 -4.18
CA GLY A 85 13.33 13.88 -4.07
C GLY A 85 13.42 12.99 -2.83
N ARG A 86 12.34 12.72 -2.10
CA ARG A 86 12.37 12.04 -0.78
C ARG A 86 11.07 11.32 -0.46
N GLN A 87 11.11 10.25 0.34
CA GLN A 87 9.91 9.54 0.81
C GLN A 87 8.98 10.42 1.69
N SER A 88 7.73 9.98 1.83
CA SER A 88 6.76 10.45 2.83
C SER A 88 6.07 9.25 3.51
N GLY A 89 5.25 9.51 4.55
CA GLY A 89 4.43 8.51 5.25
C GLY A 89 3.18 8.07 4.48
N GLU A 90 3.25 7.96 3.16
CA GLU A 90 2.21 7.39 2.30
C GLU A 90 2.83 6.46 1.24
N ALA A 91 2.05 5.45 0.85
CA ALA A 91 2.42 4.33 -0.01
C ALA A 91 1.16 3.60 -0.50
N PHE A 92 1.30 2.60 -1.37
CA PHE A 92 0.22 1.82 -1.98
C PHE A 92 0.73 0.39 -2.27
N VAL A 93 -0.07 -0.64 -2.02
CA VAL A 93 0.28 -2.08 -2.10
C VAL A 93 -0.78 -2.81 -2.93
N GLU A 94 -0.44 -3.26 -4.14
CA GLU A 94 -1.18 -4.30 -4.87
C GLU A 94 -1.05 -5.65 -4.14
N LEU A 95 -2.05 -6.02 -3.35
CA LEU A 95 -2.10 -7.32 -2.70
C LEU A 95 -2.28 -8.48 -3.70
N GLY A 96 -2.16 -9.70 -3.19
CA GLY A 96 -2.18 -10.93 -3.97
C GLY A 96 -3.54 -11.64 -4.06
N SER A 97 -4.57 -11.07 -3.41
CA SER A 97 -6.00 -11.23 -3.72
C SER A 97 -6.78 -10.06 -3.09
N GLU A 98 -8.09 -9.95 -3.31
CA GLU A 98 -8.93 -8.98 -2.58
C GLU A 98 -9.27 -9.47 -1.17
N ASP A 99 -9.26 -10.77 -0.90
CA ASP A 99 -9.27 -11.28 0.46
C ASP A 99 -7.99 -10.83 1.21
N ASP A 100 -6.86 -10.67 0.51
CA ASP A 100 -5.69 -9.94 1.02
C ASP A 100 -5.96 -8.45 1.23
N VAL A 101 -6.72 -7.75 0.36
CA VAL A 101 -7.14 -6.38 0.63
C VAL A 101 -7.91 -6.27 1.93
N LYS A 102 -8.97 -7.07 2.06
CA LYS A 102 -9.83 -7.27 3.24
C LYS A 102 -9.05 -7.59 4.52
N MET A 103 -8.08 -8.51 4.47
CA MET A 103 -7.19 -8.85 5.59
C MET A 103 -6.20 -7.74 5.97
N ALA A 104 -5.92 -6.85 5.04
CA ALA A 104 -5.18 -5.61 5.26
C ALA A 104 -6.09 -4.47 5.80
N LEU A 105 -7.35 -4.36 5.35
CA LEU A 105 -8.35 -3.40 5.88
C LEU A 105 -8.70 -3.64 7.35
N LYS A 106 -8.66 -4.89 7.84
CA LYS A 106 -8.84 -5.16 9.28
C LYS A 106 -7.76 -4.49 10.15
N LYS A 107 -6.61 -4.12 9.56
CA LYS A 107 -5.53 -3.36 10.18
C LYS A 107 -5.60 -1.85 9.98
N ASP A 108 -6.68 -1.31 9.40
CA ASP A 108 -6.74 0.06 8.87
C ASP A 108 -6.44 1.27 9.79
N ARG A 109 -6.06 1.07 11.06
CA ARG A 109 -5.63 2.09 12.01
C ARG A 109 -4.57 1.64 13.03
N GLU A 110 -4.03 0.43 12.94
CA GLU A 110 -2.93 -0.02 13.81
C GLU A 110 -1.56 0.54 13.36
N SER A 111 -0.43 -0.04 13.76
CA SER A 111 0.91 0.59 13.72
C SER A 111 2.09 -0.37 13.44
N MET A 112 3.20 0.19 12.93
CA MET A 112 4.49 -0.46 12.69
C MET A 112 5.61 0.61 12.68
N GLY A 113 6.82 0.26 13.15
CA GLY A 113 7.98 1.18 13.14
C GLY A 113 7.78 2.46 13.97
N HIS A 114 7.09 2.36 15.11
CA HIS A 114 6.67 3.47 15.99
C HIS A 114 5.76 4.52 15.30
N ARG A 115 5.03 4.12 14.25
CA ARG A 115 4.23 4.98 13.36
C ARG A 115 2.91 4.33 13.00
N TYR A 116 1.91 5.15 12.67
CA TYR A 116 0.58 4.64 12.32
C TYR A 116 0.55 4.10 10.89
N ILE A 117 -0.22 3.03 10.69
CA ILE A 117 -0.36 2.35 9.42
C ILE A 117 -1.86 2.21 9.13
N GLU A 118 -2.45 3.33 8.75
CA GLU A 118 -3.75 3.35 8.11
C GLU A 118 -3.70 2.52 6.81
N VAL A 119 -4.73 1.72 6.56
CA VAL A 119 -4.84 0.88 5.35
C VAL A 119 -6.15 1.13 4.64
N PHE A 120 -6.08 1.93 3.60
CA PHE A 120 -7.24 2.29 2.80
C PHE A 120 -7.38 1.32 1.64
N LYS A 121 -8.61 0.98 1.29
CA LYS A 121 -8.97 0.31 0.05
C LYS A 121 -8.78 1.31 -1.10
N SER A 122 -8.17 0.85 -2.18
CA SER A 122 -7.65 1.70 -3.23
C SER A 122 -7.75 0.97 -4.58
N HIS A 123 -7.54 1.70 -5.67
CA HIS A 123 -7.73 1.17 -7.02
C HIS A 123 -6.43 1.30 -7.85
N ARG A 124 -6.25 0.44 -8.86
CA ARG A 124 -5.05 0.43 -9.73
C ARG A 124 -4.87 1.75 -10.47
N THR A 125 -5.94 2.30 -11.03
CA THR A 125 -5.94 3.58 -11.77
C THR A 125 -5.71 4.79 -10.84
N GLU A 126 -6.27 4.76 -9.64
CA GLU A 126 -5.98 5.74 -8.58
C GLU A 126 -4.48 5.71 -8.23
N MET A 127 -3.95 4.53 -7.95
CA MET A 127 -2.53 4.32 -7.65
C MET A 127 -1.58 4.80 -8.77
N ASP A 128 -1.96 4.56 -10.02
CA ASP A 128 -1.22 4.96 -11.21
C ASP A 128 -1.15 6.49 -11.37
N TRP A 129 -2.18 7.20 -10.89
CA TRP A 129 -2.19 8.65 -10.72
C TRP A 129 -1.21 9.09 -9.62
N VAL A 130 -1.38 8.59 -8.39
CA VAL A 130 -0.77 9.23 -7.21
C VAL A 130 0.76 9.06 -7.11
N LEU A 131 1.30 7.92 -7.56
CA LEU A 131 2.73 7.62 -7.59
C LEU A 131 3.55 8.49 -8.56
N LYS A 132 2.88 9.17 -9.50
CA LYS A 132 3.44 9.58 -10.78
C LYS A 132 3.21 11.07 -11.00
N HIS A 133 1.95 11.50 -10.85
CA HIS A 133 1.46 12.88 -10.71
C HIS A 133 1.78 13.85 -11.88
N SER A 134 3.04 13.98 -12.30
CA SER A 134 3.51 14.68 -13.51
C SER A 134 4.84 14.13 -14.07
N GLY A 135 5.43 13.09 -13.47
CA GLY A 135 6.75 12.53 -13.82
C GLY A 135 7.21 11.50 -12.77
N PRO A 136 8.38 11.66 -12.12
CA PRO A 136 8.71 10.98 -10.88
C PRO A 136 7.89 11.53 -9.69
N MET A 35 -2.02 -0.87 -16.37
CA MET A 35 -1.22 -2.12 -16.41
C MET A 35 0.27 -1.77 -16.28
N MET A 36 0.96 -2.40 -15.31
CA MET A 36 2.32 -2.15 -14.79
C MET A 36 2.66 -0.73 -14.32
N LEU A 37 2.48 0.29 -15.15
CA LEU A 37 2.75 1.71 -14.86
C LEU A 37 1.93 2.65 -15.79
N GLY A 38 0.68 2.26 -16.03
CA GLY A 38 -0.36 3.07 -16.70
C GLY A 38 -1.75 2.83 -16.09
N PRO A 39 -2.69 3.79 -16.18
CA PRO A 39 -4.03 3.71 -15.56
C PRO A 39 -5.11 3.03 -16.43
N GLU A 40 -4.82 2.66 -17.68
CA GLU A 40 -5.80 2.18 -18.66
C GLU A 40 -6.43 0.80 -18.37
N GLY A 41 -5.94 0.10 -17.35
CA GLY A 41 -6.37 -1.22 -16.86
C GLY A 41 -5.55 -1.63 -15.64
N GLY A 42 -5.81 -2.79 -15.04
CA GLY A 42 -5.10 -3.25 -13.84
C GLY A 42 -5.13 -4.75 -13.55
N GLU A 43 -4.26 -5.17 -12.64
CA GLU A 43 -3.87 -6.56 -12.40
C GLU A 43 -3.68 -6.95 -10.92
N GLY A 44 -3.73 -5.98 -10.01
CA GLY A 44 -3.50 -6.18 -8.59
C GLY A 44 -4.47 -5.43 -7.66
N PHE A 45 -4.44 -5.81 -6.39
CA PHE A 45 -5.51 -5.55 -5.41
C PHE A 45 -5.09 -4.49 -4.42
N VAL A 46 -5.20 -3.24 -4.82
CA VAL A 46 -4.47 -2.18 -4.14
C VAL A 46 -5.06 -1.89 -2.75
N VAL A 47 -4.16 -1.64 -1.82
CA VAL A 47 -4.44 -0.84 -0.63
C VAL A 47 -3.47 0.33 -0.55
N LYS A 48 -4.00 1.50 -0.22
CA LYS A 48 -3.22 2.68 0.15
C LYS A 48 -2.78 2.51 1.60
N LEU A 49 -1.63 3.06 1.93
CA LEU A 49 -0.93 2.93 3.19
C LEU A 49 -0.47 4.31 3.61
N ARG A 50 -0.97 4.81 4.74
CA ARG A 50 -0.64 6.16 5.22
C ARG A 50 -0.37 6.21 6.72
N GLY A 51 0.61 7.03 7.11
CA GLY A 51 1.05 7.22 8.48
C GLY A 51 2.48 6.72 8.74
N LEU A 52 2.87 5.72 7.94
CA LEU A 52 4.12 4.96 7.86
C LEU A 52 5.42 5.70 8.23
N PRO A 53 6.43 5.01 8.80
CA PRO A 53 7.52 5.63 9.54
C PRO A 53 8.66 6.17 8.65
N TRP A 54 9.64 6.82 9.30
CA TRP A 54 10.92 7.25 8.72
C TRP A 54 11.73 6.11 8.06
N SER A 55 11.50 4.86 8.48
CA SER A 55 12.14 3.63 7.98
C SER A 55 11.72 3.23 6.55
N CYS A 56 10.54 3.65 6.09
CA CYS A 56 9.65 2.69 5.44
C CYS A 56 10.19 2.01 4.16
N SER A 57 9.85 0.73 4.04
CA SER A 57 10.10 -0.18 2.93
C SER A 57 8.98 -1.19 2.84
N VAL A 58 9.02 -1.96 1.77
CA VAL A 58 8.38 -3.24 1.68
C VAL A 58 8.49 -4.13 2.90
N GLU A 59 9.65 -4.31 3.49
CA GLU A 59 9.76 -5.37 4.48
C GLU A 59 9.09 -4.93 5.77
N ASP A 60 8.99 -3.63 5.97
CA ASP A 60 8.08 -2.96 6.90
C ASP A 60 6.60 -3.19 6.56
N VAL A 61 6.21 -2.92 5.32
CA VAL A 61 4.85 -3.01 4.78
C VAL A 61 4.30 -4.44 4.88
N GLN A 62 5.21 -5.43 4.85
CA GLN A 62 4.90 -6.86 4.71
C GLN A 62 5.28 -7.72 5.91
N ASN A 63 6.05 -7.14 6.82
CA ASN A 63 6.05 -7.44 8.25
C ASN A 63 4.74 -6.97 8.92
N PHE A 64 4.29 -5.73 8.66
CA PHE A 64 3.00 -5.21 9.13
C PHE A 64 1.85 -6.07 8.65
N LEU A 65 1.98 -6.63 7.44
CA LEU A 65 0.99 -7.50 6.82
C LEU A 65 1.56 -8.89 6.55
N SER A 66 2.25 -9.38 7.56
CA SER A 66 2.59 -10.81 7.74
C SER A 66 1.34 -11.71 7.78
N ASP A 67 0.15 -11.12 7.96
CA ASP A 67 -1.17 -11.70 7.71
C ASP A 67 -1.41 -12.12 6.24
N CYS A 68 -0.71 -11.49 5.29
CA CYS A 68 -1.29 -11.10 4.02
C CYS A 68 -0.43 -11.46 2.80
N THR A 69 -1.08 -11.80 1.69
CA THR A 69 -0.47 -12.03 0.37
C THR A 69 -0.46 -10.72 -0.41
N ILE A 70 0.71 -10.32 -0.87
CA ILE A 70 0.87 -9.29 -1.92
C ILE A 70 1.07 -10.04 -3.25
N HIS A 71 0.76 -9.40 -4.38
CA HIS A 71 0.84 -9.96 -5.74
C HIS A 71 2.28 -10.27 -6.27
N ASP A 72 3.26 -10.28 -5.36
CA ASP A 72 4.63 -10.81 -5.51
C ASP A 72 5.31 -10.86 -4.13
N GLY A 73 5.37 -9.68 -3.49
CA GLY A 73 6.01 -9.41 -2.21
C GLY A 73 6.56 -7.99 -2.14
N ALA A 74 7.26 -7.57 -3.19
CA ALA A 74 7.79 -6.22 -3.39
C ALA A 74 7.48 -5.68 -4.80
N ALA A 75 7.28 -6.57 -5.78
CA ALA A 75 6.84 -6.20 -7.13
C ALA A 75 5.31 -5.95 -7.19
N GLY A 76 4.71 -5.60 -6.04
CA GLY A 76 3.31 -5.23 -5.88
C GLY A 76 3.20 -4.18 -4.78
N VAL A 77 4.28 -3.48 -4.44
CA VAL A 77 4.32 -2.42 -3.48
C VAL A 77 4.99 -1.19 -4.07
N HIS A 78 4.62 -0.02 -3.56
CA HIS A 78 5.04 1.25 -4.10
C HIS A 78 5.03 2.29 -3.00
N PHE A 79 6.05 3.13 -2.97
CA PHE A 79 6.26 4.10 -1.90
C PHE A 79 6.26 5.51 -2.50
N ILE A 80 5.57 6.45 -1.83
CA ILE A 80 5.37 7.80 -2.34
C ILE A 80 6.37 8.74 -1.70
N TYR A 81 6.79 9.66 -2.54
CA TYR A 81 8.00 10.42 -2.44
C TYR A 81 7.65 11.87 -2.74
N THR A 82 7.88 12.73 -1.76
CA THR A 82 7.53 14.14 -1.77
C THR A 82 8.27 14.90 -2.90
N ARG A 83 7.79 16.10 -3.28
CA ARG A 83 8.17 16.79 -4.53
C ARG A 83 9.66 17.19 -4.68
N GLU A 84 10.44 17.13 -3.61
CA GLU A 84 11.89 17.43 -3.57
C GLU A 84 12.78 16.19 -3.28
N GLY A 85 12.18 15.02 -3.03
CA GLY A 85 12.86 13.72 -3.10
C GLY A 85 13.15 13.04 -1.77
N ARG A 86 12.11 12.87 -0.94
CA ARG A 86 12.12 12.26 0.39
C ARG A 86 10.83 11.45 0.61
N GLN A 87 10.81 10.49 1.55
CA GLN A 87 9.57 9.75 1.82
C GLN A 87 8.51 10.61 2.53
N SER A 88 7.23 10.24 2.35
CA SER A 88 6.06 11.02 2.75
C SER A 88 5.25 10.41 3.90
N GLY A 89 5.61 9.21 4.37
CA GLY A 89 4.74 8.32 5.16
C GLY A 89 3.45 7.94 4.43
N GLU A 90 3.44 7.96 3.09
CA GLU A 90 2.40 7.38 2.25
C GLU A 90 2.97 6.44 1.20
N ALA A 91 2.17 5.44 0.83
CA ALA A 91 2.51 4.32 -0.02
C ALA A 91 1.23 3.61 -0.49
N PHE A 92 1.35 2.64 -1.39
CA PHE A 92 0.26 1.87 -1.99
C PHE A 92 0.79 0.46 -2.30
N VAL A 93 -0.02 -0.57 -2.17
CA VAL A 93 0.38 -1.99 -2.26
C VAL A 93 -0.71 -2.76 -3.01
N GLU A 94 -0.44 -3.21 -4.24
CA GLU A 94 -1.16 -4.33 -4.87
C GLU A 94 -1.06 -5.59 -4.00
N LEU A 95 -2.04 -5.84 -3.14
CA LEU A 95 -2.22 -7.16 -2.56
C LEU A 95 -2.46 -8.23 -3.65
N GLY A 96 -2.46 -9.49 -3.24
CA GLY A 96 -2.55 -10.63 -4.14
C GLY A 96 -3.94 -11.29 -4.26
N SER A 97 -4.92 -10.79 -3.49
CA SER A 97 -6.37 -10.97 -3.72
C SER A 97 -7.18 -9.89 -2.98
N GLU A 98 -8.49 -9.75 -3.21
CA GLU A 98 -9.33 -8.82 -2.43
C GLU A 98 -9.67 -9.36 -1.02
N ASP A 99 -9.46 -10.65 -0.74
CA ASP A 99 -9.46 -11.16 0.63
C ASP A 99 -8.15 -10.78 1.35
N ASP A 100 -7.03 -10.66 0.63
CA ASP A 100 -5.85 -9.93 1.10
C ASP A 100 -6.19 -8.47 1.41
N VAL A 101 -6.89 -7.74 0.53
CA VAL A 101 -7.25 -6.35 0.83
C VAL A 101 -8.02 -6.23 2.14
N LYS A 102 -9.05 -7.05 2.31
CA LYS A 102 -9.83 -7.25 3.54
C LYS A 102 -8.96 -7.58 4.77
N MET A 103 -8.03 -8.52 4.66
CA MET A 103 -7.09 -8.86 5.74
C MET A 103 -6.21 -7.68 6.17
N ALA A 104 -5.85 -6.84 5.20
CA ALA A 104 -5.17 -5.57 5.41
C ALA A 104 -6.09 -4.46 5.98
N LEU A 105 -7.36 -4.40 5.58
CA LEU A 105 -8.39 -3.53 6.18
C LEU A 105 -8.64 -3.83 7.66
N LYS A 106 -8.44 -5.08 8.14
CA LYS A 106 -8.42 -5.36 9.58
C LYS A 106 -7.46 -4.44 10.35
N LYS A 107 -6.36 -4.05 9.69
CA LYS A 107 -5.24 -3.29 10.25
C LYS A 107 -5.30 -1.80 9.94
N ASP A 108 -6.43 -1.30 9.42
CA ASP A 108 -6.56 0.06 8.85
C ASP A 108 -6.32 1.26 9.77
N ARG A 109 -5.85 1.04 11.00
CA ARG A 109 -5.61 2.03 12.04
C ARG A 109 -4.68 1.55 13.17
N GLU A 110 -4.02 0.41 13.01
CA GLU A 110 -2.93 -0.02 13.89
C GLU A 110 -1.57 0.52 13.40
N SER A 111 -0.45 -0.11 13.76
CA SER A 111 0.89 0.51 13.72
C SER A 111 2.04 -0.45 13.36
N MET A 112 3.11 0.12 12.82
CA MET A 112 4.43 -0.50 12.61
C MET A 112 5.51 0.58 12.73
N GLY A 113 6.73 0.23 13.16
CA GLY A 113 7.84 1.17 13.35
C GLY A 113 7.54 2.36 14.28
N HIS A 114 6.77 2.12 15.35
CA HIS A 114 6.29 3.14 16.31
C HIS A 114 5.43 4.27 15.68
N ARG A 115 4.77 3.98 14.56
CA ARG A 115 4.00 4.93 13.72
C ARG A 115 2.73 4.28 13.18
N TYR A 116 1.74 5.10 12.85
CA TYR A 116 0.44 4.61 12.41
C TYR A 116 0.43 4.14 10.95
N ILE A 117 -0.38 3.13 10.71
CA ILE A 117 -0.61 2.56 9.38
C ILE A 117 -2.12 2.54 9.12
N GLU A 118 -2.67 3.68 8.67
CA GLU A 118 -3.95 3.62 7.97
C GLU A 118 -3.80 2.71 6.74
N VAL A 119 -4.77 1.82 6.51
CA VAL A 119 -4.84 0.97 5.29
C VAL A 119 -6.17 1.20 4.60
N PHE A 120 -6.13 1.91 3.48
CA PHE A 120 -7.31 2.18 2.67
C PHE A 120 -7.42 1.14 1.56
N LYS A 121 -8.66 0.83 1.19
CA LYS A 121 -9.00 0.16 -0.06
C LYS A 121 -8.66 1.10 -1.21
N SER A 122 -8.09 0.58 -2.29
CA SER A 122 -7.62 1.38 -3.42
C SER A 122 -7.67 0.55 -4.70
N HIS A 123 -7.46 1.18 -5.84
CA HIS A 123 -7.54 0.50 -7.14
C HIS A 123 -6.42 0.99 -8.07
N ARG A 124 -6.10 0.19 -9.10
CA ARG A 124 -4.93 0.42 -9.95
C ARG A 124 -4.97 1.77 -10.67
N THR A 125 -6.16 2.22 -11.09
CA THR A 125 -6.38 3.56 -11.66
C THR A 125 -5.87 4.68 -10.76
N GLU A 126 -6.35 4.75 -9.51
CA GLU A 126 -5.95 5.82 -8.60
C GLU A 126 -4.47 5.69 -8.23
N MET A 127 -4.01 4.47 -7.95
CA MET A 127 -2.61 4.20 -7.60
C MET A 127 -1.63 4.68 -8.68
N ASP A 128 -1.96 4.44 -9.95
CA ASP A 128 -1.11 4.85 -11.06
C ASP A 128 -1.04 6.38 -11.20
N TRP A 129 -2.14 7.08 -10.87
CA TRP A 129 -2.19 8.53 -10.78
C TRP A 129 -1.24 9.02 -9.68
N VAL A 130 -1.37 8.51 -8.46
CA VAL A 130 -0.69 9.13 -7.31
C VAL A 130 0.84 8.90 -7.29
N LEU A 131 1.34 7.84 -7.92
CA LEU A 131 2.77 7.58 -8.09
C LEU A 131 3.41 8.47 -9.19
N LYS A 132 2.74 8.69 -10.33
CA LYS A 132 3.25 9.52 -11.42
C LYS A 132 3.05 11.02 -11.16
N HIS A 133 1.83 11.37 -10.74
CA HIS A 133 1.42 12.61 -10.05
C HIS A 133 1.91 13.93 -10.71
N SER A 134 2.14 13.90 -12.03
CA SER A 134 2.58 14.99 -12.93
C SER A 134 3.08 14.41 -14.27
N GLY A 135 2.23 13.78 -15.10
CA GLY A 135 0.77 13.75 -15.03
C GLY A 135 0.16 12.52 -14.32
N PRO A 136 -1.18 12.44 -14.25
CA PRO A 136 -1.94 11.24 -13.87
C PRO A 136 -1.68 10.01 -14.76
N MET A 35 -12.50 -0.54 9.26
CA MET A 35 -13.22 0.61 8.66
C MET A 35 -13.68 0.33 7.23
N MET A 36 -12.77 0.27 6.24
CA MET A 36 -13.08 0.34 4.79
C MET A 36 -13.57 -0.99 4.16
N LEU A 37 -14.19 -1.88 4.95
CA LEU A 37 -14.38 -3.31 4.65
C LEU A 37 -15.05 -3.64 3.32
N GLY A 38 -15.97 -2.78 2.89
CA GLY A 38 -16.63 -2.85 1.59
C GLY A 38 -16.83 -1.47 0.93
N PRO A 39 -17.32 -1.41 -0.32
CA PRO A 39 -17.79 -2.55 -1.14
C PRO A 39 -16.66 -3.42 -1.71
N GLU A 40 -17.03 -4.55 -2.33
CA GLU A 40 -16.14 -5.38 -3.16
C GLU A 40 -15.85 -4.70 -4.52
N GLY A 41 -14.69 -5.00 -5.10
CA GLY A 41 -14.18 -4.46 -6.38
C GLY A 41 -13.15 -5.40 -7.06
N GLY A 42 -12.41 -4.86 -8.04
CA GLY A 42 -11.45 -5.62 -8.85
C GLY A 42 -10.45 -4.77 -9.65
N GLU A 43 -10.29 -3.48 -9.33
CA GLU A 43 -9.33 -2.53 -9.90
C GLU A 43 -7.90 -2.76 -9.39
N GLY A 44 -7.45 -3.99 -9.54
CA GLY A 44 -6.37 -4.58 -8.78
C GLY A 44 -6.82 -5.05 -7.40
N PHE A 45 -5.86 -5.29 -6.51
CA PHE A 45 -6.07 -5.52 -5.07
C PHE A 45 -5.29 -4.51 -4.27
N VAL A 46 -5.31 -3.26 -4.72
CA VAL A 46 -4.53 -2.22 -4.07
C VAL A 46 -5.12 -1.91 -2.70
N VAL A 47 -4.23 -1.80 -1.74
CA VAL A 47 -4.44 -1.02 -0.53
C VAL A 47 -3.46 0.14 -0.47
N LYS A 48 -3.81 1.16 0.30
CA LYS A 48 -3.08 2.43 0.41
C LYS A 48 -2.72 2.63 1.87
N LEU A 49 -1.42 2.63 2.12
CA LEU A 49 -0.81 2.70 3.42
C LEU A 49 -0.51 4.15 3.68
N ARG A 50 -1.06 4.63 4.78
CA ARG A 50 -0.94 6.04 5.20
C ARG A 50 -0.63 6.22 6.67
N GLY A 51 0.48 6.88 6.95
CA GLY A 51 0.90 7.29 8.28
C GLY A 51 2.38 6.97 8.59
N LEU A 52 2.93 5.98 7.88
CA LEU A 52 4.23 5.33 8.02
C LEU A 52 5.45 6.24 8.31
N PRO A 53 6.54 5.66 8.86
CA PRO A 53 7.84 6.32 8.92
C PRO A 53 8.34 6.73 7.52
N TRP A 54 9.06 7.84 7.46
CA TRP A 54 9.80 8.35 6.29
C TRP A 54 11.09 7.53 5.96
N SER A 55 11.10 6.25 6.33
CA SER A 55 12.20 5.27 6.16
C SER A 55 11.65 3.83 6.04
N CYS A 56 10.43 3.68 5.49
CA CYS A 56 9.70 2.43 5.34
C CYS A 56 10.04 1.74 4.00
N SER A 57 9.90 0.40 3.94
CA SER A 57 10.17 -0.43 2.76
C SER A 57 9.30 -1.67 2.72
N VAL A 58 9.25 -2.34 1.57
CA VAL A 58 8.48 -3.56 1.38
C VAL A 58 8.79 -4.73 2.31
N GLU A 59 9.90 -4.76 3.02
CA GLU A 59 10.05 -5.76 4.09
C GLU A 59 9.12 -5.43 5.27
N ASP A 60 8.88 -4.14 5.49
CA ASP A 60 7.97 -3.55 6.47
C ASP A 60 6.52 -3.44 5.98
N VAL A 61 6.23 -3.60 4.67
CA VAL A 61 4.85 -3.70 4.16
C VAL A 61 4.30 -5.07 4.54
N GLN A 62 5.18 -6.04 4.34
CA GLN A 62 5.07 -7.46 4.61
C GLN A 62 5.21 -7.83 6.10
N ASN A 63 5.92 -7.04 6.90
CA ASN A 63 5.97 -7.16 8.37
C ASN A 63 4.84 -6.38 9.04
N PHE A 64 4.37 -5.26 8.47
CA PHE A 64 3.07 -4.68 8.85
C PHE A 64 1.94 -5.67 8.59
N LEU A 65 2.04 -6.43 7.50
CA LEU A 65 1.02 -7.38 7.06
C LEU A 65 1.52 -8.82 6.99
N SER A 66 2.10 -9.18 8.12
CA SER A 66 2.38 -10.56 8.51
C SER A 66 1.13 -11.46 8.51
N ASP A 67 -0.07 -10.84 8.52
CA ASP A 67 -1.38 -11.44 8.28
C ASP A 67 -1.57 -12.06 6.87
N CYS A 68 -0.82 -11.59 5.86
CA CYS A 68 -1.39 -11.35 4.53
C CYS A 68 -0.54 -11.83 3.34
N THR A 69 -1.20 -12.09 2.21
CA THR A 69 -0.58 -12.38 0.92
C THR A 69 -0.55 -11.12 0.06
N ILE A 70 0.62 -10.74 -0.42
CA ILE A 70 0.77 -9.79 -1.53
C ILE A 70 0.87 -10.61 -2.83
N HIS A 71 0.64 -9.98 -3.98
CA HIS A 71 0.58 -10.58 -5.32
C HIS A 71 1.91 -11.16 -5.89
N ASP A 72 2.94 -11.16 -5.05
CA ASP A 72 4.27 -11.76 -5.23
C ASP A 72 5.04 -11.72 -3.89
N GLY A 73 5.04 -10.53 -3.28
CA GLY A 73 5.76 -10.19 -2.05
C GLY A 73 6.36 -8.78 -2.13
N ALA A 74 6.98 -8.48 -3.26
CA ALA A 74 7.53 -7.15 -3.58
C ALA A 74 7.13 -6.66 -4.98
N ALA A 75 6.69 -7.54 -5.87
CA ALA A 75 6.09 -7.15 -7.17
C ALA A 75 4.60 -6.78 -7.02
N GLY A 76 4.33 -5.98 -5.99
CA GLY A 76 3.03 -5.42 -5.70
C GLY A 76 3.10 -4.22 -4.75
N VAL A 77 4.26 -3.60 -4.53
CA VAL A 77 4.47 -2.51 -3.57
C VAL A 77 5.05 -1.29 -4.28
N HIS A 78 4.62 -0.12 -3.81
CA HIS A 78 5.11 1.17 -4.21
C HIS A 78 5.10 2.15 -3.04
N PHE A 79 5.95 3.17 -3.10
CA PHE A 79 6.18 4.13 -2.02
C PHE A 79 6.08 5.56 -2.54
N ILE A 80 5.56 6.47 -1.71
CA ILE A 80 5.33 7.87 -2.06
C ILE A 80 6.33 8.78 -1.37
N TYR A 81 6.64 9.82 -2.13
CA TYR A 81 7.85 10.60 -2.09
C TYR A 81 7.47 12.02 -2.48
N THR A 82 7.32 12.90 -1.49
CA THR A 82 6.89 14.30 -1.66
C THR A 82 7.95 15.09 -2.45
N ARG A 83 7.71 15.16 -3.77
CA ARG A 83 8.65 15.51 -4.84
C ARG A 83 10.13 15.21 -4.56
N GLU A 84 10.38 13.92 -4.31
CA GLU A 84 11.71 13.27 -4.22
C GLU A 84 12.58 13.71 -3.02
N GLY A 85 12.13 14.67 -2.21
CA GLY A 85 12.86 15.19 -1.04
C GLY A 85 12.82 14.28 0.19
N ARG A 86 11.71 13.54 0.36
CA ARG A 86 11.45 12.63 1.49
C ARG A 86 10.32 11.66 1.16
N GLN A 87 10.33 10.48 1.78
CA GLN A 87 9.10 9.69 1.88
C GLN A 87 8.02 10.49 2.62
N SER A 88 6.80 10.47 2.10
CA SER A 88 5.68 11.30 2.61
C SER A 88 4.88 10.65 3.76
N GLY A 89 5.34 9.50 4.26
CA GLY A 89 4.54 8.55 5.05
C GLY A 89 3.25 8.13 4.34
N GLU A 90 3.32 7.95 3.02
CA GLU A 90 2.31 7.22 2.25
C GLU A 90 2.95 6.22 1.27
N ALA A 91 2.19 5.20 0.91
CA ALA A 91 2.56 4.09 0.05
C ALA A 91 1.32 3.31 -0.40
N PHE A 92 1.48 2.39 -1.36
CA PHE A 92 0.38 1.64 -1.99
C PHE A 92 0.86 0.22 -2.33
N VAL A 93 0.03 -0.79 -2.06
CA VAL A 93 0.36 -2.22 -2.15
C VAL A 93 -0.77 -2.99 -2.85
N GLU A 94 -0.54 -3.43 -4.08
CA GLU A 94 -1.28 -4.51 -4.76
C GLU A 94 -1.17 -5.84 -3.97
N LEU A 95 -2.17 -6.15 -3.15
CA LEU A 95 -2.24 -7.45 -2.46
C LEU A 95 -2.50 -8.62 -3.42
N GLY A 96 -2.49 -9.84 -2.91
CA GLY A 96 -2.59 -11.07 -3.70
C GLY A 96 -4.01 -11.60 -3.93
N SER A 97 -5.01 -11.00 -3.27
CA SER A 97 -6.46 -11.14 -3.51
C SER A 97 -7.20 -10.00 -2.80
N GLU A 98 -8.51 -9.80 -3.00
CA GLU A 98 -9.27 -8.84 -2.18
C GLU A 98 -9.54 -9.37 -0.76
N ASP A 99 -9.58 -10.68 -0.53
CA ASP A 99 -9.53 -11.21 0.83
C ASP A 99 -8.20 -10.87 1.52
N ASP A 100 -7.10 -10.75 0.78
CA ASP A 100 -5.88 -10.06 1.25
C ASP A 100 -6.13 -8.59 1.52
N VAL A 101 -6.77 -7.82 0.63
CA VAL A 101 -7.09 -6.42 0.93
C VAL A 101 -7.84 -6.28 2.26
N LYS A 102 -8.95 -7.01 2.42
CA LYS A 102 -9.78 -7.17 3.62
C LYS A 102 -9.01 -7.63 4.87
N MET A 103 -8.09 -8.58 4.75
CA MET A 103 -7.17 -8.95 5.84
C MET A 103 -6.26 -7.80 6.25
N ALA A 104 -5.78 -7.05 5.28
CA ALA A 104 -5.06 -5.80 5.51
C ALA A 104 -5.93 -4.69 6.11
N LEU A 105 -7.22 -4.61 5.75
CA LEU A 105 -8.19 -3.71 6.37
C LEU A 105 -8.45 -4.00 7.86
N LYS A 106 -8.23 -5.22 8.36
CA LYS A 106 -8.26 -5.49 9.82
C LYS A 106 -7.32 -4.57 10.62
N LYS A 107 -6.26 -4.10 9.95
CA LYS A 107 -5.20 -3.21 10.44
C LYS A 107 -5.41 -1.74 10.01
N ASP A 108 -6.59 -1.34 9.51
CA ASP A 108 -6.75 -0.05 8.80
C ASP A 108 -6.66 1.27 9.59
N ARG A 109 -6.24 1.26 10.86
CA ARG A 109 -5.60 2.38 11.59
C ARG A 109 -4.63 1.86 12.68
N GLU A 110 -3.82 0.87 12.31
CA GLU A 110 -2.74 0.34 13.14
C GLU A 110 -1.58 1.33 13.33
N SER A 111 -0.49 0.82 13.92
CA SER A 111 0.89 1.32 13.76
C SER A 111 1.85 0.23 13.26
N MET A 112 2.96 0.65 12.63
CA MET A 112 4.15 -0.17 12.37
C MET A 112 5.43 0.69 12.43
N GLY A 113 6.54 0.10 12.91
CA GLY A 113 7.80 0.79 13.23
C GLY A 113 7.70 1.64 14.50
N HIS A 114 7.15 2.86 14.37
CA HIS A 114 6.87 3.81 15.47
C HIS A 114 5.75 4.82 15.09
N ARG A 115 4.95 4.48 14.07
CA ARG A 115 4.17 5.41 13.22
C ARG A 115 2.89 4.73 12.74
N TYR A 116 1.88 5.51 12.40
CA TYR A 116 0.56 4.97 12.08
C TYR A 116 0.45 4.38 10.67
N ILE A 117 -0.49 3.46 10.52
CA ILE A 117 -0.81 2.82 9.25
C ILE A 117 -2.32 2.72 9.10
N GLU A 118 -2.94 3.81 8.64
CA GLU A 118 -4.23 3.71 7.97
C GLU A 118 -4.09 2.86 6.70
N VAL A 119 -5.06 1.95 6.45
CA VAL A 119 -5.08 1.09 5.25
C VAL A 119 -6.38 1.31 4.48
N PHE A 120 -6.31 2.04 3.39
CA PHE A 120 -7.42 2.18 2.47
C PHE A 120 -7.45 0.96 1.56
N LYS A 121 -8.65 0.63 1.11
CA LYS A 121 -8.91 -0.12 -0.11
C LYS A 121 -8.84 0.87 -1.26
N SER A 122 -8.12 0.51 -2.31
CA SER A 122 -7.61 1.44 -3.29
C SER A 122 -7.63 0.82 -4.70
N HIS A 123 -7.18 1.58 -5.69
CA HIS A 123 -7.34 1.21 -7.09
C HIS A 123 -6.02 1.42 -7.84
N ARG A 124 -5.66 0.58 -8.82
CA ARG A 124 -4.43 0.79 -9.62
C ARG A 124 -4.49 2.04 -10.50
N THR A 125 -5.69 2.51 -10.90
CA THR A 125 -5.89 3.79 -11.61
C THR A 125 -5.58 5.00 -10.71
N GLU A 126 -5.98 4.96 -9.43
CA GLU A 126 -5.57 5.93 -8.41
C GLU A 126 -4.06 5.84 -8.17
N MET A 127 -3.53 4.63 -7.97
CA MET A 127 -2.12 4.38 -7.69
C MET A 127 -1.19 4.99 -8.77
N ASP A 128 -1.57 4.84 -10.03
CA ASP A 128 -0.85 5.42 -11.17
C ASP A 128 -0.78 6.96 -11.07
N TRP A 129 -1.89 7.58 -10.67
CA TRP A 129 -2.00 9.01 -10.41
C TRP A 129 -1.09 9.43 -9.25
N VAL A 130 -1.19 8.78 -8.09
CA VAL A 130 -0.58 9.33 -6.87
C VAL A 130 0.94 9.20 -6.82
N LEU A 131 1.52 8.15 -7.42
CA LEU A 131 2.97 7.97 -7.60
C LEU A 131 3.59 8.96 -8.61
N LYS A 132 2.76 9.62 -9.43
CA LYS A 132 3.17 10.51 -10.52
C LYS A 132 2.96 11.98 -10.11
N HIS A 133 1.75 12.27 -9.66
CA HIS A 133 1.27 13.49 -8.99
C HIS A 133 1.82 14.81 -9.59
N SER A 134 1.79 14.91 -10.93
CA SER A 134 2.24 16.08 -11.71
C SER A 134 1.64 16.19 -13.13
N GLY A 135 0.83 15.23 -13.61
CA GLY A 135 0.15 15.36 -14.92
C GLY A 135 -0.53 14.13 -15.56
N PRO A 136 -1.46 13.38 -14.91
CA PRO A 136 -1.78 13.38 -13.49
C PRO A 136 -0.80 12.46 -12.73
N MET A 35 -11.49 -16.16 -1.76
CA MET A 35 -12.93 -15.78 -1.89
C MET A 35 -13.03 -14.28 -2.21
N MET A 36 -12.78 -13.91 -3.47
CA MET A 36 -12.35 -12.55 -3.87
C MET A 36 -13.23 -11.41 -3.32
N LEU A 37 -14.54 -11.30 -3.53
CA LEU A 37 -15.37 -12.01 -4.50
C LEU A 37 -15.41 -11.32 -5.86
N GLY A 38 -15.28 -10.01 -5.84
CA GLY A 38 -14.95 -9.16 -6.99
C GLY A 38 -15.42 -7.70 -6.84
N PRO A 39 -16.72 -7.45 -6.55
CA PRO A 39 -17.28 -6.11 -6.35
C PRO A 39 -16.58 -5.23 -5.31
N GLU A 40 -15.85 -5.82 -4.37
CA GLU A 40 -15.06 -5.13 -3.33
C GLU A 40 -13.84 -4.33 -3.87
N GLY A 41 -13.60 -4.32 -5.18
CA GLY A 41 -12.60 -3.46 -5.83
C GLY A 41 -12.56 -3.50 -7.36
N GLY A 42 -13.00 -4.60 -7.98
CA GLY A 42 -13.31 -4.69 -9.42
C GLY A 42 -12.12 -4.77 -10.39
N GLU A 43 -11.09 -3.93 -10.22
CA GLU A 43 -9.95 -3.80 -11.16
C GLU A 43 -8.59 -4.20 -10.59
N GLY A 44 -8.39 -4.10 -9.27
CA GLY A 44 -7.17 -4.59 -8.63
C GLY A 44 -7.12 -4.39 -7.12
N PHE A 45 -6.26 -5.18 -6.49
CA PHE A 45 -6.19 -5.39 -5.04
C PHE A 45 -5.36 -4.35 -4.31
N VAL A 46 -5.36 -3.12 -4.80
CA VAL A 46 -4.59 -2.08 -4.13
C VAL A 46 -5.18 -1.78 -2.76
N VAL A 47 -4.29 -1.59 -1.80
CA VAL A 47 -4.54 -0.75 -0.63
C VAL A 47 -3.57 0.40 -0.54
N LYS A 48 -4.06 1.57 -0.18
CA LYS A 48 -3.26 2.74 0.21
C LYS A 48 -2.93 2.62 1.68
N LEU A 49 -1.83 3.21 2.07
CA LEU A 49 -1.31 3.17 3.42
C LEU A 49 -0.88 4.58 3.77
N ARG A 50 -1.48 5.13 4.82
CA ARG A 50 -1.23 6.50 5.23
C ARG A 50 -0.88 6.59 6.70
N GLY A 51 0.32 7.08 6.95
CA GLY A 51 0.82 7.40 8.27
C GLY A 51 2.27 6.99 8.53
N LEU A 52 2.75 5.96 7.79
CA LEU A 52 4.01 5.22 7.95
C LEU A 52 5.26 6.05 8.35
N PRO A 53 6.28 5.43 8.96
CA PRO A 53 7.55 6.12 9.22
C PRO A 53 8.21 6.55 7.89
N TRP A 54 8.89 7.69 7.87
CA TRP A 54 9.74 8.14 6.74
C TRP A 54 11.05 7.34 6.59
N SER A 55 11.05 6.09 7.03
CA SER A 55 12.12 5.09 6.92
C SER A 55 11.56 3.66 6.78
N CYS A 56 10.27 3.52 6.42
CA CYS A 56 9.63 2.25 6.09
C CYS A 56 10.25 1.62 4.82
N SER A 57 10.01 0.33 4.58
CA SER A 57 10.37 -0.35 3.34
C SER A 57 9.42 -1.50 3.03
N VAL A 58 9.60 -2.08 1.84
CA VAL A 58 8.97 -3.27 1.33
C VAL A 58 8.99 -4.48 2.28
N GLU A 59 10.04 -4.61 3.09
CA GLU A 59 10.15 -5.66 4.10
C GLU A 59 9.29 -5.37 5.33
N ASP A 60 8.91 -4.11 5.53
CA ASP A 60 8.23 -3.58 6.71
C ASP A 60 6.72 -3.34 6.48
N VAL A 61 6.32 -3.32 5.21
CA VAL A 61 4.92 -3.34 4.78
C VAL A 61 4.45 -4.79 4.92
N GLN A 62 5.32 -5.68 4.44
CA GLN A 62 5.24 -7.11 4.60
C GLN A 62 5.49 -7.62 6.04
N ASN A 63 6.12 -6.83 6.91
CA ASN A 63 6.16 -7.05 8.38
C ASN A 63 4.83 -6.66 9.03
N PHE A 64 4.28 -5.47 8.73
CA PHE A 64 2.96 -5.04 9.17
C PHE A 64 1.85 -5.99 8.74
N LEU A 65 2.05 -6.65 7.60
CA LEU A 65 1.11 -7.57 6.96
C LEU A 65 1.76 -8.92 6.68
N SER A 66 2.48 -9.38 7.69
CA SER A 66 2.94 -10.77 7.82
C SER A 66 1.76 -11.76 7.85
N ASP A 67 0.52 -11.27 8.05
CA ASP A 67 -0.75 -11.92 7.79
C ASP A 67 -0.92 -12.39 6.33
N CYS A 68 -0.28 -11.70 5.38
CA CYS A 68 -0.89 -11.35 4.10
C CYS A 68 -0.03 -11.69 2.88
N THR A 69 -0.70 -11.82 1.73
CA THR A 69 -0.11 -12.06 0.41
C THR A 69 -0.19 -10.78 -0.42
N ILE A 70 0.90 -10.36 -1.04
CA ILE A 70 0.95 -9.26 -2.04
C ILE A 70 1.17 -9.90 -3.43
N HIS A 71 0.83 -9.18 -4.50
CA HIS A 71 0.74 -9.68 -5.89
C HIS A 71 2.07 -9.67 -6.68
N ASP A 72 3.17 -9.34 -6.00
CA ASP A 72 4.53 -9.69 -6.38
C ASP A 72 5.40 -9.96 -5.13
N GLY A 73 5.60 -8.91 -4.33
CA GLY A 73 6.39 -8.93 -3.10
C GLY A 73 7.16 -7.63 -2.86
N ALA A 74 7.60 -6.98 -3.93
CA ALA A 74 8.14 -5.62 -3.92
C ALA A 74 7.65 -4.79 -5.12
N ALA A 75 7.28 -5.46 -6.22
CA ALA A 75 6.67 -4.83 -7.40
C ALA A 75 5.14 -4.67 -7.23
N GLY A 76 4.67 -4.58 -5.98
CA GLY A 76 3.28 -4.46 -5.61
C GLY A 76 3.18 -3.73 -4.28
N VAL A 77 4.22 -3.00 -3.88
CA VAL A 77 4.30 -2.18 -2.68
C VAL A 77 5.15 -0.95 -3.03
N HIS A 78 4.49 0.19 -2.99
CA HIS A 78 4.88 1.41 -3.71
C HIS A 78 4.84 2.60 -2.76
N PHE A 79 5.97 2.79 -2.11
CA PHE A 79 6.22 3.90 -1.21
C PHE A 79 6.26 5.21 -2.01
N ILE A 80 5.65 6.26 -1.47
CA ILE A 80 5.58 7.57 -2.13
C ILE A 80 6.62 8.51 -1.56
N TYR A 81 7.13 9.31 -2.48
CA TYR A 81 8.38 10.02 -2.39
C TYR A 81 8.16 11.44 -2.94
N THR A 82 8.74 12.44 -2.28
CA THR A 82 7.92 13.53 -1.74
C THR A 82 8.25 14.90 -2.33
N ARG A 83 8.65 14.91 -3.61
CA ARG A 83 9.26 16.04 -4.31
C ARG A 83 10.29 16.83 -3.47
N GLU A 84 11.11 16.09 -2.72
CA GLU A 84 11.97 16.59 -1.64
C GLU A 84 13.23 15.75 -1.37
N GLY A 85 13.28 14.48 -1.83
CA GLY A 85 14.35 13.54 -1.46
C GLY A 85 14.06 12.79 -0.16
N ARG A 86 12.80 12.39 0.02
CA ARG A 86 12.24 11.83 1.26
C ARG A 86 11.07 10.92 0.91
N GLN A 87 10.88 9.83 1.66
CA GLN A 87 9.56 9.15 1.66
C GLN A 87 8.58 9.86 2.61
N SER A 88 7.32 9.85 2.20
CA SER A 88 6.25 10.75 2.70
C SER A 88 5.54 10.29 3.99
N GLY A 89 5.75 9.03 4.41
CA GLY A 89 4.79 8.33 5.29
C GLY A 89 3.45 8.05 4.61
N GLU A 90 3.47 7.85 3.30
CA GLU A 90 2.37 7.31 2.50
C GLU A 90 2.91 6.26 1.51
N ALA A 91 2.05 5.32 1.11
CA ALA A 91 2.33 4.27 0.14
C ALA A 91 1.02 3.68 -0.45
N PHE A 92 1.15 2.82 -1.46
CA PHE A 92 0.08 2.01 -2.06
C PHE A 92 0.60 0.59 -2.34
N VAL A 93 -0.25 -0.44 -2.33
CA VAL A 93 0.16 -1.86 -2.25
C VAL A 93 -0.84 -2.75 -2.98
N GLU A 94 -0.48 -3.30 -4.13
CA GLU A 94 -1.21 -4.35 -4.87
C GLU A 94 -1.17 -5.68 -4.09
N LEU A 95 -2.22 -6.01 -3.35
CA LEU A 95 -2.30 -7.29 -2.63
C LEU A 95 -2.57 -8.49 -3.55
N GLY A 96 -2.41 -9.69 -3.03
CA GLY A 96 -2.47 -10.93 -3.82
C GLY A 96 -3.89 -11.46 -4.07
N SER A 97 -4.90 -10.86 -3.44
CA SER A 97 -6.34 -10.96 -3.70
C SER A 97 -7.06 -9.82 -2.96
N GLU A 98 -8.36 -9.64 -3.15
CA GLU A 98 -9.18 -8.76 -2.30
C GLU A 98 -9.51 -9.42 -0.95
N ASP A 99 -9.34 -10.73 -0.80
CA ASP A 99 -9.15 -11.38 0.48
C ASP A 99 -7.95 -10.75 1.22
N ASP A 100 -6.80 -10.62 0.55
CA ASP A 100 -5.63 -9.91 1.06
C ASP A 100 -5.93 -8.44 1.31
N VAL A 101 -6.69 -7.73 0.48
CA VAL A 101 -7.12 -6.36 0.82
C VAL A 101 -7.89 -6.33 2.14
N LYS A 102 -8.90 -7.19 2.29
CA LYS A 102 -9.68 -7.42 3.52
C LYS A 102 -8.79 -7.69 4.74
N MET A 103 -7.81 -8.58 4.59
CA MET A 103 -6.83 -8.92 5.63
C MET A 103 -5.96 -7.72 6.02
N ALA A 104 -5.69 -6.83 5.06
CA ALA A 104 -5.04 -5.55 5.30
C ALA A 104 -5.97 -4.49 5.93
N LEU A 105 -7.25 -4.44 5.57
CA LEU A 105 -8.26 -3.60 6.22
C LEU A 105 -8.45 -3.92 7.72
N LYS A 106 -8.18 -5.16 8.16
CA LYS A 106 -8.13 -5.48 9.61
C LYS A 106 -7.22 -4.54 10.39
N LYS A 107 -6.17 -4.03 9.74
CA LYS A 107 -5.11 -3.17 10.32
C LYS A 107 -5.34 -1.68 10.11
N ASP A 108 -6.48 -1.24 9.58
CA ASP A 108 -6.66 0.09 8.98
C ASP A 108 -6.47 1.35 9.87
N ARG A 109 -5.99 1.20 11.10
CA ARG A 109 -5.69 2.22 12.10
C ARG A 109 -4.67 1.78 13.16
N GLU A 110 -4.01 0.64 12.98
CA GLU A 110 -2.84 0.27 13.80
C GLU A 110 -1.51 0.68 13.15
N SER A 111 -0.38 0.17 13.64
CA SER A 111 0.94 0.80 13.54
C SER A 111 2.09 -0.21 13.36
N MET A 112 3.17 0.25 12.71
CA MET A 112 4.43 -0.48 12.52
C MET A 112 5.61 0.49 12.39
N GLY A 113 6.80 0.10 12.87
CA GLY A 113 7.93 1.02 13.04
C GLY A 113 7.63 2.18 14.01
N HIS A 114 6.83 1.93 15.05
CA HIS A 114 6.31 2.91 16.02
C HIS A 114 5.53 4.08 15.38
N ARG A 115 4.84 3.83 14.26
CA ARG A 115 4.15 4.81 13.41
C ARG A 115 2.92 4.21 12.76
N TYR A 116 1.94 5.03 12.44
CA TYR A 116 0.59 4.55 12.11
C TYR A 116 0.40 4.24 10.62
N ILE A 117 -0.47 3.28 10.34
CA ILE A 117 -0.74 2.77 8.99
C ILE A 117 -2.26 2.71 8.76
N GLU A 118 -2.88 3.84 8.39
CA GLU A 118 -4.27 3.80 7.92
C GLU A 118 -4.32 3.06 6.57
N VAL A 119 -4.99 1.90 6.52
CA VAL A 119 -5.10 1.07 5.29
C VAL A 119 -6.41 1.40 4.57
N PHE A 120 -6.34 2.04 3.41
CA PHE A 120 -7.50 2.28 2.54
C PHE A 120 -7.57 1.20 1.46
N LYS A 121 -8.77 0.87 1.02
CA LYS A 121 -9.10 0.13 -0.20
C LYS A 121 -8.93 1.11 -1.36
N SER A 122 -8.18 0.69 -2.39
CA SER A 122 -7.66 1.55 -3.45
C SER A 122 -7.62 0.79 -4.78
N HIS A 123 -7.31 1.46 -5.88
CA HIS A 123 -7.49 0.88 -7.23
C HIS A 123 -6.27 1.09 -8.13
N ARG A 124 -6.13 0.33 -9.23
CA ARG A 124 -4.95 0.41 -10.11
C ARG A 124 -4.86 1.76 -10.83
N THR A 125 -5.97 2.24 -11.37
CA THR A 125 -6.12 3.59 -11.94
C THR A 125 -5.70 4.66 -10.94
N GLU A 126 -6.24 4.54 -9.73
CA GLU A 126 -6.05 5.51 -8.67
C GLU A 126 -4.57 5.58 -8.27
N MET A 127 -3.95 4.42 -8.04
CA MET A 127 -2.53 4.28 -7.73
C MET A 127 -1.61 4.78 -8.86
N ASP A 128 -1.98 4.53 -10.11
CA ASP A 128 -1.24 5.00 -11.28
C ASP A 128 -1.26 6.52 -11.40
N TRP A 129 -2.36 7.15 -11.00
CA TRP A 129 -2.52 8.60 -10.87
C TRP A 129 -1.60 9.14 -9.78
N VAL A 130 -1.70 8.61 -8.55
CA VAL A 130 -1.08 9.27 -7.40
C VAL A 130 0.46 9.19 -7.39
N LEU A 131 1.04 8.08 -7.87
CA LEU A 131 2.48 7.91 -8.04
C LEU A 131 3.07 8.73 -9.22
N LYS A 132 2.24 9.25 -10.13
CA LYS A 132 2.65 10.16 -11.21
C LYS A 132 2.81 11.59 -10.69
N HIS A 133 1.89 11.96 -9.81
CA HIS A 133 1.86 13.15 -8.95
C HIS A 133 2.89 13.10 -7.80
N SER A 134 4.14 12.71 -8.10
CA SER A 134 5.22 12.49 -7.11
C SER A 134 6.62 12.72 -7.71
N GLY A 135 7.66 12.57 -6.89
CA GLY A 135 9.08 12.77 -7.23
C GLY A 135 10.01 11.95 -6.33
N PRO A 136 11.29 12.35 -6.16
CA PRO A 136 12.18 11.81 -5.13
C PRO A 136 11.81 12.30 -3.72
N MET A 35 -12.37 -6.82 -9.24
CA MET A 35 -11.37 -7.48 -10.10
C MET A 35 -11.77 -7.25 -11.55
N MET A 36 -10.85 -6.73 -12.38
CA MET A 36 -11.07 -6.19 -13.75
C MET A 36 -12.03 -4.98 -13.83
N LEU A 37 -13.22 -5.06 -13.20
CA LEU A 37 -14.20 -3.96 -13.08
C LEU A 37 -15.06 -4.02 -11.81
N GLY A 38 -15.11 -5.16 -11.13
CA GLY A 38 -15.86 -5.34 -9.88
C GLY A 38 -15.93 -6.81 -9.41
N PRO A 39 -16.90 -7.20 -8.57
CA PRO A 39 -17.96 -6.38 -7.97
C PRO A 39 -17.54 -5.70 -6.64
N GLU A 40 -16.45 -6.15 -6.02
CA GLU A 40 -16.03 -5.74 -4.68
C GLU A 40 -15.61 -4.26 -4.53
N GLY A 41 -15.13 -3.64 -5.62
CA GLY A 41 -14.92 -2.19 -5.72
C GLY A 41 -13.86 -1.69 -6.71
N GLY A 42 -13.12 -2.56 -7.42
CA GLY A 42 -11.98 -2.12 -8.25
C GLY A 42 -11.57 -3.05 -9.40
N GLU A 43 -10.46 -2.71 -10.06
CA GLU A 43 -9.80 -3.49 -11.11
C GLU A 43 -8.76 -4.43 -10.53
N GLY A 44 -7.93 -3.92 -9.62
CA GLY A 44 -6.95 -4.70 -8.87
C GLY A 44 -7.38 -4.99 -7.44
N PHE A 45 -6.39 -5.21 -6.57
CA PHE A 45 -6.52 -5.42 -5.13
C PHE A 45 -5.68 -4.41 -4.36
N VAL A 46 -5.66 -3.17 -4.86
CA VAL A 46 -4.83 -2.16 -4.23
C VAL A 46 -5.37 -1.81 -2.86
N VAL A 47 -4.45 -1.62 -1.93
CA VAL A 47 -4.65 -0.80 -0.76
C VAL A 47 -3.64 0.35 -0.74
N LYS A 48 -4.08 1.53 -0.35
CA LYS A 48 -3.23 2.64 0.03
C LYS A 48 -2.80 2.42 1.46
N LEU A 49 -1.65 2.98 1.84
CA LEU A 49 -1.34 3.31 3.22
C LEU A 49 -1.09 4.80 3.42
N ARG A 50 -1.37 5.24 4.64
CA ARG A 50 -0.92 6.52 5.18
C ARG A 50 -0.55 6.43 6.66
N GLY A 51 0.54 7.09 7.03
CA GLY A 51 1.03 7.23 8.39
C GLY A 51 2.49 6.79 8.60
N LEU A 52 2.95 5.82 7.78
CA LEU A 52 4.24 5.13 7.83
C LEU A 52 5.45 6.01 8.23
N PRO A 53 6.45 5.47 8.95
CA PRO A 53 7.69 6.17 9.26
C PRO A 53 8.64 6.28 8.06
N TRP A 54 9.65 7.15 8.19
CA TRP A 54 10.78 7.37 7.26
C TRP A 54 11.73 6.16 7.08
N SER A 55 11.31 4.98 7.53
CA SER A 55 12.06 3.71 7.51
C SER A 55 11.23 2.55 6.93
N CYS A 56 9.97 2.79 6.57
CA CYS A 56 9.12 1.77 5.96
C CYS A 56 9.61 1.41 4.55
N SER A 57 9.53 0.12 4.24
CA SER A 57 9.84 -0.51 2.96
C SER A 57 8.97 -1.73 2.75
N VAL A 58 9.06 -2.29 1.57
CA VAL A 58 8.57 -3.60 1.19
C VAL A 58 8.74 -4.73 2.22
N GLU A 59 9.82 -4.77 2.99
CA GLU A 59 9.99 -5.79 4.01
C GLU A 59 9.13 -5.49 5.24
N ASP A 60 8.78 -4.22 5.42
CA ASP A 60 8.07 -3.65 6.56
C ASP A 60 6.56 -3.52 6.36
N VAL A 61 6.12 -3.52 5.10
CA VAL A 61 4.70 -3.52 4.69
C VAL A 61 4.20 -4.95 4.84
N GLN A 62 5.06 -5.86 4.39
CA GLN A 62 4.97 -7.28 4.59
C GLN A 62 5.12 -7.68 6.08
N ASN A 63 6.04 -7.09 6.86
CA ASN A 63 6.14 -7.25 8.33
C ASN A 63 4.84 -6.84 9.05
N PHE A 64 4.36 -5.62 8.75
CA PHE A 64 3.13 -5.04 9.27
C PHE A 64 1.92 -5.96 9.15
N LEU A 65 1.90 -6.78 8.09
CA LEU A 65 0.75 -7.57 7.69
C LEU A 65 0.93 -9.08 7.61
N SER A 66 2.07 -9.57 8.07
CA SER A 66 2.74 -10.84 7.77
C SER A 66 1.97 -12.17 7.59
N ASP A 67 0.67 -12.23 7.91
CA ASP A 67 -0.28 -13.16 7.28
C ASP A 67 -0.43 -13.00 5.75
N CYS A 68 -0.22 -11.79 5.23
CA CYS A 68 -0.63 -11.34 3.90
C CYS A 68 0.27 -11.87 2.76
N THR A 69 -0.28 -11.97 1.55
CA THR A 69 0.42 -12.49 0.36
C THR A 69 1.12 -11.39 -0.43
N ILE A 70 0.42 -10.29 -0.70
CA ILE A 70 0.60 -9.41 -1.88
C ILE A 70 0.60 -10.22 -3.19
N HIS A 71 0.40 -9.60 -4.35
CA HIS A 71 0.46 -10.28 -5.66
C HIS A 71 1.90 -10.67 -6.12
N ASP A 72 2.81 -10.87 -5.14
CA ASP A 72 4.20 -11.35 -5.23
C ASP A 72 4.87 -11.26 -3.84
N GLY A 73 4.83 -10.05 -3.26
CA GLY A 73 5.48 -9.67 -2.00
C GLY A 73 6.06 -8.26 -2.04
N ALA A 74 6.69 -7.92 -3.17
CA ALA A 74 7.29 -6.61 -3.49
C ALA A 74 6.79 -6.11 -4.85
N ALA A 75 6.48 -7.01 -5.77
CA ALA A 75 6.06 -6.65 -7.14
C ALA A 75 4.58 -6.22 -7.22
N GLY A 76 3.98 -5.82 -6.09
CA GLY A 76 2.70 -5.13 -6.05
C GLY A 76 2.77 -3.90 -5.14
N VAL A 77 3.85 -3.71 -4.39
CA VAL A 77 4.01 -2.64 -3.44
C VAL A 77 4.71 -1.43 -4.08
N HIS A 78 4.37 -0.25 -3.59
CA HIS A 78 4.88 1.04 -4.04
C HIS A 78 4.88 1.99 -2.84
N PHE A 79 5.85 2.88 -2.77
CA PHE A 79 6.03 3.79 -1.64
C PHE A 79 6.02 5.23 -2.14
N ILE A 80 5.48 6.15 -1.34
CA ILE A 80 5.29 7.56 -1.75
C ILE A 80 6.27 8.49 -1.02
N TYR A 81 6.49 9.57 -1.74
CA TYR A 81 7.66 10.41 -1.78
C TYR A 81 7.17 11.74 -2.38
N THR A 82 7.62 12.87 -1.85
CA THR A 82 6.94 14.16 -2.03
C THR A 82 7.69 15.18 -2.93
N ARG A 83 8.72 14.86 -3.72
CA ARG A 83 8.93 13.64 -4.54
C ARG A 83 10.15 12.82 -4.10
N GLU A 84 10.81 12.11 -5.04
CA GLU A 84 11.68 10.92 -4.84
C GLU A 84 12.87 10.98 -3.85
N GLY A 85 13.09 12.10 -3.14
CA GLY A 85 14.06 12.25 -2.05
C GLY A 85 13.45 12.41 -0.65
N ARG A 86 12.11 12.38 -0.52
CA ARG A 86 11.39 12.92 0.65
C ARG A 86 10.14 12.12 0.97
N GLN A 87 10.33 10.97 1.61
CA GLN A 87 9.29 10.00 1.92
C GLN A 87 8.08 10.63 2.65
N SER A 88 6.87 10.46 2.11
CA SER A 88 5.66 11.13 2.61
C SER A 88 5.00 10.43 3.81
N GLY A 89 5.51 9.25 4.20
CA GLY A 89 4.86 8.32 5.14
C GLY A 89 3.59 7.69 4.58
N GLU A 90 3.60 7.34 3.30
CA GLU A 90 2.47 6.72 2.60
C GLU A 90 2.97 5.63 1.65
N ALA A 91 2.04 4.83 1.15
CA ALA A 91 2.30 3.81 0.13
C ALA A 91 1.02 3.40 -0.61
N PHE A 92 1.15 2.51 -1.59
CA PHE A 92 0.07 1.78 -2.25
C PHE A 92 0.56 0.35 -2.57
N VAL A 93 -0.30 -0.66 -2.49
CA VAL A 93 0.05 -2.09 -2.51
C VAL A 93 -1.04 -2.89 -3.22
N GLU A 94 -0.80 -3.37 -4.43
CA GLU A 94 -1.57 -4.44 -5.08
C GLU A 94 -1.48 -5.74 -4.27
N LEU A 95 -2.48 -6.03 -3.43
CA LEU A 95 -2.54 -7.31 -2.73
C LEU A 95 -2.80 -8.48 -3.69
N GLY A 96 -2.62 -9.71 -3.20
CA GLY A 96 -2.63 -10.92 -4.03
C GLY A 96 -3.99 -11.63 -4.11
N SER A 97 -4.99 -11.09 -3.41
CA SER A 97 -6.43 -11.30 -3.57
C SER A 97 -7.19 -10.17 -2.86
N GLU A 98 -8.51 -10.04 -3.02
CA GLU A 98 -9.27 -9.10 -2.16
C GLU A 98 -9.45 -9.62 -0.73
N ASP A 99 -9.25 -10.92 -0.47
CA ASP A 99 -9.14 -11.41 0.91
C ASP A 99 -7.81 -10.97 1.53
N ASP A 100 -6.73 -10.85 0.75
CA ASP A 100 -5.51 -10.09 1.14
C ASP A 100 -5.80 -8.61 1.38
N VAL A 101 -6.66 -7.93 0.59
CA VAL A 101 -7.07 -6.56 0.92
C VAL A 101 -7.71 -6.48 2.30
N LYS A 102 -8.64 -7.39 2.56
CA LYS A 102 -9.27 -7.63 3.85
C LYS A 102 -8.26 -7.92 4.97
N MET A 103 -7.17 -8.69 4.75
CA MET A 103 -6.09 -8.84 5.72
C MET A 103 -5.44 -7.49 6.07
N ALA A 104 -5.30 -6.61 5.08
CA ALA A 104 -4.80 -5.26 5.28
C ALA A 104 -5.81 -4.32 5.98
N LEU A 105 -7.10 -4.43 5.66
CA LEU A 105 -8.18 -3.73 6.35
C LEU A 105 -8.33 -4.13 7.83
N LYS A 106 -7.91 -5.33 8.27
CA LYS A 106 -7.85 -5.68 9.72
C LYS A 106 -7.07 -4.65 10.55
N LYS A 107 -6.13 -3.96 9.90
CA LYS A 107 -5.10 -3.08 10.45
C LYS A 107 -5.28 -1.62 10.02
N ASP A 108 -6.49 -1.23 9.60
CA ASP A 108 -6.77 0.02 8.90
C ASP A 108 -6.46 1.36 9.59
N ARG A 109 -5.92 1.36 10.81
CA ARG A 109 -5.44 2.51 11.59
C ARG A 109 -4.49 2.07 12.73
N GLU A 110 -3.71 1.03 12.46
CA GLU A 110 -2.68 0.46 13.33
C GLU A 110 -1.47 1.38 13.56
N SER A 111 -0.44 0.84 14.20
CA SER A 111 0.98 1.19 14.01
C SER A 111 1.80 -0.03 13.53
N MET A 112 3.02 0.18 13.02
CA MET A 112 4.01 -0.90 12.81
C MET A 112 5.27 -0.73 13.70
N GLY A 113 5.46 0.46 14.29
CA GLY A 113 6.59 0.83 15.14
C GLY A 113 6.81 2.35 15.14
N HIS A 114 6.58 3.02 16.29
CA HIS A 114 6.66 4.48 16.50
C HIS A 114 5.72 5.38 15.64
N ARG A 115 5.01 4.82 14.65
CA ARG A 115 4.22 5.52 13.63
C ARG A 115 3.04 4.69 13.13
N TYR A 116 2.04 5.40 12.63
CA TYR A 116 0.72 4.87 12.32
C TYR A 116 0.60 4.35 10.88
N ILE A 117 -0.36 3.47 10.68
CA ILE A 117 -0.57 2.73 9.45
C ILE A 117 -2.07 2.63 9.18
N GLU A 118 -2.65 3.73 8.71
CA GLU A 118 -3.98 3.72 8.10
C GLU A 118 -3.89 2.97 6.77
N VAL A 119 -4.81 2.03 6.55
CA VAL A 119 -4.92 1.27 5.29
C VAL A 119 -6.28 1.55 4.68
N PHE A 120 -6.24 2.02 3.43
CA PHE A 120 -7.42 2.24 2.60
C PHE A 120 -7.46 1.20 1.49
N LYS A 121 -8.65 0.82 1.06
CA LYS A 121 -8.86 0.15 -0.22
C LYS A 121 -8.79 1.17 -1.35
N SER A 122 -8.31 0.76 -2.52
CA SER A 122 -7.75 1.66 -3.52
C SER A 122 -7.83 1.01 -4.91
N HIS A 123 -7.43 1.75 -5.96
CA HIS A 123 -7.59 1.30 -7.36
C HIS A 123 -6.29 1.48 -8.14
N ARG A 124 -5.97 0.53 -9.03
CA ARG A 124 -4.73 0.50 -9.84
C ARG A 124 -4.58 1.75 -10.73
N THR A 125 -5.69 2.26 -11.24
CA THR A 125 -5.76 3.42 -12.15
C THR A 125 -5.41 4.73 -11.45
N GLU A 126 -6.02 5.02 -10.29
CA GLU A 126 -5.73 6.22 -9.49
C GLU A 126 -4.33 6.12 -8.85
N MET A 127 -3.92 4.93 -8.41
CA MET A 127 -2.58 4.66 -7.87
C MET A 127 -1.44 5.09 -8.80
N ASP A 128 -1.65 4.92 -10.11
CA ASP A 128 -0.69 5.34 -11.13
C ASP A 128 -0.45 6.85 -11.14
N TRP A 129 -1.51 7.63 -10.88
CA TRP A 129 -1.49 9.08 -10.74
C TRP A 129 -0.79 9.49 -9.45
N VAL A 130 -1.21 8.95 -8.30
CA VAL A 130 -0.82 9.48 -6.98
C VAL A 130 0.66 9.28 -6.62
N LEU A 131 1.31 8.28 -7.21
CA LEU A 131 2.76 8.07 -7.14
C LEU A 131 3.59 9.08 -7.96
N LYS A 132 2.96 9.89 -8.82
CA LYS A 132 3.56 10.44 -10.04
C LYS A 132 3.04 11.87 -10.30
N HIS A 133 3.30 12.75 -9.34
CA HIS A 133 2.34 13.78 -8.92
C HIS A 133 2.84 15.23 -8.84
N SER A 134 4.14 15.53 -9.00
CA SER A 134 4.66 16.93 -8.89
C SER A 134 6.05 17.20 -9.54
N GLY A 135 6.86 16.18 -9.81
CA GLY A 135 8.25 16.32 -10.29
C GLY A 135 9.19 15.18 -9.87
N PRO A 136 9.01 13.91 -10.34
CA PRO A 136 8.01 13.45 -11.30
C PRO A 136 6.79 12.82 -10.58
N MET A 35 -13.09 -8.79 -5.18
CA MET A 35 -12.82 -10.14 -5.68
C MET A 35 -13.63 -10.39 -6.96
N MET A 36 -14.93 -10.09 -6.95
CA MET A 36 -15.88 -10.40 -8.05
C MET A 36 -16.88 -9.27 -8.39
N LEU A 37 -17.02 -8.19 -7.57
CA LEU A 37 -18.20 -7.29 -7.67
C LEU A 37 -17.93 -5.78 -7.82
N GLY A 38 -16.69 -5.32 -7.71
CA GLY A 38 -16.23 -4.03 -8.26
C GLY A 38 -15.50 -3.14 -7.25
N PRO A 39 -16.22 -2.41 -6.36
CA PRO A 39 -15.66 -1.85 -5.13
C PRO A 39 -15.33 -2.96 -4.11
N GLU A 40 -15.95 -4.12 -4.26
CA GLU A 40 -15.40 -5.43 -3.89
C GLU A 40 -14.38 -5.81 -5.00
N GLY A 41 -13.22 -5.16 -4.97
CA GLY A 41 -12.10 -5.10 -5.94
C GLY A 41 -12.24 -5.89 -7.25
N GLY A 42 -12.50 -5.20 -8.36
CA GLY A 42 -12.76 -5.78 -9.69
C GLY A 42 -11.74 -5.46 -10.79
N GLU A 43 -10.67 -4.71 -10.48
CA GLU A 43 -9.53 -4.45 -11.40
C GLU A 43 -8.16 -4.79 -10.80
N GLY A 44 -8.06 -4.85 -9.47
CA GLY A 44 -6.87 -5.24 -8.74
C GLY A 44 -7.12 -5.30 -7.23
N PHE A 45 -6.05 -5.43 -6.45
CA PHE A 45 -6.08 -5.64 -4.99
C PHE A 45 -5.31 -4.59 -4.22
N VAL A 46 -5.36 -3.35 -4.71
CA VAL A 46 -4.60 -2.28 -4.07
C VAL A 46 -5.16 -1.94 -2.69
N VAL A 47 -4.23 -1.70 -1.77
CA VAL A 47 -4.47 -0.89 -0.59
C VAL A 47 -3.50 0.27 -0.50
N LYS A 48 -4.02 1.45 -0.23
CA LYS A 48 -3.27 2.64 0.16
C LYS A 48 -2.82 2.46 1.60
N LEU A 49 -1.64 2.96 1.92
CA LEU A 49 -0.96 2.82 3.19
C LEU A 49 -0.47 4.18 3.61
N ARG A 50 -1.01 4.67 4.73
CA ARG A 50 -1.03 6.10 5.08
C ARG A 50 -0.81 6.28 6.57
N GLY A 51 0.15 7.13 6.89
CA GLY A 51 0.58 7.41 8.27
C GLY A 51 2.04 7.06 8.55
N LEU A 52 2.55 6.15 7.72
CA LEU A 52 3.81 5.41 7.77
C LEU A 52 5.05 6.26 8.11
N PRO A 53 6.14 5.62 8.57
CA PRO A 53 7.44 6.28 8.78
C PRO A 53 7.94 7.06 7.55
N TRP A 54 8.57 8.20 7.83
CA TRP A 54 9.18 9.10 6.84
C TRP A 54 10.39 8.51 6.07
N SER A 55 10.77 7.25 6.36
CA SER A 55 11.61 6.41 5.49
C SER A 55 11.20 4.91 5.56
N CYS A 56 9.89 4.64 5.50
CA CYS A 56 9.31 3.28 5.42
C CYS A 56 9.79 2.49 4.17
N SER A 57 9.64 1.16 4.19
CA SER A 57 9.93 0.27 3.05
C SER A 57 8.88 -0.80 2.87
N VAL A 58 8.98 -1.53 1.76
CA VAL A 58 8.43 -2.84 1.58
C VAL A 58 8.55 -3.76 2.77
N GLU A 59 9.73 -3.96 3.34
CA GLU A 59 9.90 -5.09 4.25
C GLU A 59 9.14 -4.83 5.56
N ASP A 60 8.96 -3.55 5.87
CA ASP A 60 8.06 -2.96 6.84
C ASP A 60 6.58 -3.26 6.55
N VAL A 61 6.19 -3.16 5.28
CA VAL A 61 4.81 -3.24 4.77
C VAL A 61 4.34 -4.70 4.81
N GLN A 62 5.25 -5.62 4.51
CA GLN A 62 5.03 -7.07 4.50
C GLN A 62 5.30 -7.75 5.85
N ASN A 63 6.10 -7.11 6.70
CA ASN A 63 6.19 -7.33 8.16
C ASN A 63 4.90 -6.92 8.89
N PHE A 64 4.40 -5.71 8.65
CA PHE A 64 3.15 -5.20 9.22
C PHE A 64 1.97 -6.11 8.88
N LEU A 65 2.06 -6.76 7.71
CA LEU A 65 1.09 -7.72 7.18
C LEU A 65 1.70 -9.09 6.92
N SER A 66 2.47 -9.55 7.89
CA SER A 66 2.98 -10.94 7.95
C SER A 66 1.84 -11.98 8.03
N ASP A 67 0.61 -11.54 8.31
CA ASP A 67 -0.66 -12.27 8.12
C ASP A 67 -0.93 -12.67 6.65
N CYS A 68 -0.36 -11.91 5.71
CA CYS A 68 -1.03 -11.55 4.45
C CYS A 68 -0.20 -11.91 3.21
N THR A 69 -0.89 -12.17 2.10
CA THR A 69 -0.29 -12.36 0.78
C THR A 69 -0.34 -11.05 0.01
N ILE A 70 0.82 -10.55 -0.39
CA ILE A 70 0.95 -9.60 -1.49
C ILE A 70 1.08 -10.41 -2.79
N HIS A 71 0.83 -9.81 -3.94
CA HIS A 71 0.93 -10.45 -5.26
C HIS A 71 2.36 -10.83 -5.71
N ASP A 72 3.34 -10.50 -4.88
CA ASP A 72 4.72 -11.01 -4.90
C ASP A 72 5.39 -10.89 -3.51
N GLY A 73 5.40 -9.67 -2.98
CA GLY A 73 6.06 -9.30 -1.72
C GLY A 73 6.67 -7.89 -1.76
N ALA A 74 7.22 -7.52 -2.92
CA ALA A 74 7.68 -6.17 -3.26
C ALA A 74 7.19 -5.75 -4.65
N ALA A 75 6.93 -6.70 -5.55
CA ALA A 75 6.45 -6.42 -6.91
C ALA A 75 4.92 -6.15 -6.99
N GLY A 76 4.28 -5.84 -5.85
CA GLY A 76 2.93 -5.27 -5.79
C GLY A 76 2.91 -3.98 -4.98
N VAL A 77 3.98 -3.68 -4.24
CA VAL A 77 4.11 -2.54 -3.35
C VAL A 77 4.76 -1.35 -4.07
N HIS A 78 4.45 -0.16 -3.58
CA HIS A 78 4.92 1.11 -4.10
C HIS A 78 4.96 2.13 -2.97
N PHE A 79 5.97 2.99 -2.96
CA PHE A 79 6.15 4.00 -1.93
C PHE A 79 6.13 5.39 -2.56
N ILE A 80 5.47 6.34 -1.89
CA ILE A 80 5.31 7.71 -2.38
C ILE A 80 6.45 8.55 -1.84
N TYR A 81 6.91 9.43 -2.70
CA TYR A 81 8.23 9.98 -2.68
C TYR A 81 8.11 11.48 -2.96
N THR A 82 8.37 12.28 -1.93
CA THR A 82 8.18 13.73 -1.94
C THR A 82 9.14 14.43 -2.90
N ARG A 83 9.01 15.76 -3.00
CA ARG A 83 9.98 16.62 -3.70
C ARG A 83 11.42 16.49 -3.15
N GLU A 84 11.58 16.07 -1.88
CA GLU A 84 12.89 15.82 -1.24
C GLU A 84 13.58 14.52 -1.73
N GLY A 85 12.88 13.66 -2.48
CA GLY A 85 13.38 12.33 -2.86
C GLY A 85 13.33 11.32 -1.71
N ARG A 86 12.24 11.35 -0.95
CA ARG A 86 12.11 10.79 0.41
C ARG A 86 10.67 10.34 0.70
N GLN A 87 10.45 9.31 1.52
CA GLN A 87 9.13 8.70 1.71
C GLN A 87 8.12 9.64 2.41
N SER A 88 6.97 9.89 1.77
CA SER A 88 5.93 10.85 2.19
C SER A 88 5.06 10.39 3.39
N GLY A 89 5.44 9.31 4.08
CA GLY A 89 4.58 8.55 5.01
C GLY A 89 3.30 8.03 4.35
N GLU A 90 3.34 7.82 3.03
CA GLU A 90 2.30 7.21 2.25
C GLU A 90 2.89 6.27 1.19
N ALA A 91 2.10 5.28 0.82
CA ALA A 91 2.44 4.15 -0.04
C ALA A 91 1.15 3.48 -0.55
N PHE A 92 1.26 2.53 -1.48
CA PHE A 92 0.15 1.78 -2.07
C PHE A 92 0.63 0.35 -2.41
N VAL A 93 -0.19 -0.67 -2.28
CA VAL A 93 0.21 -2.10 -2.36
C VAL A 93 -0.88 -2.93 -3.05
N GLU A 94 -0.69 -3.42 -4.29
CA GLU A 94 -1.41 -4.58 -4.80
C GLU A 94 -1.16 -5.81 -3.91
N LEU A 95 -2.14 -6.16 -3.09
CA LEU A 95 -2.17 -7.46 -2.41
C LEU A 95 -2.36 -8.63 -3.39
N GLY A 96 -2.31 -9.86 -2.88
CA GLY A 96 -2.32 -11.09 -3.68
C GLY A 96 -3.70 -11.72 -3.86
N SER A 97 -4.73 -11.17 -3.21
CA SER A 97 -6.16 -11.33 -3.49
C SER A 97 -6.96 -10.21 -2.81
N GLU A 98 -8.26 -10.06 -3.05
CA GLU A 98 -9.05 -9.10 -2.26
C GLU A 98 -9.37 -9.62 -0.85
N ASP A 99 -9.28 -10.92 -0.60
CA ASP A 99 -9.28 -11.42 0.77
C ASP A 99 -7.99 -11.04 1.50
N ASP A 100 -6.85 -10.89 0.80
CA ASP A 100 -5.68 -10.15 1.28
C ASP A 100 -5.97 -8.67 1.51
N VAL A 101 -6.68 -7.96 0.61
CA VAL A 101 -7.05 -6.57 0.88
C VAL A 101 -7.80 -6.43 2.21
N LYS A 102 -8.84 -7.25 2.38
CA LYS A 102 -9.65 -7.43 3.60
C LYS A 102 -8.81 -7.80 4.84
N MET A 103 -7.83 -8.69 4.73
CA MET A 103 -6.84 -8.97 5.79
C MET A 103 -6.00 -7.76 6.17
N ALA A 104 -5.82 -6.83 5.24
CA ALA A 104 -5.14 -5.55 5.47
C ALA A 104 -6.10 -4.46 5.99
N LEU A 105 -7.38 -4.44 5.56
CA LEU A 105 -8.43 -3.55 6.08
C LEU A 105 -8.76 -3.79 7.56
N LYS A 106 -8.61 -5.03 8.07
CA LYS A 106 -8.77 -5.30 9.51
C LYS A 106 -7.75 -4.58 10.40
N LYS A 107 -6.67 -4.07 9.80
CA LYS A 107 -5.63 -3.21 10.40
C LYS A 107 -5.75 -1.74 10.00
N ASP A 108 -6.86 -1.28 9.41
CA ASP A 108 -6.91 0.02 8.74
C ASP A 108 -6.66 1.31 9.57
N ARG A 109 -6.21 1.22 10.83
CA ARG A 109 -5.70 2.34 11.62
C ARG A 109 -4.71 1.92 12.72
N GLU A 110 -3.96 0.84 12.47
CA GLU A 110 -2.88 0.34 13.30
C GLU A 110 -1.68 1.31 13.42
N SER A 111 -0.59 0.83 14.04
CA SER A 111 0.75 1.40 13.98
C SER A 111 1.82 0.36 13.58
N MET A 112 2.92 0.84 12.99
CA MET A 112 4.18 0.11 12.79
C MET A 112 5.33 1.13 12.81
N GLY A 113 6.21 1.02 13.82
CA GLY A 113 7.05 2.13 14.30
C GLY A 113 6.26 3.09 15.21
N HIS A 114 6.84 4.27 15.52
CA HIS A 114 6.20 5.38 16.24
C HIS A 114 5.15 6.13 15.39
N ARG A 115 4.49 5.42 14.47
CA ARG A 115 3.85 5.92 13.25
C ARG A 115 2.63 5.07 12.90
N TYR A 116 1.63 5.71 12.31
CA TYR A 116 0.32 5.10 12.04
C TYR A 116 0.27 4.45 10.66
N ILE A 117 -0.54 3.40 10.55
CA ILE A 117 -0.70 2.63 9.33
C ILE A 117 -2.19 2.47 9.07
N GLU A 118 -2.80 3.54 8.57
CA GLU A 118 -4.08 3.40 7.90
C GLU A 118 -3.90 2.52 6.66
N VAL A 119 -4.88 1.66 6.39
CA VAL A 119 -4.90 0.77 5.21
C VAL A 119 -6.21 0.93 4.47
N PHE A 120 -6.21 1.83 3.51
CA PHE A 120 -7.40 2.10 2.70
C PHE A 120 -7.45 1.09 1.56
N LYS A 121 -8.65 0.71 1.19
CA LYS A 121 -8.93 0.04 -0.08
C LYS A 121 -8.70 1.04 -1.20
N SER A 122 -8.18 0.57 -2.32
CA SER A 122 -7.70 1.43 -3.39
C SER A 122 -7.79 0.70 -4.73
N HIS A 123 -7.68 1.45 -5.82
CA HIS A 123 -7.76 0.94 -7.18
C HIS A 123 -6.63 1.55 -8.01
N ARG A 124 -6.09 0.82 -9.01
CA ARG A 124 -4.87 1.27 -9.69
C ARG A 124 -5.03 2.63 -10.37
N THR A 125 -6.21 2.99 -10.89
CA THR A 125 -6.44 4.29 -11.56
C THR A 125 -5.95 5.50 -10.78
N GLU A 126 -6.41 5.66 -9.54
CA GLU A 126 -6.01 6.79 -8.71
C GLU A 126 -4.62 6.58 -8.10
N MET A 127 -4.22 5.32 -7.90
CA MET A 127 -2.89 4.97 -7.40
C MET A 127 -1.76 5.35 -8.37
N ASP A 128 -1.95 5.07 -9.65
CA ASP A 128 -0.95 5.23 -10.71
C ASP A 128 -0.53 6.70 -10.87
N TRP A 129 -1.45 7.61 -10.54
CA TRP A 129 -1.25 9.05 -10.39
C TRP A 129 -0.37 9.37 -9.18
N VAL A 130 -0.82 9.00 -7.97
CA VAL A 130 -0.30 9.58 -6.74
C VAL A 130 1.18 9.23 -6.50
N LEU A 131 1.62 8.11 -7.08
CA LEU A 131 2.99 7.61 -7.09
C LEU A 131 3.99 8.46 -7.91
N LYS A 132 3.50 9.31 -8.81
CA LYS A 132 4.10 9.56 -10.11
C LYS A 132 3.90 11.03 -10.48
N HIS A 133 4.22 11.85 -9.49
CA HIS A 133 3.39 13.01 -9.14
C HIS A 133 3.60 14.26 -10.03
N SER A 134 4.28 14.07 -11.17
CA SER A 134 4.64 15.09 -12.16
C SER A 134 4.57 14.59 -13.63
N GLY A 135 4.00 13.41 -13.90
CA GLY A 135 3.93 12.81 -15.25
C GLY A 135 2.75 11.84 -15.52
N PRO A 136 2.52 11.45 -16.79
CA PRO A 136 1.38 10.66 -17.25
C PRO A 136 1.44 9.18 -16.87
N MET A 35 -7.30 -6.95 -18.20
CA MET A 35 -7.83 -7.90 -19.21
C MET A 35 -9.32 -8.20 -18.96
N MET A 36 -9.62 -9.02 -17.94
CA MET A 36 -10.86 -9.75 -17.60
C MET A 36 -10.54 -11.18 -17.10
N LEU A 37 -9.34 -11.69 -17.41
CA LEU A 37 -8.97 -13.11 -17.41
C LEU A 37 -7.58 -13.38 -16.78
N GLY A 38 -7.26 -14.67 -16.61
CA GLY A 38 -6.01 -15.22 -16.05
C GLY A 38 -4.65 -14.59 -16.47
N PRO A 39 -4.45 -14.07 -17.71
CA PRO A 39 -3.25 -13.33 -18.11
C PRO A 39 -2.86 -12.11 -17.24
N GLU A 40 -3.74 -11.64 -16.35
CA GLU A 40 -3.47 -10.57 -15.37
C GLU A 40 -3.91 -10.96 -13.94
N GLY A 41 -3.37 -10.26 -12.92
CA GLY A 41 -3.50 -10.61 -11.50
C GLY A 41 -3.86 -9.41 -10.61
N GLY A 42 -5.07 -9.34 -10.06
CA GLY A 42 -6.28 -10.05 -10.53
C GLY A 42 -7.56 -9.21 -10.43
N GLU A 43 -7.53 -7.92 -10.73
CA GLU A 43 -6.56 -7.21 -11.60
C GLU A 43 -5.92 -5.96 -10.97
N GLY A 44 -6.22 -5.64 -9.70
CA GLY A 44 -5.67 -4.46 -9.02
C GLY A 44 -6.07 -4.33 -7.56
N PHE A 45 -5.68 -5.32 -6.76
CA PHE A 45 -5.96 -5.46 -5.32
C PHE A 45 -5.16 -4.50 -4.43
N VAL A 46 -5.10 -3.23 -4.81
CA VAL A 46 -4.28 -2.29 -4.06
C VAL A 46 -4.89 -1.99 -2.68
N VAL A 47 -4.00 -1.77 -1.72
CA VAL A 47 -4.27 -0.91 -0.58
C VAL A 47 -3.28 0.21 -0.49
N LYS A 48 -3.78 1.40 -0.21
CA LYS A 48 -3.00 2.57 0.22
C LYS A 48 -2.73 2.44 1.70
N LEU A 49 -1.65 3.04 2.15
CA LEU A 49 -1.15 2.99 3.51
C LEU A 49 -0.71 4.41 3.87
N ARG A 50 -1.24 4.94 4.95
CA ARG A 50 -0.98 6.32 5.37
C ARG A 50 -0.67 6.42 6.84
N GLY A 51 0.48 6.98 7.15
CA GLY A 51 0.94 7.25 8.51
C GLY A 51 2.40 6.83 8.79
N LEU A 52 2.90 5.93 7.93
CA LEU A 52 4.13 5.12 8.07
C LEU A 52 5.39 5.83 8.63
N PRO A 53 6.38 5.07 9.16
CA PRO A 53 7.68 5.52 9.69
C PRO A 53 8.60 6.44 8.84
N TRP A 54 8.15 6.91 7.67
CA TRP A 54 8.84 7.81 6.72
C TRP A 54 10.06 7.20 5.99
N SER A 55 10.72 6.22 6.61
CA SER A 55 11.80 5.40 6.04
C SER A 55 11.37 3.92 5.93
N CYS A 56 10.05 3.69 5.95
CA CYS A 56 9.40 2.39 5.77
C CYS A 56 9.83 1.72 4.44
N SER A 57 9.76 0.40 4.36
CA SER A 57 10.14 -0.38 3.17
C SER A 57 9.27 -1.60 2.96
N VAL A 58 9.42 -2.20 1.78
CA VAL A 58 8.99 -3.51 1.37
C VAL A 58 9.10 -4.64 2.39
N GLU A 59 10.10 -4.65 3.28
CA GLU A 59 10.18 -5.66 4.32
C GLU A 59 9.22 -5.36 5.47
N ASP A 60 8.96 -4.08 5.70
CA ASP A 60 8.16 -3.52 6.79
C ASP A 60 6.67 -3.37 6.48
N VAL A 61 6.33 -3.50 5.19
CA VAL A 61 4.95 -3.52 4.70
C VAL A 61 4.53 -4.98 4.79
N GLN A 62 5.34 -5.87 4.24
CA GLN A 62 5.22 -7.30 4.43
C GLN A 62 5.28 -7.74 5.92
N ASN A 63 5.93 -6.96 6.79
CA ASN A 63 5.89 -7.08 8.26
C ASN A 63 4.56 -6.62 8.88
N PHE A 64 3.98 -5.49 8.44
CA PHE A 64 2.77 -4.99 9.07
C PHE A 64 1.58 -5.85 8.62
N LEU A 65 1.67 -6.30 7.38
CA LEU A 65 0.75 -7.15 6.68
C LEU A 65 1.27 -8.60 6.65
N SER A 66 1.96 -9.03 7.72
CA SER A 66 2.33 -10.43 7.94
C SER A 66 1.11 -11.34 8.17
N ASP A 67 -0.08 -10.76 8.37
CA ASP A 67 -1.40 -11.39 8.21
C ASP A 67 -1.67 -11.91 6.79
N CYS A 68 -0.91 -11.45 5.78
CA CYS A 68 -1.48 -11.12 4.47
C CYS A 68 -0.59 -11.49 3.28
N THR A 69 -1.21 -11.77 2.12
CA THR A 69 -0.54 -12.08 0.85
C THR A 69 -0.48 -10.84 -0.02
N ILE A 70 0.72 -10.47 -0.47
CA ILE A 70 0.90 -9.50 -1.56
C ILE A 70 1.14 -10.29 -2.86
N HIS A 71 0.76 -9.72 -4.00
CA HIS A 71 0.86 -10.30 -5.36
C HIS A 71 2.30 -10.56 -5.91
N ASP A 72 3.31 -10.44 -5.04
CA ASP A 72 4.69 -10.91 -5.23
C ASP A 72 5.45 -10.85 -3.90
N GLY A 73 5.53 -9.63 -3.35
CA GLY A 73 6.23 -9.27 -2.11
C GLY A 73 6.87 -7.89 -2.17
N ALA A 74 7.44 -7.55 -3.33
CA ALA A 74 8.02 -6.24 -3.63
C ALA A 74 7.52 -5.72 -4.97
N ALA A 75 7.23 -6.62 -5.92
CA ALA A 75 6.63 -6.29 -7.22
C ALA A 75 5.11 -6.06 -7.12
N GLY A 76 4.63 -5.72 -5.91
CA GLY A 76 3.25 -5.38 -5.62
C GLY A 76 3.22 -4.37 -4.48
N VAL A 77 4.31 -3.63 -4.25
CA VAL A 77 4.43 -2.58 -3.26
C VAL A 77 5.10 -1.36 -3.89
N HIS A 78 4.76 -0.19 -3.39
CA HIS A 78 5.21 1.11 -3.89
C HIS A 78 5.22 2.10 -2.74
N PHE A 79 6.17 3.03 -2.73
CA PHE A 79 6.38 3.96 -1.63
C PHE A 79 6.38 5.39 -2.17
N ILE A 80 5.66 6.30 -1.50
CA ILE A 80 5.28 7.62 -2.00
C ILE A 80 6.25 8.68 -1.49
N TYR A 81 6.23 9.73 -2.29
CA TYR A 81 7.16 10.83 -2.35
C TYR A 81 6.30 12.10 -2.50
N THR A 82 6.75 13.22 -1.93
CA THR A 82 5.87 14.37 -1.63
C THR A 82 6.37 15.72 -2.22
N ARG A 83 6.78 15.82 -3.50
CA ARG A 83 6.57 14.90 -4.64
C ARG A 83 7.84 14.66 -5.49
N GLU A 84 8.98 15.25 -5.15
CA GLU A 84 10.05 15.55 -6.11
C GLU A 84 11.47 15.09 -5.72
N GLY A 85 11.78 15.03 -4.42
CA GLY A 85 13.10 14.65 -3.89
C GLY A 85 13.08 14.25 -2.41
N ARG A 86 11.94 13.72 -1.96
CA ARG A 86 11.58 13.61 -0.54
C ARG A 86 10.51 12.54 -0.34
N GLN A 87 10.85 11.52 0.46
CA GLN A 87 9.90 10.49 0.89
C GLN A 87 8.75 11.11 1.70
N SER A 88 7.67 10.34 1.91
CA SER A 88 6.49 10.72 2.69
C SER A 88 6.08 9.56 3.62
N GLY A 89 5.17 9.82 4.56
CA GLY A 89 4.50 8.77 5.35
C GLY A 89 3.33 8.12 4.60
N GLU A 90 3.51 7.80 3.32
CA GLU A 90 2.52 7.09 2.50
C GLU A 90 3.15 6.03 1.57
N ALA A 91 2.34 5.03 1.22
CA ALA A 91 2.66 3.93 0.32
C ALA A 91 1.39 3.26 -0.22
N PHE A 92 1.52 2.40 -1.22
CA PHE A 92 0.43 1.70 -1.90
C PHE A 92 0.94 0.29 -2.28
N VAL A 93 0.08 -0.74 -2.23
CA VAL A 93 0.46 -2.16 -2.26
C VAL A 93 -0.61 -2.98 -2.97
N GLU A 94 -0.33 -3.51 -4.17
CA GLU A 94 -1.10 -4.62 -4.76
C GLU A 94 -1.03 -5.87 -3.89
N LEU A 95 -2.09 -6.16 -3.14
CA LEU A 95 -2.22 -7.47 -2.51
C LEU A 95 -2.44 -8.60 -3.52
N GLY A 96 -2.38 -9.83 -3.03
CA GLY A 96 -2.49 -11.04 -3.82
C GLY A 96 -3.91 -11.59 -3.98
N SER A 97 -4.90 -10.99 -3.31
CA SER A 97 -6.34 -11.08 -3.59
C SER A 97 -7.10 -9.91 -2.93
N GLU A 98 -8.38 -9.68 -3.22
CA GLU A 98 -9.20 -8.72 -2.45
C GLU A 98 -9.60 -9.26 -1.07
N ASP A 99 -9.47 -10.57 -0.81
CA ASP A 99 -9.52 -11.09 0.55
C ASP A 99 -8.26 -10.68 1.33
N ASP A 100 -7.09 -10.65 0.69
CA ASP A 100 -5.89 -9.95 1.18
C ASP A 100 -6.13 -8.46 1.40
N VAL A 101 -6.81 -7.73 0.51
CA VAL A 101 -7.15 -6.33 0.80
C VAL A 101 -7.93 -6.20 2.10
N LYS A 102 -9.01 -6.98 2.24
CA LYS A 102 -9.83 -7.12 3.46
C LYS A 102 -9.02 -7.49 4.72
N MET A 103 -8.09 -8.43 4.62
CA MET A 103 -7.18 -8.81 5.72
C MET A 103 -6.25 -7.67 6.14
N ALA A 104 -5.81 -6.87 5.17
CA ALA A 104 -5.12 -5.61 5.44
C ALA A 104 -6.06 -4.51 5.99
N LEU A 105 -7.33 -4.42 5.55
CA LEU A 105 -8.34 -3.53 6.12
C LEU A 105 -8.66 -3.80 7.59
N LYS A 106 -8.49 -5.03 8.10
CA LYS A 106 -8.56 -5.30 9.55
C LYS A 106 -7.68 -4.35 10.37
N LYS A 107 -6.58 -3.92 9.76
CA LYS A 107 -5.50 -3.13 10.36
C LYS A 107 -5.61 -1.63 10.09
N ASP A 108 -6.73 -1.16 9.51
CA ASP A 108 -6.80 0.15 8.86
C ASP A 108 -6.59 1.42 9.71
N ARG A 109 -6.17 1.32 10.98
CA ARG A 109 -5.68 2.43 11.82
C ARG A 109 -4.75 2.00 12.96
N GLU A 110 -4.23 0.76 12.92
CA GLU A 110 -3.11 0.37 13.79
C GLU A 110 -1.75 0.86 13.25
N SER A 111 -0.62 0.31 13.70
CA SER A 111 0.72 0.92 13.59
C SER A 111 1.84 -0.11 13.41
N MET A 112 2.99 0.34 12.90
CA MET A 112 4.19 -0.49 12.68
C MET A 112 5.50 0.32 12.81
N GLY A 113 6.05 0.54 14.00
CA GLY A 113 5.52 0.20 15.34
C GLY A 113 5.49 1.40 16.31
N HIS A 114 5.90 2.58 15.83
CA HIS A 114 5.79 3.88 16.50
C HIS A 114 5.09 4.92 15.61
N ARG A 115 4.58 4.51 14.44
CA ARG A 115 3.89 5.29 13.41
C ARG A 115 2.76 4.46 12.79
N TYR A 116 1.73 5.16 12.36
CA TYR A 116 0.44 4.57 11.99
C TYR A 116 0.41 4.06 10.55
N ILE A 117 -0.45 3.09 10.28
CA ILE A 117 -0.65 2.54 8.94
C ILE A 117 -2.15 2.47 8.65
N GLU A 118 -2.74 3.62 8.30
CA GLU A 118 -4.13 3.65 7.83
C GLU A 118 -4.24 2.96 6.46
N VAL A 119 -4.91 1.81 6.41
CA VAL A 119 -5.01 0.95 5.20
C VAL A 119 -6.29 1.31 4.44
N PHE A 120 -6.18 2.06 3.34
CA PHE A 120 -7.29 2.30 2.42
C PHE A 120 -7.32 1.20 1.38
N LYS A 121 -8.51 0.86 0.90
CA LYS A 121 -8.70 0.15 -0.35
C LYS A 121 -8.40 1.11 -1.51
N SER A 122 -7.73 0.61 -2.52
CA SER A 122 -7.18 1.37 -3.64
C SER A 122 -7.18 0.49 -4.90
N HIS A 123 -6.95 1.07 -6.08
CA HIS A 123 -6.91 0.29 -7.33
C HIS A 123 -5.88 0.85 -8.33
N ARG A 124 -5.58 0.08 -9.39
CA ARG A 124 -4.67 0.37 -10.52
C ARG A 124 -5.14 1.52 -11.45
N THR A 125 -5.54 2.63 -10.85
CA THR A 125 -6.00 3.88 -11.50
C THR A 125 -5.83 5.04 -10.52
N GLU A 126 -6.40 4.89 -9.32
CA GLU A 126 -6.21 5.83 -8.21
C GLU A 126 -4.78 5.77 -7.65
N MET A 127 -4.23 4.55 -7.49
CA MET A 127 -2.79 4.35 -7.23
C MET A 127 -1.91 4.84 -8.38
N ASP A 128 -2.34 4.59 -9.61
CA ASP A 128 -1.58 4.92 -10.82
C ASP A 128 -1.39 6.44 -10.97
N TRP A 129 -2.39 7.21 -10.53
CA TRP A 129 -2.34 8.66 -10.37
C TRP A 129 -1.28 9.06 -9.33
N VAL A 130 -1.36 8.53 -8.10
CA VAL A 130 -0.61 9.12 -6.99
C VAL A 130 0.90 8.92 -7.06
N LEU A 131 1.38 7.87 -7.74
CA LEU A 131 2.81 7.63 -8.00
C LEU A 131 3.38 8.51 -9.14
N LYS A 132 2.53 9.31 -9.81
CA LYS A 132 2.83 10.19 -10.95
C LYS A 132 2.51 11.66 -10.65
N HIS A 133 2.20 11.91 -9.37
CA HIS A 133 1.88 13.19 -8.73
C HIS A 133 2.98 14.27 -8.86
N SER A 134 4.23 13.89 -9.17
CA SER A 134 5.36 14.78 -9.49
C SER A 134 5.05 15.70 -10.70
N GLY A 135 4.57 16.92 -10.43
CA GLY A 135 4.17 17.91 -11.44
C GLY A 135 3.57 19.20 -10.85
N PRO A 136 4.32 20.01 -10.07
CA PRO A 136 5.74 19.83 -9.70
C PRO A 136 5.96 18.81 -8.57
N MET A 35 -12.16 -11.99 -2.83
CA MET A 35 -12.31 -12.69 -4.13
C MET A 35 -12.72 -14.14 -3.90
N MET A 36 -11.88 -14.94 -3.23
CA MET A 36 -12.21 -16.28 -2.73
C MET A 36 -13.42 -16.28 -1.76
N LEU A 37 -13.64 -15.16 -1.06
CA LEU A 37 -14.89 -14.74 -0.41
C LEU A 37 -15.26 -13.28 -0.76
N GLY A 38 -16.54 -12.93 -0.58
CA GLY A 38 -17.15 -11.59 -0.75
C GLY A 38 -16.42 -10.55 -1.63
N PRO A 39 -16.31 -10.75 -2.97
CA PRO A 39 -15.63 -9.81 -3.88
C PRO A 39 -16.33 -8.44 -3.97
N GLU A 40 -15.56 -7.37 -4.24
CA GLU A 40 -16.02 -5.97 -4.19
C GLU A 40 -15.59 -5.09 -5.39
N GLY A 41 -14.40 -5.29 -5.99
CA GLY A 41 -13.90 -4.46 -7.08
C GLY A 41 -13.00 -5.18 -8.10
N GLY A 42 -12.06 -6.02 -7.63
CA GLY A 42 -11.32 -7.01 -8.43
C GLY A 42 -10.32 -6.52 -9.48
N GLU A 43 -10.38 -5.26 -9.95
CA GLU A 43 -9.47 -4.72 -10.99
C GLU A 43 -7.99 -4.71 -10.57
N GLY A 44 -7.78 -4.68 -9.26
CA GLY A 44 -6.51 -4.91 -8.59
C GLY A 44 -6.79 -5.20 -7.11
N PHE A 45 -5.72 -5.45 -6.37
CA PHE A 45 -5.73 -5.74 -4.94
C PHE A 45 -4.97 -4.66 -4.17
N VAL A 46 -4.99 -3.45 -4.68
CA VAL A 46 -4.23 -2.37 -4.05
C VAL A 46 -4.82 -2.04 -2.70
N VAL A 47 -3.93 -1.90 -1.72
CA VAL A 47 -4.17 -1.09 -0.56
C VAL A 47 -3.22 0.10 -0.52
N LYS A 48 -3.80 1.26 -0.33
CA LYS A 48 -3.10 2.51 -0.02
C LYS A 48 -2.80 2.47 1.47
N LEU A 49 -1.66 3.00 1.86
CA LEU A 49 -1.04 2.87 3.16
C LEU A 49 -0.63 4.27 3.58
N ARG A 50 -1.25 4.81 4.63
CA ARG A 50 -1.16 6.22 5.01
C ARG A 50 -0.87 6.35 6.50
N GLY A 51 0.01 7.26 6.86
CA GLY A 51 0.45 7.49 8.24
C GLY A 51 1.92 7.16 8.48
N LEU A 52 2.39 6.18 7.70
CA LEU A 52 3.68 5.49 7.71
C LEU A 52 4.92 6.36 8.00
N PRO A 53 6.01 5.76 8.51
CA PRO A 53 7.32 6.43 8.59
C PRO A 53 7.83 6.89 7.21
N TRP A 54 8.45 8.06 7.17
CA TRP A 54 9.17 8.63 6.02
C TRP A 54 10.41 7.83 5.57
N SER A 55 10.71 6.70 6.23
CA SER A 55 11.79 5.76 5.91
C SER A 55 11.30 4.32 5.72
N CYS A 56 9.97 4.12 5.68
CA CYS A 56 9.32 2.82 5.49
C CYS A 56 9.70 2.15 4.15
N SER A 57 9.65 0.82 4.12
CA SER A 57 9.93 -0.02 2.95
C SER A 57 9.10 -1.30 2.97
N VAL A 58 9.03 -1.97 1.84
CA VAL A 58 8.32 -3.23 1.69
C VAL A 58 8.68 -4.37 2.66
N GLU A 59 9.82 -4.35 3.34
CA GLU A 59 10.04 -5.33 4.41
C GLU A 59 9.11 -5.04 5.61
N ASP A 60 8.79 -3.77 5.82
CA ASP A 60 7.85 -3.25 6.80
C ASP A 60 6.39 -3.29 6.33
N VAL A 61 6.10 -3.40 5.01
CA VAL A 61 4.72 -3.55 4.51
C VAL A 61 4.24 -4.95 4.87
N GLN A 62 5.15 -5.89 4.61
CA GLN A 62 5.10 -7.30 4.87
C GLN A 62 5.18 -7.67 6.36
N ASN A 63 5.95 -6.93 7.18
CA ASN A 63 6.01 -7.13 8.64
C ASN A 63 4.84 -6.45 9.38
N PHE A 64 4.35 -5.31 8.89
CA PHE A 64 3.05 -4.77 9.29
C PHE A 64 1.92 -5.76 9.00
N LEU A 65 2.03 -6.48 7.88
CA LEU A 65 1.05 -7.47 7.45
C LEU A 65 1.58 -8.89 7.48
N SER A 66 2.16 -9.16 8.64
CA SER A 66 2.38 -10.45 9.31
C SER A 66 1.05 -11.17 9.65
N ASP A 67 0.17 -11.16 8.65
CA ASP A 67 -1.29 -11.33 8.64
C ASP A 67 -1.82 -11.78 7.26
N CYS A 68 -1.05 -11.55 6.20
CA CYS A 68 -1.57 -11.29 4.86
C CYS A 68 -0.64 -11.80 3.74
N THR A 69 -1.12 -11.74 2.49
CA THR A 69 -0.38 -12.12 1.28
C THR A 69 -0.36 -10.93 0.32
N ILE A 70 0.83 -10.46 -0.05
CA ILE A 70 1.03 -9.74 -1.32
C ILE A 70 1.27 -10.85 -2.37
N HIS A 71 0.96 -10.62 -3.65
CA HIS A 71 1.01 -11.65 -4.74
C HIS A 71 2.42 -12.23 -5.08
N ASP A 72 3.41 -11.97 -4.23
CA ASP A 72 4.82 -12.36 -4.30
C ASP A 72 5.51 -12.09 -2.95
N GLY A 73 5.31 -10.87 -2.45
CA GLY A 73 5.90 -10.31 -1.24
C GLY A 73 6.29 -8.84 -1.43
N ALA A 74 6.91 -8.54 -2.58
CA ALA A 74 7.36 -7.21 -2.95
C ALA A 74 6.96 -6.80 -4.37
N ALA A 75 6.48 -7.73 -5.20
CA ALA A 75 6.11 -7.44 -6.59
C ALA A 75 4.82 -6.59 -6.77
N GLY A 76 4.20 -6.14 -5.68
CA GLY A 76 2.99 -5.32 -5.71
C GLY A 76 3.14 -3.96 -5.02
N VAL A 77 4.22 -3.73 -4.29
CA VAL A 77 4.43 -2.55 -3.45
C VAL A 77 5.10 -1.43 -4.23
N HIS A 78 4.66 -0.22 -3.88
CA HIS A 78 5.25 1.05 -4.23
C HIS A 78 5.19 1.99 -3.02
N PHE A 79 6.07 2.98 -3.02
CA PHE A 79 6.09 4.04 -2.03
C PHE A 79 5.85 5.39 -2.69
N ILE A 80 5.37 6.34 -1.91
CA ILE A 80 5.22 7.73 -2.35
C ILE A 80 6.44 8.51 -1.91
N TYR A 81 6.70 9.46 -2.77
CA TYR A 81 7.98 10.06 -3.03
C TYR A 81 7.71 11.56 -3.17
N THR A 82 8.68 12.40 -2.85
CA THR A 82 8.35 13.73 -2.35
C THR A 82 7.92 14.84 -3.34
N ARG A 83 8.18 14.87 -4.65
CA ARG A 83 9.18 14.15 -5.49
C ARG A 83 10.23 15.13 -6.02
N GLU A 84 11.46 14.72 -6.31
CA GLU A 84 12.14 13.51 -5.82
C GLU A 84 12.73 13.76 -4.41
N GLY A 85 13.42 12.77 -3.84
CA GLY A 85 14.30 12.93 -2.68
C GLY A 85 14.26 11.77 -1.69
N ARG A 86 13.06 11.49 -1.16
CA ARG A 86 12.82 10.55 -0.05
C ARG A 86 11.39 10.01 -0.08
N GLN A 87 11.08 8.99 0.72
CA GLN A 87 9.70 8.57 0.93
C GLN A 87 8.88 9.64 1.68
N SER A 88 7.55 9.48 1.68
CA SER A 88 6.61 10.22 2.53
C SER A 88 5.76 9.20 3.34
N GLY A 89 4.89 9.68 4.22
CA GLY A 89 3.95 8.82 4.98
C GLY A 89 2.74 8.35 4.18
N GLU A 90 2.91 8.11 2.88
CA GLU A 90 2.01 7.30 2.08
C GLU A 90 2.75 6.30 1.20
N ALA A 91 2.06 5.22 0.86
CA ALA A 91 2.51 4.10 0.02
C ALA A 91 1.31 3.33 -0.53
N PHE A 92 1.51 2.39 -1.46
CA PHE A 92 0.43 1.67 -2.15
C PHE A 92 0.90 0.25 -2.54
N VAL A 93 0.09 -0.79 -2.32
CA VAL A 93 0.49 -2.21 -2.36
C VAL A 93 -0.59 -3.09 -2.99
N GLU A 94 -0.39 -3.54 -4.23
CA GLU A 94 -1.11 -4.66 -4.86
C GLU A 94 -0.92 -5.95 -4.03
N LEU A 95 -1.92 -6.32 -3.21
CA LEU A 95 -1.96 -7.59 -2.48
C LEU A 95 -2.10 -8.82 -3.39
N GLY A 96 -2.14 -10.02 -2.80
CA GLY A 96 -2.15 -11.29 -3.51
C GLY A 96 -3.53 -11.88 -3.81
N SER A 97 -4.57 -11.32 -3.20
CA SER A 97 -5.98 -11.43 -3.58
C SER A 97 -6.75 -10.26 -2.95
N GLU A 98 -8.03 -10.07 -3.28
CA GLU A 98 -8.87 -9.09 -2.56
C GLU A 98 -9.19 -9.57 -1.15
N ASP A 99 -9.14 -10.88 -0.89
CA ASP A 99 -9.19 -11.46 0.44
C ASP A 99 -8.01 -10.97 1.30
N ASP A 100 -6.84 -10.81 0.70
CA ASP A 100 -5.70 -10.09 1.28
C ASP A 100 -6.01 -8.60 1.48
N VAL A 101 -6.67 -7.91 0.55
CA VAL A 101 -7.07 -6.50 0.76
C VAL A 101 -7.91 -6.33 2.03
N LYS A 102 -8.94 -7.18 2.16
CA LYS A 102 -9.78 -7.43 3.33
C LYS A 102 -8.99 -7.75 4.60
N MET A 103 -7.98 -8.63 4.55
CA MET A 103 -7.07 -8.90 5.66
C MET A 103 -6.27 -7.66 6.07
N ALA A 104 -5.83 -6.86 5.11
CA ALA A 104 -5.12 -5.62 5.35
C ALA A 104 -6.03 -4.53 5.95
N LEU A 105 -7.34 -4.52 5.61
CA LEU A 105 -8.35 -3.67 6.27
C LEU A 105 -8.56 -4.00 7.76
N LYS A 106 -8.33 -5.24 8.21
CA LYS A 106 -8.34 -5.59 9.65
C LYS A 106 -7.46 -4.66 10.50
N LYS A 107 -6.41 -4.12 9.87
CA LYS A 107 -5.37 -3.25 10.45
C LYS A 107 -5.53 -1.77 10.05
N ASP A 108 -6.67 -1.34 9.48
CA ASP A 108 -6.80 -0.04 8.80
C ASP A 108 -6.64 1.26 9.61
N ARG A 109 -6.16 1.22 10.87
CA ARG A 109 -5.68 2.37 11.65
C ARG A 109 -4.75 1.93 12.80
N GLU A 110 -3.96 0.90 12.54
CA GLU A 110 -2.87 0.42 13.37
C GLU A 110 -1.74 1.45 13.55
N SER A 111 -0.66 1.02 14.20
CA SER A 111 0.68 1.58 14.04
C SER A 111 1.73 0.48 13.73
N MET A 112 2.81 0.85 13.02
CA MET A 112 4.00 0.02 12.79
C MET A 112 5.26 0.89 12.61
N GLY A 113 6.43 0.33 12.93
CA GLY A 113 7.69 1.07 13.10
C GLY A 113 7.66 1.94 14.36
N HIS A 114 7.01 3.10 14.27
CA HIS A 114 6.61 3.96 15.40
C HIS A 114 5.43 4.89 15.07
N ARG A 115 4.69 4.62 13.97
CA ARG A 115 3.84 5.57 13.22
C ARG A 115 2.53 4.91 12.76
N TYR A 116 1.48 5.71 12.50
CA TYR A 116 0.15 5.19 12.14
C TYR A 116 0.16 4.54 10.75
N ILE A 117 -0.66 3.50 10.60
CA ILE A 117 -0.83 2.75 9.36
C ILE A 117 -2.32 2.59 9.07
N GLU A 118 -2.93 3.66 8.58
CA GLU A 118 -4.21 3.57 7.90
C GLU A 118 -4.06 2.77 6.60
N VAL A 119 -4.99 1.84 6.35
CA VAL A 119 -4.99 0.98 5.15
C VAL A 119 -6.26 1.19 4.36
N PHE A 120 -6.19 1.97 3.29
CA PHE A 120 -7.31 2.16 2.40
C PHE A 120 -7.33 1.03 1.37
N LYS A 121 -8.54 0.59 1.07
CA LYS A 121 -8.88 -0.15 -0.14
C LYS A 121 -8.70 0.80 -1.31
N SER A 122 -8.00 0.37 -2.36
CA SER A 122 -7.50 1.27 -3.38
C SER A 122 -7.56 0.62 -4.76
N HIS A 123 -7.33 1.40 -5.80
CA HIS A 123 -7.26 0.91 -7.17
C HIS A 123 -6.05 1.49 -7.91
N ARG A 124 -5.61 0.81 -8.97
CA ARG A 124 -4.50 1.18 -9.87
C ARG A 124 -4.84 2.36 -10.81
N THR A 125 -5.45 3.40 -10.25
CA THR A 125 -5.93 4.63 -10.91
C THR A 125 -5.79 5.83 -9.96
N GLU A 126 -6.32 5.72 -8.75
CA GLU A 126 -5.94 6.57 -7.60
C GLU A 126 -4.44 6.44 -7.35
N MET A 127 -3.95 5.19 -7.27
CA MET A 127 -2.53 4.91 -7.14
C MET A 127 -1.68 5.48 -8.29
N ASP A 128 -2.17 5.34 -9.52
CA ASP A 128 -1.43 5.79 -10.70
C ASP A 128 -1.28 7.33 -10.74
N TRP A 129 -2.29 8.05 -10.23
CA TRP A 129 -2.27 9.48 -9.95
C TRP A 129 -1.22 9.79 -8.88
N VAL A 130 -1.33 9.20 -7.69
CA VAL A 130 -0.60 9.71 -6.53
C VAL A 130 0.91 9.50 -6.59
N LEU A 131 1.39 8.46 -7.29
CA LEU A 131 2.82 8.24 -7.48
C LEU A 131 3.48 9.29 -8.41
N LYS A 132 2.71 10.14 -9.11
CA LYS A 132 3.23 11.19 -10.02
C LYS A 132 3.26 12.58 -9.36
N HIS A 133 2.50 12.75 -8.28
CA HIS A 133 2.33 13.97 -7.50
C HIS A 133 3.65 14.61 -7.03
N SER A 134 3.75 15.94 -7.18
CA SER A 134 4.72 16.80 -6.48
C SER A 134 4.26 18.25 -6.39
N GLY A 135 3.55 18.73 -7.42
CA GLY A 135 2.92 20.05 -7.53
C GLY A 135 2.74 20.47 -8.99
N PRO A 136 1.69 20.01 -9.73
CA PRO A 136 0.61 19.10 -9.31
C PRO A 136 1.04 17.74 -8.74
N MET A 35 -15.94 -10.59 -3.87
CA MET A 35 -14.99 -11.72 -3.77
C MET A 35 -14.51 -12.13 -5.18
N MET A 36 -13.26 -11.77 -5.53
CA MET A 36 -12.58 -12.09 -6.81
C MET A 36 -13.26 -11.55 -8.10
N LEU A 37 -14.07 -10.48 -8.01
CA LEU A 37 -14.72 -9.82 -9.16
C LEU A 37 -14.93 -8.31 -8.97
N GLY A 38 -15.39 -7.63 -10.03
CA GLY A 38 -15.65 -6.18 -10.07
C GLY A 38 -16.76 -5.67 -9.13
N PRO A 39 -16.98 -4.35 -9.04
CA PRO A 39 -16.30 -3.29 -9.80
C PRO A 39 -14.96 -2.81 -9.19
N GLU A 40 -14.57 -3.31 -8.01
CA GLU A 40 -13.45 -2.76 -7.21
C GLU A 40 -12.05 -2.81 -7.87
N GLY A 41 -11.58 -3.87 -8.53
CA GLY A 41 -12.06 -5.26 -8.57
C GLY A 41 -11.67 -6.05 -9.84
N GLY A 42 -10.99 -5.42 -10.81
CA GLY A 42 -10.62 -6.01 -12.11
C GLY A 42 -9.35 -5.44 -12.75
N GLU A 43 -8.48 -4.81 -11.96
CA GLU A 43 -7.32 -4.01 -12.39
C GLU A 43 -6.15 -4.05 -11.40
N GLY A 44 -6.45 -4.14 -10.10
CA GLY A 44 -5.49 -4.53 -9.06
C GLY A 44 -6.10 -4.48 -7.66
N PHE A 45 -5.77 -5.45 -6.80
CA PHE A 45 -6.23 -5.54 -5.40
C PHE A 45 -5.51 -4.57 -4.47
N VAL A 46 -5.56 -3.29 -4.78
CA VAL A 46 -4.75 -2.30 -4.07
C VAL A 46 -5.34 -1.98 -2.71
N VAL A 47 -4.44 -1.81 -1.74
CA VAL A 47 -4.66 -0.92 -0.60
C VAL A 47 -3.62 0.18 -0.56
N LYS A 48 -4.06 1.40 -0.24
CA LYS A 48 -3.23 2.53 0.16
C LYS A 48 -2.82 2.30 1.61
N LEU A 49 -1.68 2.83 2.02
CA LEU A 49 -1.32 3.03 3.41
C LEU A 49 -0.97 4.49 3.66
N ARG A 50 -1.35 4.98 4.84
CA ARG A 50 -0.97 6.34 5.27
C ARG A 50 -0.61 6.43 6.75
N GLY A 51 0.55 7.00 7.02
CA GLY A 51 1.04 7.34 8.35
C GLY A 51 2.52 6.98 8.57
N LEU A 52 3.00 5.99 7.81
CA LEU A 52 4.30 5.30 7.89
C LEU A 52 5.55 6.19 8.09
N PRO A 53 6.65 5.64 8.66
CA PRO A 53 7.91 6.36 8.87
C PRO A 53 8.59 6.92 7.60
N TRP A 54 9.51 7.87 7.82
CA TRP A 54 10.41 8.50 6.84
C TRP A 54 11.33 7.53 6.05
N SER A 55 11.35 6.25 6.42
CA SER A 55 12.20 5.19 5.86
C SER A 55 11.50 3.81 5.87
N CYS A 56 10.16 3.78 5.80
CA CYS A 56 9.41 2.53 5.64
C CYS A 56 9.89 1.78 4.36
N SER A 57 9.81 0.46 4.37
CA SER A 57 10.26 -0.40 3.28
C SER A 57 9.27 -1.50 2.93
N VAL A 58 9.49 -2.09 1.77
CA VAL A 58 8.86 -3.29 1.26
C VAL A 58 8.91 -4.50 2.20
N GLU A 59 9.95 -4.64 3.00
CA GLU A 59 10.01 -5.66 4.03
C GLU A 59 9.12 -5.24 5.21
N ASP A 60 9.07 -3.96 5.53
CA ASP A 60 8.29 -3.37 6.61
C ASP A 60 6.77 -3.32 6.39
N VAL A 61 6.33 -3.42 5.13
CA VAL A 61 4.91 -3.38 4.74
C VAL A 61 4.38 -4.79 4.84
N GLN A 62 5.17 -5.71 4.30
CA GLN A 62 5.04 -7.14 4.43
C GLN A 62 5.25 -7.66 5.88
N ASN A 63 5.89 -6.87 6.76
CA ASN A 63 5.99 -7.08 8.21
C ASN A 63 4.75 -6.55 8.95
N PHE A 64 4.30 -5.32 8.66
CA PHE A 64 3.03 -4.79 9.15
C PHE A 64 1.84 -5.68 8.78
N LEU A 65 1.98 -6.38 7.65
CA LEU A 65 1.00 -7.31 7.09
C LEU A 65 1.58 -8.70 6.87
N SER A 66 2.31 -9.12 7.89
CA SER A 66 2.67 -10.53 8.14
C SER A 66 1.43 -11.46 8.25
N ASP A 67 0.24 -10.87 8.43
CA ASP A 67 -1.09 -11.47 8.24
C ASP A 67 -1.35 -11.99 6.81
N CYS A 68 -0.68 -11.40 5.81
CA CYS A 68 -1.27 -11.13 4.51
C CYS A 68 -0.42 -11.61 3.33
N THR A 69 -1.03 -11.66 2.14
CA THR A 69 -0.40 -12.09 0.89
C THR A 69 -0.49 -10.99 -0.15
N ILE A 70 0.61 -10.71 -0.84
CA ILE A 70 0.72 -9.63 -1.83
C ILE A 70 0.94 -10.28 -3.20
N HIS A 71 0.58 -9.56 -4.25
CA HIS A 71 0.78 -9.95 -5.65
C HIS A 71 2.01 -9.23 -6.20
N ASP A 72 3.06 -10.02 -6.50
CA ASP A 72 4.42 -9.61 -6.87
C ASP A 72 5.31 -9.14 -5.69
N GLY A 73 4.76 -9.09 -4.47
CA GLY A 73 5.48 -9.17 -3.19
C GLY A 73 6.21 -7.90 -2.75
N ALA A 74 7.15 -7.47 -3.57
CA ALA A 74 8.01 -6.29 -3.47
C ALA A 74 7.92 -5.42 -4.74
N ALA A 75 7.41 -6.00 -5.83
CA ALA A 75 6.96 -5.35 -7.05
C ALA A 75 5.42 -5.20 -7.05
N GLY A 76 4.81 -5.11 -5.86
CA GLY A 76 3.38 -4.97 -5.61
C GLY A 76 3.14 -4.12 -4.37
N VAL A 77 4.15 -3.35 -3.96
CA VAL A 77 4.20 -2.44 -2.84
C VAL A 77 5.03 -1.24 -3.31
N HIS A 78 4.50 -0.04 -3.10
CA HIS A 78 4.97 1.18 -3.73
C HIS A 78 4.97 2.30 -2.71
N PHE A 79 6.16 2.71 -2.32
CA PHE A 79 6.34 3.76 -1.33
C PHE A 79 6.20 5.12 -1.98
N ILE A 80 5.45 6.02 -1.34
CA ILE A 80 5.13 7.34 -1.86
C ILE A 80 6.12 8.35 -1.33
N TYR A 81 6.61 9.04 -2.33
CA TYR A 81 7.53 10.14 -2.28
C TYR A 81 6.73 11.43 -2.48
N THR A 82 7.38 12.51 -2.88
CA THR A 82 6.72 13.82 -3.04
C THR A 82 7.16 14.47 -4.34
N ARG A 83 6.52 15.60 -4.67
CA ARG A 83 7.02 16.62 -5.61
C ARG A 83 8.44 17.18 -5.31
N GLU A 84 9.09 16.74 -4.23
CA GLU A 84 10.36 17.24 -3.67
C GLU A 84 11.47 16.17 -3.58
N GLY A 85 11.20 14.91 -3.98
CA GLY A 85 12.17 13.81 -3.95
C GLY A 85 12.37 13.14 -2.58
N ARG A 86 11.29 13.06 -1.81
CA ARG A 86 11.29 12.84 -0.35
C ARG A 86 10.08 12.02 0.10
N GLN A 87 10.25 11.03 0.98
CA GLN A 87 9.13 10.19 1.45
C GLN A 87 8.04 11.01 2.16
N SER A 88 6.79 10.59 1.96
CA SER A 88 5.57 11.31 2.43
C SER A 88 4.82 10.56 3.56
N GLY A 89 5.39 9.47 4.09
CA GLY A 89 4.70 8.51 4.98
C GLY A 89 3.40 7.97 4.38
N GLU A 90 3.44 7.62 3.10
CA GLU A 90 2.38 6.91 2.39
C GLU A 90 2.96 5.77 1.56
N ALA A 91 2.10 4.83 1.19
CA ALA A 91 2.39 3.75 0.26
C ALA A 91 1.10 3.25 -0.41
N PHE A 92 1.20 2.36 -1.39
CA PHE A 92 0.10 1.66 -2.06
C PHE A 92 0.56 0.22 -2.42
N VAL A 93 -0.32 -0.78 -2.37
CA VAL A 93 0.04 -2.20 -2.29
C VAL A 93 -0.99 -3.07 -3.02
N GLU A 94 -0.64 -3.65 -4.16
CA GLU A 94 -1.43 -4.64 -4.92
C GLU A 94 -1.39 -6.02 -4.23
N LEU A 95 -2.44 -6.39 -3.50
CA LEU A 95 -2.49 -7.66 -2.77
C LEU A 95 -2.73 -8.89 -3.65
N GLY A 96 -2.43 -10.05 -3.06
CA GLY A 96 -2.52 -11.38 -3.66
C GLY A 96 -3.95 -11.89 -3.87
N SER A 97 -4.94 -11.24 -3.26
CA SER A 97 -6.37 -11.43 -3.52
C SER A 97 -7.22 -10.28 -2.95
N GLU A 98 -8.52 -10.29 -3.21
CA GLU A 98 -9.49 -9.41 -2.54
C GLU A 98 -9.62 -9.71 -1.04
N ASP A 99 -9.37 -10.94 -0.61
CA ASP A 99 -9.39 -11.35 0.80
C ASP A 99 -8.11 -10.92 1.52
N ASP A 100 -6.97 -10.86 0.82
CA ASP A 100 -5.77 -10.12 1.23
C ASP A 100 -6.04 -8.62 1.39
N VAL A 101 -6.71 -7.96 0.44
CA VAL A 101 -7.20 -6.57 0.65
C VAL A 101 -7.98 -6.44 1.96
N LYS A 102 -9.01 -7.28 2.18
CA LYS A 102 -9.81 -7.32 3.41
C LYS A 102 -9.02 -7.67 4.68
N MET A 103 -8.03 -8.55 4.62
CA MET A 103 -7.09 -8.81 5.72
C MET A 103 -6.21 -7.61 6.06
N ALA A 104 -5.81 -6.88 5.03
CA ALA A 104 -5.10 -5.61 5.18
C ALA A 104 -5.98 -4.51 5.81
N LEU A 105 -7.28 -4.44 5.47
CA LEU A 105 -8.25 -3.55 6.14
C LEU A 105 -8.43 -3.83 7.64
N LYS A 106 -8.20 -5.06 8.14
CA LYS A 106 -8.20 -5.33 9.60
C LYS A 106 -7.29 -4.37 10.39
N LYS A 107 -6.24 -3.88 9.74
CA LYS A 107 -5.18 -3.03 10.30
C LYS A 107 -5.38 -1.54 10.06
N ASP A 108 -6.54 -1.09 9.58
CA ASP A 108 -6.72 0.23 8.94
C ASP A 108 -6.42 1.51 9.75
N ARG A 109 -5.89 1.42 10.97
CA ARG A 109 -5.38 2.54 11.77
C ARG A 109 -4.31 2.15 12.81
N GLU A 110 -3.68 0.98 12.67
CA GLU A 110 -2.67 0.49 13.63
C GLU A 110 -1.26 1.04 13.34
N SER A 111 -0.16 0.39 13.70
CA SER A 111 1.18 1.00 13.75
C SER A 111 2.36 0.13 13.28
N MET A 112 3.38 0.77 12.71
CA MET A 112 4.70 0.19 12.42
C MET A 112 5.78 1.29 12.31
N GLY A 113 6.34 1.79 13.41
CA GLY A 113 6.13 1.39 14.82
C GLY A 113 6.14 2.55 15.81
N HIS A 114 7.06 3.51 15.64
CA HIS A 114 6.98 4.87 16.23
C HIS A 114 5.95 5.77 15.51
N ARG A 115 5.09 5.17 14.66
CA ARG A 115 4.29 5.78 13.59
C ARG A 115 3.06 4.94 13.29
N TYR A 116 2.06 5.57 12.70
CA TYR A 116 0.79 4.93 12.34
C TYR A 116 0.74 4.46 10.89
N ILE A 117 -0.16 3.52 10.65
CA ILE A 117 -0.37 2.87 9.37
C ILE A 117 -1.88 2.69 9.20
N GLU A 118 -2.55 3.70 8.64
CA GLU A 118 -3.85 3.47 8.04
C GLU A 118 -3.72 2.48 6.87
N VAL A 119 -4.81 1.78 6.53
CA VAL A 119 -4.93 0.92 5.33
C VAL A 119 -6.26 1.17 4.64
N PHE A 120 -6.19 1.79 3.48
CA PHE A 120 -7.37 2.14 2.69
C PHE A 120 -7.53 1.22 1.49
N LYS A 121 -8.77 0.92 1.14
CA LYS A 121 -9.20 0.27 -0.11
C LYS A 121 -8.92 1.22 -1.27
N SER A 122 -8.35 0.70 -2.35
CA SER A 122 -7.75 1.49 -3.42
C SER A 122 -7.76 0.71 -4.74
N HIS A 123 -7.31 1.33 -5.84
CA HIS A 123 -7.34 0.73 -7.18
C HIS A 123 -5.99 0.95 -7.91
N ARG A 124 -5.83 0.36 -9.10
CA ARG A 124 -4.65 0.64 -9.95
C ARG A 124 -4.66 2.09 -10.49
N THR A 125 -5.82 2.58 -10.92
CA THR A 125 -5.94 3.79 -11.75
C THR A 125 -5.51 5.08 -11.04
N GLU A 126 -5.99 5.33 -9.81
CA GLU A 126 -5.53 6.48 -9.03
C GLU A 126 -4.13 6.28 -8.46
N MET A 127 -3.75 5.04 -8.12
CA MET A 127 -2.39 4.71 -7.68
C MET A 127 -1.34 5.13 -8.72
N ASP A 128 -1.63 4.87 -9.98
CA ASP A 128 -0.76 5.24 -11.10
C ASP A 128 -0.63 6.77 -11.28
N TRP A 129 -1.51 7.55 -10.67
CA TRP A 129 -1.41 9.01 -10.53
C TRP A 129 -0.62 9.39 -9.26
N VAL A 130 -0.95 8.84 -8.10
CA VAL A 130 -0.43 9.36 -6.82
C VAL A 130 1.07 9.08 -6.60
N LEU A 131 1.64 8.10 -7.30
CA LEU A 131 3.09 7.89 -7.43
C LEU A 131 3.73 8.83 -8.48
N LYS A 132 3.00 9.22 -9.52
CA LYS A 132 3.46 10.01 -10.67
C LYS A 132 3.65 11.49 -10.35
N HIS A 133 2.95 11.93 -9.31
CA HIS A 133 3.27 13.06 -8.44
C HIS A 133 4.78 13.20 -8.09
N SER A 134 5.53 12.09 -8.07
CA SER A 134 6.93 12.01 -7.62
C SER A 134 7.87 11.29 -8.60
N GLY A 135 7.46 11.07 -9.86
CA GLY A 135 8.27 10.35 -10.86
C GLY A 135 7.66 10.28 -12.28
N PRO A 136 8.27 9.52 -13.20
CA PRO A 136 7.74 9.19 -14.53
C PRO A 136 6.29 8.64 -14.54
N MET A 35 -15.39 1.80 -5.28
CA MET A 35 -14.39 1.71 -4.19
C MET A 35 -15.04 2.04 -2.85
N MET A 36 -14.70 1.29 -1.78
CA MET A 36 -15.29 1.41 -0.42
C MET A 36 -16.83 1.26 -0.37
N LEU A 37 -17.39 0.41 -1.24
CA LEU A 37 -18.81 0.07 -1.34
C LEU A 37 -19.09 -1.43 -1.17
N GLY A 38 -18.05 -2.28 -1.14
CA GLY A 38 -18.18 -3.71 -0.88
C GLY A 38 -16.90 -4.52 -1.18
N PRO A 39 -17.00 -5.84 -1.40
CA PRO A 39 -15.94 -6.64 -2.01
C PRO A 39 -15.69 -6.15 -3.45
N GLU A 40 -14.52 -5.56 -3.71
CA GLU A 40 -14.21 -4.76 -4.92
C GLU A 40 -12.71 -4.80 -5.23
N GLY A 41 -12.39 -5.14 -6.49
CA GLY A 41 -11.06 -5.24 -7.09
C GLY A 41 -11.16 -5.88 -8.49
N GLY A 42 -10.03 -6.02 -9.20
CA GLY A 42 -9.96 -6.78 -10.46
C GLY A 42 -9.03 -6.18 -11.52
N GLU A 43 -8.95 -4.86 -11.63
CA GLU A 43 -7.81 -4.17 -12.24
C GLU A 43 -6.54 -4.27 -11.36
N GLY A 44 -6.75 -4.54 -10.07
CA GLY A 44 -5.75 -4.84 -9.07
C GLY A 44 -6.38 -5.20 -7.72
N PHE A 45 -5.54 -5.29 -6.70
CA PHE A 45 -5.89 -5.50 -5.28
C PHE A 45 -5.17 -4.48 -4.42
N VAL A 46 -5.15 -3.24 -4.88
CA VAL A 46 -4.36 -2.22 -4.19
C VAL A 46 -4.97 -1.89 -2.84
N VAL A 47 -4.11 -1.70 -1.86
CA VAL A 47 -4.39 -0.91 -0.67
C VAL A 47 -3.42 0.25 -0.53
N LYS A 48 -3.97 1.43 -0.30
CA LYS A 48 -3.26 2.64 0.10
C LYS A 48 -2.85 2.46 1.56
N LEU A 49 -1.73 3.06 1.93
CA LEU A 49 -1.06 2.94 3.22
C LEU A 49 -0.62 4.32 3.64
N ARG A 50 -1.14 4.82 4.76
CA ARG A 50 -0.85 6.17 5.28
C ARG A 50 -0.54 6.16 6.77
N GLY A 51 0.48 6.91 7.19
CA GLY A 51 0.83 7.11 8.60
C GLY A 51 2.26 6.65 8.96
N LEU A 52 2.73 5.66 8.22
CA LEU A 52 4.04 4.99 8.25
C LEU A 52 5.23 5.97 8.46
N PRO A 53 6.38 5.48 8.98
CA PRO A 53 7.60 6.28 9.14
C PRO A 53 8.04 6.91 7.82
N TRP A 54 8.57 8.13 7.87
CA TRP A 54 9.14 8.86 6.73
C TRP A 54 10.51 8.31 6.29
N SER A 55 10.71 6.99 6.31
CA SER A 55 11.76 6.19 5.64
C SER A 55 11.39 4.68 5.56
N CYS A 56 10.09 4.34 5.63
CA CYS A 56 9.56 2.98 5.56
C CYS A 56 9.93 2.25 4.23
N SER A 57 9.86 0.91 4.22
CA SER A 57 10.13 0.09 3.02
C SER A 57 9.26 -1.14 2.93
N VAL A 58 9.34 -1.80 1.78
CA VAL A 58 8.85 -3.12 1.46
C VAL A 58 9.02 -4.21 2.51
N GLU A 59 10.08 -4.21 3.32
CA GLU A 59 10.23 -5.21 4.38
C GLU A 59 9.39 -4.88 5.60
N ASP A 60 8.86 -3.66 5.63
CA ASP A 60 8.21 -2.99 6.74
C ASP A 60 6.70 -2.77 6.51
N VAL A 61 6.28 -2.91 5.25
CA VAL A 61 4.87 -2.97 4.82
C VAL A 61 4.42 -4.41 4.98
N GLN A 62 5.34 -5.32 4.64
CA GLN A 62 5.30 -6.74 4.88
C GLN A 62 5.59 -7.14 6.34
N ASN A 63 6.22 -6.28 7.16
CA ASN A 63 6.21 -6.38 8.64
C ASN A 63 4.82 -6.07 9.20
N PHE A 64 4.22 -4.92 8.83
CA PHE A 64 2.88 -4.56 9.26
C PHE A 64 1.85 -5.58 8.81
N LEU A 65 2.00 -6.11 7.61
CA LEU A 65 1.11 -7.11 7.01
C LEU A 65 1.79 -8.45 6.80
N SER A 66 2.56 -8.81 7.81
CA SER A 66 2.93 -10.18 8.15
C SER A 66 1.69 -11.08 8.38
N ASP A 67 0.53 -10.45 8.62
CA ASP A 67 -0.83 -11.00 8.52
C ASP A 67 -1.22 -11.52 7.13
N CYS A 68 -0.60 -11.05 6.04
CA CYS A 68 -1.24 -10.90 4.74
C CYS A 68 -0.38 -11.36 3.56
N THR A 69 -1.03 -11.73 2.45
CA THR A 69 -0.38 -12.07 1.17
C THR A 69 -0.40 -10.85 0.26
N ILE A 70 0.77 -10.43 -0.21
CA ILE A 70 0.92 -9.54 -1.38
C ILE A 70 1.06 -10.43 -2.63
N HIS A 71 0.83 -9.88 -3.81
CA HIS A 71 0.90 -10.58 -5.11
C HIS A 71 2.33 -11.00 -5.55
N ASP A 72 3.32 -10.59 -4.77
CA ASP A 72 4.71 -11.06 -4.81
C ASP A 72 5.40 -10.87 -3.44
N GLY A 73 5.37 -9.63 -2.95
CA GLY A 73 6.03 -9.18 -1.72
C GLY A 73 6.60 -7.78 -1.84
N ALA A 74 7.23 -7.49 -2.97
CA ALA A 74 7.78 -6.19 -3.35
C ALA A 74 7.29 -5.76 -4.74
N ALA A 75 7.00 -6.71 -5.62
CA ALA A 75 6.49 -6.44 -6.97
C ALA A 75 4.99 -6.08 -6.99
N GLY A 76 4.41 -5.71 -5.83
CA GLY A 76 3.09 -5.13 -5.73
C GLY A 76 3.11 -3.81 -4.95
N VAL A 77 4.20 -3.50 -4.24
CA VAL A 77 4.28 -2.41 -3.30
C VAL A 77 4.95 -1.18 -3.93
N HIS A 78 4.61 -0.01 -3.42
CA HIS A 78 5.10 1.28 -3.87
C HIS A 78 5.12 2.24 -2.68
N PHE A 79 6.06 3.19 -2.68
CA PHE A 79 6.29 4.14 -1.61
C PHE A 79 6.32 5.56 -2.19
N ILE A 80 5.46 6.43 -1.69
CA ILE A 80 5.15 7.75 -2.27
C ILE A 80 6.29 8.73 -2.06
N TYR A 81 6.36 9.64 -3.00
CA TYR A 81 7.58 10.26 -3.44
C TYR A 81 7.47 11.77 -3.25
N THR A 82 8.13 12.29 -2.21
CA THR A 82 7.88 13.65 -1.67
C THR A 82 7.98 14.75 -2.70
N ARG A 83 9.07 14.75 -3.48
CA ARG A 83 9.32 15.70 -4.58
C ARG A 83 10.14 15.13 -5.73
N GLU A 84 11.15 14.30 -5.41
CA GLU A 84 12.21 13.89 -6.36
C GLU A 84 12.35 12.37 -6.52
N GLY A 85 12.09 11.58 -5.46
CA GLY A 85 12.17 10.11 -5.50
C GLY A 85 12.48 9.45 -4.15
N ARG A 86 11.80 9.88 -3.08
CA ARG A 86 12.10 9.50 -1.69
C ARG A 86 10.85 9.50 -0.81
N GLN A 87 10.81 8.67 0.24
CA GLN A 87 9.59 8.35 1.00
C GLN A 87 8.94 9.56 1.70
N SER A 88 7.61 9.64 1.60
CA SER A 88 6.74 10.18 2.64
C SER A 88 6.24 9.04 3.54
N GLY A 89 5.45 9.33 4.58
CA GLY A 89 4.69 8.33 5.35
C GLY A 89 3.44 7.84 4.62
N GLU A 90 3.58 7.60 3.32
CA GLU A 90 2.54 7.11 2.43
C GLU A 90 3.08 6.12 1.39
N ALA A 91 2.23 5.18 1.01
CA ALA A 91 2.54 4.02 0.20
C ALA A 91 1.25 3.39 -0.36
N PHE A 92 1.37 2.43 -1.28
CA PHE A 92 0.26 1.72 -1.94
C PHE A 92 0.74 0.31 -2.32
N VAL A 93 -0.09 -0.73 -2.22
CA VAL A 93 0.30 -2.15 -2.25
C VAL A 93 -0.76 -3.00 -2.97
N GLU A 94 -0.46 -3.49 -4.17
CA GLU A 94 -1.17 -4.58 -4.86
C GLU A 94 -1.10 -5.88 -4.05
N LEU A 95 -2.11 -6.18 -3.24
CA LEU A 95 -2.18 -7.44 -2.48
C LEU A 95 -2.37 -8.68 -3.38
N GLY A 96 -2.27 -9.86 -2.78
CA GLY A 96 -2.25 -11.15 -3.48
C GLY A 96 -3.63 -11.79 -3.71
N SER A 97 -4.68 -11.19 -3.16
CA SER A 97 -6.10 -11.38 -3.50
C SER A 97 -6.91 -10.21 -2.92
N GLU A 98 -8.20 -10.08 -3.25
CA GLU A 98 -9.05 -9.08 -2.58
C GLU A 98 -9.41 -9.50 -1.13
N ASP A 99 -9.34 -10.78 -0.78
CA ASP A 99 -9.41 -11.20 0.61
C ASP A 99 -8.16 -10.77 1.39
N ASP A 100 -6.99 -10.72 0.76
CA ASP A 100 -5.83 -9.97 1.25
C ASP A 100 -6.15 -8.49 1.44
N VAL A 101 -6.82 -7.82 0.48
CA VAL A 101 -7.22 -6.42 0.66
C VAL A 101 -8.00 -6.22 1.96
N LYS A 102 -9.04 -7.02 2.18
CA LYS A 102 -9.79 -7.18 3.42
C LYS A 102 -8.94 -7.49 4.66
N MET A 103 -7.99 -8.42 4.59
CA MET A 103 -7.04 -8.74 5.68
C MET A 103 -6.07 -7.60 6.01
N ALA A 104 -5.93 -6.65 5.09
CA ALA A 104 -5.27 -5.37 5.30
C ALA A 104 -6.25 -4.27 5.81
N LEU A 105 -7.50 -4.24 5.33
CA LEU A 105 -8.55 -3.34 5.84
C LEU A 105 -8.94 -3.60 7.30
N LYS A 106 -8.85 -4.85 7.78
CA LYS A 106 -9.03 -5.18 9.21
C LYS A 106 -8.06 -4.41 10.14
N LYS A 107 -6.94 -3.95 9.57
CA LYS A 107 -5.84 -3.24 10.23
C LYS A 107 -5.86 -1.73 9.97
N ASP A 108 -6.93 -1.21 9.36
CA ASP A 108 -7.00 0.15 8.79
C ASP A 108 -6.71 1.38 9.68
N ARG A 109 -6.34 1.20 10.95
CA ARG A 109 -5.94 2.23 11.90
C ARG A 109 -4.86 1.80 12.91
N GLU A 110 -4.29 0.60 12.74
CA GLU A 110 -3.38 -0.01 13.72
C GLU A 110 -1.91 0.34 13.41
N SER A 111 -0.92 -0.33 14.00
CA SER A 111 0.51 0.07 13.93
C SER A 111 1.47 -1.09 13.59
N MET A 112 2.65 -0.74 13.08
CA MET A 112 3.73 -1.68 12.76
C MET A 112 4.56 -2.11 14.00
N GLY A 113 4.12 -1.73 15.19
CA GLY A 113 4.82 -1.88 16.47
C GLY A 113 5.41 -0.57 17.02
N HIS A 114 5.40 0.51 16.23
CA HIS A 114 5.97 1.81 16.60
C HIS A 114 5.30 3.04 15.95
N ARG A 115 4.75 2.91 14.72
CA ARG A 115 4.04 3.96 13.96
C ARG A 115 2.76 3.43 13.35
N TYR A 116 1.85 4.35 13.06
CA TYR A 116 0.51 4.00 12.61
C TYR A 116 0.39 3.84 11.10
N ILE A 117 -0.44 2.88 10.73
CA ILE A 117 -0.57 2.40 9.37
C ILE A 117 -2.05 2.30 9.05
N GLU A 118 -2.65 3.44 8.69
CA GLU A 118 -3.96 3.42 8.06
C GLU A 118 -3.88 2.65 6.74
N VAL A 119 -4.87 1.80 6.48
CA VAL A 119 -4.98 1.02 5.23
C VAL A 119 -6.32 1.29 4.59
N PHE A 120 -6.27 1.90 3.42
CA PHE A 120 -7.44 2.14 2.59
C PHE A 120 -7.44 1.19 1.42
N LYS A 121 -8.63 0.84 0.96
CA LYS A 121 -8.83 0.22 -0.34
C LYS A 121 -8.43 1.21 -1.42
N SER A 122 -7.92 0.68 -2.52
CA SER A 122 -7.35 1.45 -3.61
C SER A 122 -7.58 0.69 -4.93
N HIS A 123 -7.25 1.32 -6.04
CA HIS A 123 -7.26 0.69 -7.35
C HIS A 123 -6.00 1.07 -8.15
N ARG A 124 -5.60 0.26 -9.13
CA ARG A 124 -4.46 0.51 -10.02
C ARG A 124 -4.53 1.91 -10.66
N THR A 125 -5.70 2.34 -11.11
CA THR A 125 -5.94 3.67 -11.70
C THR A 125 -5.70 4.81 -10.69
N GLU A 126 -6.21 4.68 -9.46
CA GLU A 126 -6.06 5.68 -8.40
C GLU A 126 -4.62 5.74 -7.89
N MET A 127 -4.00 4.58 -7.66
CA MET A 127 -2.59 4.44 -7.33
C MET A 127 -1.66 5.05 -8.39
N ASP A 128 -1.96 4.83 -9.66
CA ASP A 128 -1.16 5.36 -10.77
C ASP A 128 -1.16 6.90 -10.77
N TRP A 129 -2.31 7.50 -10.44
CA TRP A 129 -2.50 8.93 -10.21
C TRP A 129 -1.60 9.41 -9.06
N VAL A 130 -1.68 8.79 -7.88
CA VAL A 130 -1.06 9.37 -6.69
C VAL A 130 0.47 9.25 -6.64
N LEU A 131 1.07 8.24 -7.28
CA LEU A 131 2.53 8.10 -7.40
C LEU A 131 3.17 9.14 -8.34
N LYS A 132 2.37 9.86 -9.14
CA LYS A 132 2.83 10.87 -10.12
C LYS A 132 2.42 12.27 -9.69
N HIS A 133 1.15 12.43 -9.29
CA HIS A 133 0.51 13.53 -8.54
C HIS A 133 0.61 14.98 -9.08
N SER A 134 1.73 15.40 -9.68
CA SER A 134 1.82 16.63 -10.48
C SER A 134 1.14 16.52 -11.86
N GLY A 135 0.69 15.31 -12.25
CA GLY A 135 0.03 15.01 -13.52
C GLY A 135 -0.24 13.52 -13.74
N PRO A 136 -0.79 13.12 -14.91
CA PRO A 136 -0.94 11.73 -15.35
C PRO A 136 0.39 11.12 -15.85
N MET A 35 0.94 -7.82 -14.02
CA MET A 35 0.82 -7.79 -15.48
C MET A 35 1.75 -6.72 -16.06
N MET A 36 2.29 -6.93 -17.26
CA MET A 36 3.31 -6.09 -17.91
C MET A 36 2.97 -4.58 -18.03
N LEU A 37 1.69 -4.20 -17.92
CA LEU A 37 1.21 -2.82 -17.86
C LEU A 37 1.66 -2.02 -16.62
N GLY A 38 2.25 -2.69 -15.62
CA GLY A 38 2.93 -2.05 -14.48
C GLY A 38 3.49 -3.06 -13.47
N PRO A 39 2.91 -3.18 -12.26
CA PRO A 39 3.36 -4.09 -11.20
C PRO A 39 3.02 -5.57 -11.50
N GLU A 40 3.39 -6.46 -10.57
CA GLU A 40 2.88 -7.84 -10.48
C GLU A 40 2.09 -8.04 -9.16
N GLY A 41 0.83 -7.59 -9.08
CA GLY A 41 0.05 -6.90 -10.11
C GLY A 41 -1.03 -7.79 -10.74
N GLY A 42 -2.03 -8.20 -9.96
CA GLY A 42 -3.25 -8.86 -10.41
C GLY A 42 -3.98 -8.29 -11.64
N GLU A 43 -4.24 -6.98 -11.79
CA GLU A 43 -3.86 -5.81 -10.99
C GLU A 43 -5.11 -5.01 -10.54
N GLY A 44 -5.39 -5.08 -9.25
CA GLY A 44 -6.55 -4.42 -8.61
C GLY A 44 -6.69 -4.62 -7.10
N PHE A 45 -5.89 -5.49 -6.48
CA PHE A 45 -5.86 -5.70 -5.03
C PHE A 45 -5.06 -4.65 -4.28
N VAL A 46 -5.01 -3.43 -4.80
CA VAL A 46 -4.25 -2.38 -4.13
C VAL A 46 -4.88 -2.05 -2.79
N VAL A 47 -4.03 -1.87 -1.79
CA VAL A 47 -4.33 -1.08 -0.63
C VAL A 47 -3.35 0.08 -0.52
N LYS A 48 -3.89 1.28 -0.38
CA LYS A 48 -3.17 2.50 -0.02
C LYS A 48 -2.83 2.40 1.46
N LEU A 49 -1.68 2.90 1.86
CA LEU A 49 -1.23 2.99 3.22
C LEU A 49 -0.83 4.42 3.51
N ARG A 50 -1.31 4.96 4.63
CA ARG A 50 -1.04 6.34 5.03
C ARG A 50 -0.77 6.48 6.52
N GLY A 51 0.37 7.07 6.84
CA GLY A 51 0.79 7.40 8.20
C GLY A 51 2.24 7.01 8.51
N LEU A 52 2.71 5.95 7.83
CA LEU A 52 4.02 5.26 7.92
C LEU A 52 5.26 6.14 8.17
N PRO A 53 6.37 5.56 8.69
CA PRO A 53 7.65 6.25 8.85
C PRO A 53 8.16 6.89 7.54
N TRP A 54 8.84 8.04 7.62
CA TRP A 54 9.50 8.73 6.50
C TRP A 54 10.74 8.00 5.92
N SER A 55 10.92 6.72 6.24
CA SER A 55 11.89 5.78 5.67
C SER A 55 11.34 4.35 5.54
N CYS A 56 10.00 4.20 5.51
CA CYS A 56 9.31 2.90 5.37
C CYS A 56 9.72 2.15 4.08
N SER A 57 9.64 0.82 4.09
CA SER A 57 9.95 -0.03 2.93
C SER A 57 9.08 -1.27 2.86
N VAL A 58 9.17 -1.95 1.73
CA VAL A 58 8.73 -3.30 1.48
C VAL A 58 8.95 -4.34 2.59
N GLU A 59 10.03 -4.28 3.36
CA GLU A 59 10.23 -5.26 4.45
C GLU A 59 9.30 -4.94 5.62
N ASP A 60 9.08 -3.65 5.84
CA ASP A 60 8.22 -3.00 6.82
C ASP A 60 6.72 -3.11 6.50
N VAL A 61 6.35 -3.24 5.23
CA VAL A 61 4.95 -3.21 4.76
C VAL A 61 4.40 -4.64 4.84
N GLN A 62 5.32 -5.57 4.69
CA GLN A 62 5.19 -7.00 4.81
C GLN A 62 5.31 -7.46 6.27
N ASN A 63 6.05 -6.72 7.09
CA ASN A 63 6.05 -6.79 8.55
C ASN A 63 4.74 -6.26 9.14
N PHE A 64 4.22 -5.13 8.63
CA PHE A 64 2.91 -4.61 9.01
C PHE A 64 1.80 -5.62 8.70
N LEU A 65 1.97 -6.34 7.60
CA LEU A 65 1.02 -7.34 7.10
C LEU A 65 1.62 -8.74 7.11
N SER A 66 2.17 -9.04 8.28
CA SER A 66 2.58 -10.38 8.73
C SER A 66 1.48 -11.43 8.52
N ASP A 67 0.23 -10.95 8.50
CA ASP A 67 -1.06 -11.60 8.32
C ASP A 67 -1.33 -12.08 6.88
N CYS A 68 -0.62 -11.53 5.90
CA CYS A 68 -1.19 -11.26 4.57
C CYS A 68 -0.29 -11.70 3.41
N THR A 69 -0.93 -12.05 2.29
CA THR A 69 -0.29 -12.31 1.00
C THR A 69 -0.30 -11.02 0.16
N ILE A 70 0.86 -10.52 -0.21
CA ILE A 70 1.01 -9.67 -1.41
C ILE A 70 1.27 -10.64 -2.58
N HIS A 71 0.91 -10.28 -3.81
CA HIS A 71 1.02 -11.12 -5.02
C HIS A 71 2.47 -11.54 -5.44
N ASP A 72 3.45 -11.22 -4.61
CA ASP A 72 4.87 -11.58 -4.70
C ASP A 72 5.58 -11.36 -3.34
N GLY A 73 5.49 -10.12 -2.85
CA GLY A 73 6.10 -9.63 -1.62
C GLY A 73 6.59 -8.18 -1.74
N ALA A 74 7.19 -7.85 -2.88
CA ALA A 74 7.69 -6.53 -3.25
C ALA A 74 7.14 -6.10 -4.62
N ALA A 75 6.82 -7.06 -5.49
CA ALA A 75 6.39 -6.75 -6.86
C ALA A 75 4.96 -6.18 -6.96
N GLY A 76 4.24 -6.02 -5.83
CA GLY A 76 2.93 -5.39 -5.80
C GLY A 76 2.98 -4.09 -4.99
N VAL A 77 4.05 -3.88 -4.24
CA VAL A 77 4.23 -2.73 -3.39
C VAL A 77 4.87 -1.57 -4.14
N HIS A 78 4.51 -0.37 -3.72
CA HIS A 78 4.99 0.90 -4.21
C HIS A 78 5.01 1.88 -3.04
N PHE A 79 5.89 2.88 -3.12
CA PHE A 79 6.08 3.86 -2.06
C PHE A 79 5.97 5.27 -2.66
N ILE A 80 5.44 6.20 -1.86
CA ILE A 80 5.21 7.59 -2.27
C ILE A 80 6.30 8.43 -1.65
N TYR A 81 6.68 9.40 -2.46
CA TYR A 81 7.94 10.06 -2.40
C TYR A 81 7.67 11.54 -2.57
N THR A 82 8.05 12.32 -1.57
CA THR A 82 7.85 13.76 -1.55
C THR A 82 8.67 14.45 -2.66
N ARG A 83 8.38 15.71 -2.96
CA ARG A 83 8.89 16.44 -4.14
C ARG A 83 10.41 16.70 -4.16
N GLU A 84 11.14 16.36 -3.09
CA GLU A 84 12.60 16.42 -2.99
C GLU A 84 13.30 15.07 -2.75
N GLY A 85 12.54 13.97 -2.52
CA GLY A 85 13.06 12.59 -2.60
C GLY A 85 13.15 11.83 -1.28
N ARG A 86 12.01 11.67 -0.58
CA ARG A 86 11.89 10.99 0.73
C ARG A 86 10.53 10.32 0.86
N GLN A 87 10.44 9.18 1.56
CA GLN A 87 9.14 8.55 1.82
C GLN A 87 8.18 9.52 2.54
N SER A 88 6.97 9.70 1.98
CA SER A 88 5.98 10.69 2.40
C SER A 88 5.12 10.26 3.62
N GLY A 89 5.49 9.14 4.27
CA GLY A 89 4.57 8.34 5.09
C GLY A 89 3.30 7.95 4.33
N GLU A 90 3.44 7.65 3.04
CA GLU A 90 2.39 7.14 2.17
C GLU A 90 2.96 6.10 1.19
N ALA A 91 2.15 5.11 0.87
CA ALA A 91 2.52 3.96 0.03
C ALA A 91 1.25 3.27 -0.52
N PHE A 92 1.40 2.34 -1.47
CA PHE A 92 0.30 1.62 -2.12
C PHE A 92 0.77 0.19 -2.43
N VAL A 93 -0.05 -0.83 -2.20
CA VAL A 93 0.35 -2.25 -2.17
C VAL A 93 -0.72 -3.12 -2.83
N GLU A 94 -0.49 -3.52 -4.08
CA GLU A 94 -1.18 -4.60 -4.76
C GLU A 94 -1.01 -5.95 -4.03
N LEU A 95 -1.99 -6.28 -3.18
CA LEU A 95 -2.05 -7.56 -2.44
C LEU A 95 -2.24 -8.76 -3.38
N GLY A 96 -2.22 -9.98 -2.84
CA GLY A 96 -2.31 -11.21 -3.61
C GLY A 96 -3.71 -11.82 -3.75
N SER A 97 -4.71 -11.19 -3.13
CA SER A 97 -6.16 -11.32 -3.41
C SER A 97 -6.94 -10.16 -2.77
N GLU A 98 -8.26 -10.08 -2.95
CA GLU A 98 -9.10 -9.10 -2.24
C GLU A 98 -9.57 -9.60 -0.87
N ASP A 99 -9.38 -10.87 -0.54
CA ASP A 99 -9.37 -11.33 0.85
C ASP A 99 -8.04 -10.93 1.55
N ASP A 100 -6.92 -10.85 0.83
CA ASP A 100 -5.73 -10.10 1.27
C ASP A 100 -6.05 -8.63 1.47
N VAL A 101 -6.72 -7.93 0.52
CA VAL A 101 -7.06 -6.53 0.77
C VAL A 101 -7.85 -6.33 2.07
N LYS A 102 -8.89 -7.13 2.28
CA LYS A 102 -9.68 -7.25 3.52
C LYS A 102 -8.83 -7.53 4.78
N MET A 103 -7.87 -8.45 4.72
CA MET A 103 -6.92 -8.73 5.82
C MET A 103 -5.96 -7.57 6.13
N ALA A 104 -5.81 -6.67 5.17
CA ALA A 104 -5.18 -5.36 5.32
C ALA A 104 -6.15 -4.24 5.77
N LEU A 105 -7.42 -4.25 5.38
CA LEU A 105 -8.44 -3.32 5.89
C LEU A 105 -8.77 -3.54 7.38
N LYS A 106 -8.70 -4.77 7.90
CA LYS A 106 -8.82 -5.00 9.36
C LYS A 106 -7.73 -4.32 10.20
N LYS A 107 -6.59 -3.99 9.58
CA LYS A 107 -5.44 -3.26 10.13
C LYS A 107 -5.53 -1.74 9.98
N ASP A 108 -6.59 -1.20 9.36
CA ASP A 108 -6.63 0.16 8.81
C ASP A 108 -6.46 1.39 9.74
N ARG A 109 -5.96 1.22 10.97
CA ARG A 109 -5.67 2.25 11.98
C ARG A 109 -4.59 1.83 12.99
N GLU A 110 -3.88 0.71 12.75
CA GLU A 110 -2.83 0.22 13.65
C GLU A 110 -1.43 0.70 13.21
N SER A 111 -0.33 0.03 13.55
CA SER A 111 1.02 0.60 13.59
C SER A 111 2.15 -0.27 13.01
N MET A 112 3.17 0.39 12.44
CA MET A 112 4.48 -0.19 12.14
C MET A 112 5.56 0.91 12.18
N GLY A 113 6.67 0.65 12.87
CA GLY A 113 7.59 1.69 13.37
C GLY A 113 7.04 2.41 14.60
N HIS A 114 7.59 3.59 14.93
CA HIS A 114 7.12 4.53 15.97
C HIS A 114 5.79 5.25 15.58
N ARG A 115 4.96 4.59 14.76
CA ARG A 115 4.18 5.20 13.66
C ARG A 115 2.91 4.43 13.35
N TYR A 116 1.99 5.06 12.63
CA TYR A 116 0.65 4.53 12.32
C TYR A 116 0.42 4.31 10.83
N ILE A 117 -0.50 3.40 10.53
CA ILE A 117 -0.77 2.90 9.19
C ILE A 117 -2.30 2.81 8.99
N GLU A 118 -2.90 3.90 8.52
CA GLU A 118 -4.23 3.82 7.91
C GLU A 118 -4.13 2.96 6.63
N VAL A 119 -5.06 2.02 6.42
CA VAL A 119 -5.10 1.18 5.18
C VAL A 119 -6.41 1.42 4.43
N PHE A 120 -6.30 1.96 3.24
CA PHE A 120 -7.42 2.11 2.32
C PHE A 120 -7.36 1.05 1.24
N LYS A 121 -8.52 0.70 0.73
CA LYS A 121 -8.72 -0.09 -0.49
C LYS A 121 -8.55 0.88 -1.67
N SER A 122 -7.80 0.45 -2.67
CA SER A 122 -7.29 1.27 -3.77
C SER A 122 -7.45 0.51 -5.08
N HIS A 123 -7.37 1.22 -6.21
CA HIS A 123 -7.38 0.63 -7.54
C HIS A 123 -6.28 1.27 -8.40
N ARG A 124 -6.03 0.75 -9.62
CA ARG A 124 -4.96 1.26 -10.50
C ARG A 124 -5.11 2.75 -10.79
N THR A 125 -6.29 3.24 -11.15
CA THR A 125 -6.70 4.60 -10.74
C THR A 125 -7.34 4.44 -9.36
N GLU A 126 -7.04 5.19 -8.33
CA GLU A 126 -6.27 6.43 -8.17
C GLU A 126 -4.78 6.25 -7.82
N MET A 127 -4.27 5.02 -7.68
CA MET A 127 -2.86 4.78 -7.36
C MET A 127 -1.88 5.39 -8.39
N ASP A 128 -2.23 5.31 -9.68
CA ASP A 128 -1.35 5.69 -10.80
C ASP A 128 -1.03 7.19 -10.79
N TRP A 129 -2.01 8.02 -10.40
CA TRP A 129 -1.87 9.44 -10.13
C TRP A 129 -0.82 9.67 -9.05
N VAL A 130 -1.00 9.06 -7.88
CA VAL A 130 -0.35 9.53 -6.66
C VAL A 130 1.14 9.16 -6.57
N LEU A 131 1.59 8.12 -7.28
CA LEU A 131 3.02 7.80 -7.47
C LEU A 131 3.70 8.74 -8.48
N LYS A 132 3.00 9.13 -9.55
CA LYS A 132 3.54 9.94 -10.66
C LYS A 132 3.74 11.39 -10.25
N HIS A 133 2.72 11.96 -9.61
CA HIS A 133 2.74 13.14 -8.73
C HIS A 133 3.87 14.17 -9.06
N SER A 134 3.89 14.79 -10.25
CA SER A 134 2.93 14.64 -11.36
C SER A 134 3.65 14.37 -12.70
N GLY A 135 3.01 13.61 -13.59
CA GLY A 135 3.55 13.17 -14.89
C GLY A 135 2.59 12.28 -15.70
N PRO A 136 2.95 11.90 -16.95
CA PRO A 136 2.11 11.11 -17.85
C PRO A 136 1.95 9.64 -17.41
#